data_2FBI
# 
_entry.id   2FBI 
# 
_audit_conform.dict_name       mmcif_pdbx.dic 
_audit_conform.dict_version    5.387 
_audit_conform.dict_location   http://mmcif.pdb.org/dictionaries/ascii/mmcif_pdbx.dic 
# 
loop_
_database_2.database_id 
_database_2.database_code 
_database_2.pdbx_database_accession 
_database_2.pdbx_DOI 
PDB   2FBI         pdb_00002fbi 10.2210/pdb2fbi/pdb 
RCSB  RCSB035682   ?            ?                   
WWPDB D_1000035682 ?            ?                   
# 
loop_
_pdbx_audit_revision_history.ordinal 
_pdbx_audit_revision_history.data_content_type 
_pdbx_audit_revision_history.major_revision 
_pdbx_audit_revision_history.minor_revision 
_pdbx_audit_revision_history.revision_date 
1 'Structure model' 1 0 2005-12-20 
2 'Structure model' 1 1 2008-05-01 
3 'Structure model' 1 2 2011-07-13 
4 'Structure model' 1 3 2017-10-18 
5 'Structure model' 1 4 2024-02-14 
# 
_pdbx_audit_revision_details.ordinal             1 
_pdbx_audit_revision_details.revision_ordinal    1 
_pdbx_audit_revision_details.data_content_type   'Structure model' 
_pdbx_audit_revision_details.provider            repository 
_pdbx_audit_revision_details.type                'Initial release' 
_pdbx_audit_revision_details.description         ? 
_pdbx_audit_revision_details.details             ? 
# 
loop_
_pdbx_audit_revision_group.ordinal 
_pdbx_audit_revision_group.revision_ordinal 
_pdbx_audit_revision_group.data_content_type 
_pdbx_audit_revision_group.group 
1 2 'Structure model' 'Version format compliance' 
2 3 'Structure model' 'Derived calculations'      
3 3 'Structure model' 'Version format compliance' 
4 4 'Structure model' 'Refinement description'    
5 5 'Structure model' 'Data collection'           
6 5 'Structure model' 'Database references'       
# 
loop_
_pdbx_audit_revision_category.ordinal 
_pdbx_audit_revision_category.revision_ordinal 
_pdbx_audit_revision_category.data_content_type 
_pdbx_audit_revision_category.category 
1 4 'Structure model' software           
2 5 'Structure model' chem_comp_atom     
3 5 'Structure model' chem_comp_bond     
4 5 'Structure model' database_2         
5 5 'Structure model' struct_ref_seq_dif 
# 
loop_
_pdbx_audit_revision_item.ordinal 
_pdbx_audit_revision_item.revision_ordinal 
_pdbx_audit_revision_item.data_content_type 
_pdbx_audit_revision_item.item 
1 4 'Structure model' '_software.name'                      
2 5 'Structure model' '_database_2.pdbx_DOI'                
3 5 'Structure model' '_database_2.pdbx_database_accession' 
4 5 'Structure model' '_struct_ref_seq_dif.details'         
# 
_pdbx_database_status.status_code                     REL 
_pdbx_database_status.entry_id                        2FBI 
_pdbx_database_status.recvd_initial_deposition_date   2005-12-09 
_pdbx_database_status.deposit_site                    RCSB 
_pdbx_database_status.process_site                    RCSB 
_pdbx_database_status.status_code_sf                  REL 
_pdbx_database_status.status_code_mr                  ? 
_pdbx_database_status.SG_entry                        Y 
_pdbx_database_status.pdb_format_compatible           Y 
_pdbx_database_status.status_code_cs                  ? 
_pdbx_database_status.methods_development_category    ? 
_pdbx_database_status.status_code_nmr_data            ? 
# 
_pdbx_database_related.db_name        TargetDB 
_pdbx_database_related.db_id          APC5816 
_pdbx_database_related.details        . 
_pdbx_database_related.content_type   unspecified 
# 
loop_
_audit_author.name 
_audit_author.pdbx_ordinal 
'Lunin, V.V.'                                   1 
'Evdokimova, E.'                                2 
'Kudritska, M.'                                 3 
'Cuff, M.E.'                                    4 
'Joachimiak, A.'                                5 
'Edwards, A.M.'                                 6 
'Savchenko, A.'                                 7 
'Midwest Center for Structural Genomics (MCSG)' 8 
# 
_citation.id                        primary 
_citation.title                     'The crystal structure of transcriptional regulator PA4135' 
_citation.journal_abbrev            'To be Published' 
_citation.journal_volume            ? 
_citation.page_first                ? 
_citation.page_last                 ? 
_citation.year                      ? 
_citation.journal_id_ASTM           ? 
_citation.country                   ? 
_citation.journal_id_ISSN           ? 
_citation.journal_id_CSD            0353 
_citation.book_publisher            ? 
_citation.pdbx_database_id_PubMed   ? 
_citation.pdbx_database_id_DOI      ? 
# 
loop_
_citation_author.citation_id 
_citation_author.name 
_citation_author.ordinal 
_citation_author.identifier_ORCID 
primary 'Lunin, V.V.'    1 ? 
primary 'Evdokimova, E.' 2 ? 
primary 'Kudritska, M.'  3 ? 
primary 'Cuff, M.E.'     4 ? 
primary 'Joachimiak, A.' 5 ? 
primary 'Edwards, A.M.'  6 ? 
primary 'Savchenko, A.'  7 ? 
# 
loop_
_entity.id 
_entity.type 
_entity.src_method 
_entity.pdbx_description 
_entity.formula_weight 
_entity.pdbx_number_of_molecules 
_entity.pdbx_ec 
_entity.pdbx_mutation 
_entity.pdbx_fragment 
_entity.details 
1 polymer man 'probable transcriptional regulator' 16610.246 1  ? ? ? ? 
2 water   nat water                                18.015    94 ? ? ? ? 
# 
_entity_poly.entity_id                      1 
_entity_poly.type                           'polypeptide(L)' 
_entity_poly.nstd_linkage                   no 
_entity_poly.nstd_monomer                   no 
_entity_poly.pdbx_seq_one_letter_code       
;GHMSTPRPSLTLTLLQAREAAMSFFRPSLNQHGLTEQQWRVIRILRQQGEMESYQLANQACILRPSMTGVLARLERDGIV
RRWKAPKDQRRVYVNLTEKGQQCFVSMSGDMEKNYQRIQERFGEEKLAQLLELLNELKKIKP
;
_entity_poly.pdbx_seq_one_letter_code_can   
;GHMSTPRPSLTLTLLQAREAAMSFFRPSLNQHGLTEQQWRVIRILRQQGEMESYQLANQACILRPSMTGVLARLERDGIV
RRWKAPKDQRRVYVNLTEKGQQCFVSMSGDMEKNYQRIQERFGEEKLAQLLELLNELKKIKP
;
_entity_poly.pdbx_strand_id                 A 
_entity_poly.pdbx_target_identifier         APC5816 
# 
_pdbx_entity_nonpoly.entity_id   2 
_pdbx_entity_nonpoly.name        water 
_pdbx_entity_nonpoly.comp_id     HOH 
# 
loop_
_entity_poly_seq.entity_id 
_entity_poly_seq.num 
_entity_poly_seq.mon_id 
_entity_poly_seq.hetero 
1 1   GLY n 
1 2   HIS n 
1 3   MET n 
1 4   SER n 
1 5   THR n 
1 6   PRO n 
1 7   ARG n 
1 8   PRO n 
1 9   SER n 
1 10  LEU n 
1 11  THR n 
1 12  LEU n 
1 13  THR n 
1 14  LEU n 
1 15  LEU n 
1 16  GLN n 
1 17  ALA n 
1 18  ARG n 
1 19  GLU n 
1 20  ALA n 
1 21  ALA n 
1 22  MET n 
1 23  SER n 
1 24  PHE n 
1 25  PHE n 
1 26  ARG n 
1 27  PRO n 
1 28  SER n 
1 29  LEU n 
1 30  ASN n 
1 31  GLN n 
1 32  HIS n 
1 33  GLY n 
1 34  LEU n 
1 35  THR n 
1 36  GLU n 
1 37  GLN n 
1 38  GLN n 
1 39  TRP n 
1 40  ARG n 
1 41  VAL n 
1 42  ILE n 
1 43  ARG n 
1 44  ILE n 
1 45  LEU n 
1 46  ARG n 
1 47  GLN n 
1 48  GLN n 
1 49  GLY n 
1 50  GLU n 
1 51  MET n 
1 52  GLU n 
1 53  SER n 
1 54  TYR n 
1 55  GLN n 
1 56  LEU n 
1 57  ALA n 
1 58  ASN n 
1 59  GLN n 
1 60  ALA n 
1 61  CYS n 
1 62  ILE n 
1 63  LEU n 
1 64  ARG n 
1 65  PRO n 
1 66  SER n 
1 67  MET n 
1 68  THR n 
1 69  GLY n 
1 70  VAL n 
1 71  LEU n 
1 72  ALA n 
1 73  ARG n 
1 74  LEU n 
1 75  GLU n 
1 76  ARG n 
1 77  ASP n 
1 78  GLY n 
1 79  ILE n 
1 80  VAL n 
1 81  ARG n 
1 82  ARG n 
1 83  TRP n 
1 84  LYS n 
1 85  ALA n 
1 86  PRO n 
1 87  LYS n 
1 88  ASP n 
1 89  GLN n 
1 90  ARG n 
1 91  ARG n 
1 92  VAL n 
1 93  TYR n 
1 94  VAL n 
1 95  ASN n 
1 96  LEU n 
1 97  THR n 
1 98  GLU n 
1 99  LYS n 
1 100 GLY n 
1 101 GLN n 
1 102 GLN n 
1 103 CYS n 
1 104 PHE n 
1 105 VAL n 
1 106 SER n 
1 107 MET n 
1 108 SER n 
1 109 GLY n 
1 110 ASP n 
1 111 MET n 
1 112 GLU n 
1 113 LYS n 
1 114 ASN n 
1 115 TYR n 
1 116 GLN n 
1 117 ARG n 
1 118 ILE n 
1 119 GLN n 
1 120 GLU n 
1 121 ARG n 
1 122 PHE n 
1 123 GLY n 
1 124 GLU n 
1 125 GLU n 
1 126 LYS n 
1 127 LEU n 
1 128 ALA n 
1 129 GLN n 
1 130 LEU n 
1 131 LEU n 
1 132 GLU n 
1 133 LEU n 
1 134 LEU n 
1 135 ASN n 
1 136 GLU n 
1 137 LEU n 
1 138 LYS n 
1 139 LYS n 
1 140 ILE n 
1 141 LYS n 
1 142 PRO n 
# 
_entity_src_gen.entity_id                          1 
_entity_src_gen.pdbx_src_id                        1 
_entity_src_gen.pdbx_alt_source_flag               sample 
_entity_src_gen.pdbx_seq_type                      ? 
_entity_src_gen.pdbx_beg_seq_num                   ? 
_entity_src_gen.pdbx_end_seq_num                   ? 
_entity_src_gen.gene_src_common_name               ? 
_entity_src_gen.gene_src_genus                     Pseudomonas 
_entity_src_gen.pdbx_gene_src_gene                 ? 
_entity_src_gen.gene_src_species                   ? 
_entity_src_gen.gene_src_strain                    ? 
_entity_src_gen.gene_src_tissue                    ? 
_entity_src_gen.gene_src_tissue_fraction           ? 
_entity_src_gen.gene_src_details                   ? 
_entity_src_gen.pdbx_gene_src_fragment             ? 
_entity_src_gen.pdbx_gene_src_scientific_name      'Pseudomonas aeruginosa' 
_entity_src_gen.pdbx_gene_src_ncbi_taxonomy_id     287 
_entity_src_gen.pdbx_gene_src_variant              ? 
_entity_src_gen.pdbx_gene_src_cell_line            ? 
_entity_src_gen.pdbx_gene_src_atcc                 ? 
_entity_src_gen.pdbx_gene_src_organ                ? 
_entity_src_gen.pdbx_gene_src_organelle            ? 
_entity_src_gen.pdbx_gene_src_cell                 ? 
_entity_src_gen.pdbx_gene_src_cellular_location    ? 
_entity_src_gen.host_org_common_name               ? 
_entity_src_gen.pdbx_host_org_scientific_name      'Escherichia coli BL21' 
_entity_src_gen.pdbx_host_org_ncbi_taxonomy_id     511693 
_entity_src_gen.host_org_genus                     Escherichia 
_entity_src_gen.pdbx_host_org_gene                 ? 
_entity_src_gen.pdbx_host_org_organ                ? 
_entity_src_gen.host_org_species                   'Escherichia coli' 
_entity_src_gen.pdbx_host_org_tissue               ? 
_entity_src_gen.pdbx_host_org_tissue_fraction      ? 
_entity_src_gen.pdbx_host_org_strain               BL21 
_entity_src_gen.pdbx_host_org_variant              ? 
_entity_src_gen.pdbx_host_org_cell_line            ? 
_entity_src_gen.pdbx_host_org_atcc                 ? 
_entity_src_gen.pdbx_host_org_culture_collection   ? 
_entity_src_gen.pdbx_host_org_cell                 ? 
_entity_src_gen.pdbx_host_org_organelle            ? 
_entity_src_gen.pdbx_host_org_cellular_location    ? 
_entity_src_gen.pdbx_host_org_vector_type          PLASMID 
_entity_src_gen.pdbx_host_org_vector               ? 
_entity_src_gen.host_org_details                   ? 
_entity_src_gen.expression_system_id               ? 
_entity_src_gen.plasmid_name                       'modified pET15b' 
_entity_src_gen.plasmid_details                    ? 
_entity_src_gen.pdbx_description                   ? 
# 
loop_
_chem_comp.id 
_chem_comp.type 
_chem_comp.mon_nstd_flag 
_chem_comp.name 
_chem_comp.pdbx_synonyms 
_chem_comp.formula 
_chem_comp.formula_weight 
ALA 'L-peptide linking' y ALANINE         ? 'C3 H7 N O2'     89.093  
ARG 'L-peptide linking' y ARGININE        ? 'C6 H15 N4 O2 1' 175.209 
ASN 'L-peptide linking' y ASPARAGINE      ? 'C4 H8 N2 O3'    132.118 
ASP 'L-peptide linking' y 'ASPARTIC ACID' ? 'C4 H7 N O4'     133.103 
CYS 'L-peptide linking' y CYSTEINE        ? 'C3 H7 N O2 S'   121.158 
GLN 'L-peptide linking' y GLUTAMINE       ? 'C5 H10 N2 O3'   146.144 
GLU 'L-peptide linking' y 'GLUTAMIC ACID' ? 'C5 H9 N O4'     147.129 
GLY 'peptide linking'   y GLYCINE         ? 'C2 H5 N O2'     75.067  
HIS 'L-peptide linking' y HISTIDINE       ? 'C6 H10 N3 O2 1' 156.162 
HOH non-polymer         . WATER           ? 'H2 O'           18.015  
ILE 'L-peptide linking' y ISOLEUCINE      ? 'C6 H13 N O2'    131.173 
LEU 'L-peptide linking' y LEUCINE         ? 'C6 H13 N O2'    131.173 
LYS 'L-peptide linking' y LYSINE          ? 'C6 H15 N2 O2 1' 147.195 
MET 'L-peptide linking' y METHIONINE      ? 'C5 H11 N O2 S'  149.211 
PHE 'L-peptide linking' y PHENYLALANINE   ? 'C9 H11 N O2'    165.189 
PRO 'L-peptide linking' y PROLINE         ? 'C5 H9 N O2'     115.130 
SER 'L-peptide linking' y SERINE          ? 'C3 H7 N O3'     105.093 
THR 'L-peptide linking' y THREONINE       ? 'C4 H9 N O3'     119.119 
TRP 'L-peptide linking' y TRYPTOPHAN      ? 'C11 H12 N2 O2'  204.225 
TYR 'L-peptide linking' y TYROSINE        ? 'C9 H11 N O3'    181.189 
VAL 'L-peptide linking' y VALINE          ? 'C5 H11 N O2'    117.146 
# 
loop_
_pdbx_poly_seq_scheme.asym_id 
_pdbx_poly_seq_scheme.entity_id 
_pdbx_poly_seq_scheme.seq_id 
_pdbx_poly_seq_scheme.mon_id 
_pdbx_poly_seq_scheme.ndb_seq_num 
_pdbx_poly_seq_scheme.pdb_seq_num 
_pdbx_poly_seq_scheme.auth_seq_num 
_pdbx_poly_seq_scheme.pdb_mon_id 
_pdbx_poly_seq_scheme.auth_mon_id 
_pdbx_poly_seq_scheme.pdb_strand_id 
_pdbx_poly_seq_scheme.pdb_ins_code 
_pdbx_poly_seq_scheme.hetero 
A 1 1   GLY 1   -1  ?   ?   ?   A . n 
A 1 2   HIS 2   0   ?   ?   ?   A . n 
A 1 3   MET 3   1   ?   ?   ?   A . n 
A 1 4   SER 4   2   ?   ?   ?   A . n 
A 1 5   THR 5   3   ?   ?   ?   A . n 
A 1 6   PRO 6   4   ?   ?   ?   A . n 
A 1 7   ARG 7   5   5   ARG ARG A . n 
A 1 8   PRO 8   6   6   PRO PRO A . n 
A 1 9   SER 9   7   7   SER SER A . n 
A 1 10  LEU 10  8   8   LEU LEU A . n 
A 1 11  THR 11  9   9   THR THR A . n 
A 1 12  LEU 12  10  10  LEU LEU A . n 
A 1 13  THR 13  11  11  THR THR A . n 
A 1 14  LEU 14  12  12  LEU LEU A . n 
A 1 15  LEU 15  13  13  LEU LEU A . n 
A 1 16  GLN 16  14  14  GLN GLN A . n 
A 1 17  ALA 17  15  15  ALA ALA A . n 
A 1 18  ARG 18  16  16  ARG ARG A . n 
A 1 19  GLU 19  17  17  GLU GLU A . n 
A 1 20  ALA 20  18  18  ALA ALA A . n 
A 1 21  ALA 21  19  19  ALA ALA A . n 
A 1 22  MET 22  20  20  MET MET A . n 
A 1 23  SER 23  21  21  SER SER A . n 
A 1 24  PHE 24  22  22  PHE PHE A . n 
A 1 25  PHE 25  23  23  PHE PHE A . n 
A 1 26  ARG 26  24  24  ARG ARG A . n 
A 1 27  PRO 27  25  25  PRO PRO A . n 
A 1 28  SER 28  26  26  SER SER A . n 
A 1 29  LEU 29  27  27  LEU LEU A . n 
A 1 30  ASN 30  28  28  ASN ASN A . n 
A 1 31  GLN 31  29  29  GLN GLN A . n 
A 1 32  HIS 32  30  30  HIS HIS A . n 
A 1 33  GLY 33  31  31  GLY GLY A . n 
A 1 34  LEU 34  32  32  LEU LEU A . n 
A 1 35  THR 35  33  33  THR THR A . n 
A 1 36  GLU 36  34  34  GLU GLU A . n 
A 1 37  GLN 37  35  35  GLN GLN A . n 
A 1 38  GLN 38  36  36  GLN GLN A . n 
A 1 39  TRP 39  37  37  TRP TRP A . n 
A 1 40  ARG 40  38  38  ARG ARG A . n 
A 1 41  VAL 41  39  39  VAL VAL A . n 
A 1 42  ILE 42  40  40  ILE ILE A . n 
A 1 43  ARG 43  41  41  ARG ARG A . n 
A 1 44  ILE 44  42  42  ILE ILE A . n 
A 1 45  LEU 45  43  43  LEU LEU A . n 
A 1 46  ARG 46  44  44  ARG ARG A . n 
A 1 47  GLN 47  45  45  GLN GLN A . n 
A 1 48  GLN 48  46  46  GLN GLN A . n 
A 1 49  GLY 49  47  47  GLY GLY A . n 
A 1 50  GLU 50  48  48  GLU GLU A . n 
A 1 51  MET 51  49  49  MET MET A . n 
A 1 52  GLU 52  50  50  GLU GLU A . n 
A 1 53  SER 53  51  51  SER SER A . n 
A 1 54  TYR 54  52  52  TYR TYR A . n 
A 1 55  GLN 55  53  53  GLN GLN A . n 
A 1 56  LEU 56  54  54  LEU LEU A . n 
A 1 57  ALA 57  55  55  ALA ALA A . n 
A 1 58  ASN 58  56  56  ASN ASN A . n 
A 1 59  GLN 59  57  57  GLN GLN A . n 
A 1 60  ALA 60  58  58  ALA ALA A . n 
A 1 61  CYS 61  59  59  CYS CYS A . n 
A 1 62  ILE 62  60  60  ILE ILE A . n 
A 1 63  LEU 63  61  61  LEU LEU A . n 
A 1 64  ARG 64  62  62  ARG ARG A . n 
A 1 65  PRO 65  63  63  PRO PRO A . n 
A 1 66  SER 66  64  64  SER SER A . n 
A 1 67  MET 67  65  65  MET MET A . n 
A 1 68  THR 68  66  66  THR THR A . n 
A 1 69  GLY 69  67  67  GLY GLY A . n 
A 1 70  VAL 70  68  68  VAL VAL A . n 
A 1 71  LEU 71  69  69  LEU LEU A . n 
A 1 72  ALA 72  70  70  ALA ALA A . n 
A 1 73  ARG 73  71  71  ARG ARG A . n 
A 1 74  LEU 74  72  72  LEU LEU A . n 
A 1 75  GLU 75  73  73  GLU GLU A . n 
A 1 76  ARG 76  74  74  ARG ARG A . n 
A 1 77  ASP 77  75  75  ASP ASP A . n 
A 1 78  GLY 78  76  76  GLY GLY A . n 
A 1 79  ILE 79  77  77  ILE ILE A . n 
A 1 80  VAL 80  78  78  VAL VAL A . n 
A 1 81  ARG 81  79  79  ARG ARG A . n 
A 1 82  ARG 82  80  80  ARG ARG A . n 
A 1 83  TRP 83  81  81  TRP TRP A . n 
A 1 84  LYS 84  82  82  LYS LYS A . n 
A 1 85  ALA 85  83  83  ALA ALA A . n 
A 1 86  PRO 86  84  84  PRO PRO A . n 
A 1 87  LYS 87  85  85  LYS LYS A . n 
A 1 88  ASP 88  86  86  ASP ASP A . n 
A 1 89  GLN 89  87  87  GLN GLN A . n 
A 1 90  ARG 90  88  88  ARG ARG A . n 
A 1 91  ARG 91  89  89  ARG ARG A . n 
A 1 92  VAL 92  90  90  VAL VAL A . n 
A 1 93  TYR 93  91  91  TYR TYR A . n 
A 1 94  VAL 94  92  92  VAL VAL A . n 
A 1 95  ASN 95  93  93  ASN ASN A . n 
A 1 96  LEU 96  94  94  LEU LEU A . n 
A 1 97  THR 97  95  95  THR THR A . n 
A 1 98  GLU 98  96  96  GLU GLU A . n 
A 1 99  LYS 99  97  97  LYS LYS A . n 
A 1 100 GLY 100 98  98  GLY GLY A . n 
A 1 101 GLN 101 99  99  GLN GLN A . n 
A 1 102 GLN 102 100 100 GLN GLN A . n 
A 1 103 CYS 103 101 101 CYS CYS A . n 
A 1 104 PHE 104 102 102 PHE PHE A . n 
A 1 105 VAL 105 103 103 VAL VAL A . n 
A 1 106 SER 106 104 104 SER SER A . n 
A 1 107 MET 107 105 105 MET MET A . n 
A 1 108 SER 108 106 106 SER SER A . n 
A 1 109 GLY 109 107 107 GLY GLY A . n 
A 1 110 ASP 110 108 108 ASP ASP A . n 
A 1 111 MET 111 109 109 MET MET A . n 
A 1 112 GLU 112 110 110 GLU GLU A . n 
A 1 113 LYS 113 111 111 LYS LYS A . n 
A 1 114 ASN 114 112 112 ASN ASN A . n 
A 1 115 TYR 115 113 113 TYR TYR A . n 
A 1 116 GLN 116 114 114 GLN GLN A . n 
A 1 117 ARG 117 115 115 ARG ARG A . n 
A 1 118 ILE 118 116 116 ILE ILE A . n 
A 1 119 GLN 119 117 117 GLN GLN A . n 
A 1 120 GLU 120 118 118 GLU GLU A . n 
A 1 121 ARG 121 119 119 ARG ARG A . n 
A 1 122 PHE 122 120 120 PHE PHE A . n 
A 1 123 GLY 123 121 121 GLY GLY A . n 
A 1 124 GLU 124 122 122 GLU GLU A . n 
A 1 125 GLU 125 123 123 GLU GLU A . n 
A 1 126 LYS 126 124 124 LYS LYS A . n 
A 1 127 LEU 127 125 125 LEU LEU A . n 
A 1 128 ALA 128 126 126 ALA ALA A . n 
A 1 129 GLN 129 127 127 GLN GLN A . n 
A 1 130 LEU 130 128 128 LEU LEU A . n 
A 1 131 LEU 131 129 129 LEU LEU A . n 
A 1 132 GLU 132 130 130 GLU GLU A . n 
A 1 133 LEU 133 131 131 LEU LEU A . n 
A 1 134 LEU 134 132 132 LEU LEU A . n 
A 1 135 ASN 135 133 133 ASN ASN A . n 
A 1 136 GLU 136 134 134 GLU GLU A . n 
A 1 137 LEU 137 135 135 LEU LEU A . n 
A 1 138 LYS 138 136 136 LYS LYS A . n 
A 1 139 LYS 139 137 137 LYS LYS A . n 
A 1 140 ILE 140 138 138 ILE ILE A . n 
A 1 141 LYS 141 139 139 LYS LYS A . n 
A 1 142 PRO 142 140 140 PRO PRO A . n 
# 
loop_
_pdbx_nonpoly_scheme.asym_id 
_pdbx_nonpoly_scheme.entity_id 
_pdbx_nonpoly_scheme.mon_id 
_pdbx_nonpoly_scheme.ndb_seq_num 
_pdbx_nonpoly_scheme.pdb_seq_num 
_pdbx_nonpoly_scheme.auth_seq_num 
_pdbx_nonpoly_scheme.pdb_mon_id 
_pdbx_nonpoly_scheme.auth_mon_id 
_pdbx_nonpoly_scheme.pdb_strand_id 
_pdbx_nonpoly_scheme.pdb_ins_code 
B 2 HOH 1  142 142 HOH HOH A . 
B 2 HOH 2  143 143 HOH HOH A . 
B 2 HOH 3  144 144 HOH HOH A . 
B 2 HOH 4  145 145 HOH HOH A . 
B 2 HOH 5  146 146 HOH HOH A . 
B 2 HOH 6  147 147 HOH HOH A . 
B 2 HOH 7  148 149 HOH HOH A . 
B 2 HOH 8  149 150 HOH HOH A . 
B 2 HOH 9  150 151 HOH HOH A . 
B 2 HOH 10 151 152 HOH HOH A . 
B 2 HOH 11 152 153 HOH HOH A . 
B 2 HOH 12 153 154 HOH HOH A . 
B 2 HOH 13 154 155 HOH HOH A . 
B 2 HOH 14 155 156 HOH HOH A . 
B 2 HOH 15 156 158 HOH HOH A . 
B 2 HOH 16 157 159 HOH HOH A . 
B 2 HOH 17 158 160 HOH HOH A . 
B 2 HOH 18 159 161 HOH HOH A . 
B 2 HOH 19 160 164 HOH HOH A . 
B 2 HOH 20 161 165 HOH HOH A . 
B 2 HOH 21 162 167 HOH HOH A . 
B 2 HOH 22 163 169 HOH HOH A . 
B 2 HOH 23 164 170 HOH HOH A . 
B 2 HOH 24 165 171 HOH HOH A . 
B 2 HOH 25 166 172 HOH HOH A . 
B 2 HOH 26 167 173 HOH HOH A . 
B 2 HOH 27 168 174 HOH HOH A . 
B 2 HOH 28 169 175 HOH HOH A . 
B 2 HOH 29 170 176 HOH HOH A . 
B 2 HOH 30 171 177 HOH HOH A . 
B 2 HOH 31 172 178 HOH HOH A . 
B 2 HOH 32 173 179 HOH HOH A . 
B 2 HOH 33 174 181 HOH HOH A . 
B 2 HOH 34 175 182 HOH HOH A . 
B 2 HOH 35 176 184 HOH HOH A . 
B 2 HOH 36 177 61  HOH HOH A . 
B 2 HOH 37 178 62  HOH HOH A . 
B 2 HOH 38 179 63  HOH HOH A . 
B 2 HOH 39 180 64  HOH HOH A . 
B 2 HOH 40 181 65  HOH HOH A . 
B 2 HOH 41 182 66  HOH HOH A . 
B 2 HOH 42 183 67  HOH HOH A . 
B 2 HOH 43 184 68  HOH HOH A . 
B 2 HOH 44 185 69  HOH HOH A . 
B 2 HOH 45 186 60  HOH HOH A . 
B 2 HOH 46 187 3   HOH HOH A . 
B 2 HOH 47 188 4   HOH HOH A . 
B 2 HOH 48 189 5   HOH HOH A . 
B 2 HOH 49 190 6   HOH HOH A . 
B 2 HOH 50 191 7   HOH HOH A . 
B 2 HOH 51 192 9   HOH HOH A . 
B 2 HOH 52 193 10  HOH HOH A . 
B 2 HOH 53 194 11  HOH HOH A . 
B 2 HOH 54 195 12  HOH HOH A . 
B 2 HOH 55 196 13  HOH HOH A . 
B 2 HOH 56 197 14  HOH HOH A . 
B 2 HOH 57 198 15  HOH HOH A . 
B 2 HOH 58 199 16  HOH HOH A . 
B 2 HOH 59 200 17  HOH HOH A . 
B 2 HOH 60 201 18  HOH HOH A . 
B 2 HOH 61 202 19  HOH HOH A . 
B 2 HOH 62 203 20  HOH HOH A . 
B 2 HOH 63 204 21  HOH HOH A . 
B 2 HOH 64 205 22  HOH HOH A . 
B 2 HOH 65 206 23  HOH HOH A . 
B 2 HOH 66 207 24  HOH HOH A . 
B 2 HOH 67 208 25  HOH HOH A . 
B 2 HOH 68 209 26  HOH HOH A . 
B 2 HOH 69 210 27  HOH HOH A . 
B 2 HOH 70 211 28  HOH HOH A . 
B 2 HOH 71 212 29  HOH HOH A . 
B 2 HOH 72 213 30  HOH HOH A . 
B 2 HOH 73 214 31  HOH HOH A . 
B 2 HOH 74 215 32  HOH HOH A . 
B 2 HOH 75 216 33  HOH HOH A . 
B 2 HOH 76 217 34  HOH HOH A . 
B 2 HOH 77 218 35  HOH HOH A . 
B 2 HOH 78 219 36  HOH HOH A . 
B 2 HOH 79 220 37  HOH HOH A . 
B 2 HOH 80 221 38  HOH HOH A . 
B 2 HOH 81 222 39  HOH HOH A . 
B 2 HOH 82 223 40  HOH HOH A . 
B 2 HOH 83 224 41  HOH HOH A . 
B 2 HOH 84 225 42  HOH HOH A . 
B 2 HOH 85 226 43  HOH HOH A . 
B 2 HOH 86 227 44  HOH HOH A . 
B 2 HOH 87 228 45  HOH HOH A . 
B 2 HOH 88 229 46  HOH HOH A . 
B 2 HOH 89 230 47  HOH HOH A . 
B 2 HOH 90 231 50  HOH HOH A . 
B 2 HOH 91 232 51  HOH HOH A . 
B 2 HOH 92 233 52  HOH HOH A . 
B 2 HOH 93 234 54  HOH HOH A . 
B 2 HOH 94 235 55  HOH HOH A . 
# 
loop_
_software.name 
_software.classification 
_software.version 
_software.citation_id 
_software.pdbx_ordinal 
REFMAC    refinement       5.2.0005 ? 1 
HKL-2000  'data reduction' .        ? 2 
SCALEPACK 'data scaling'   .        ? 3 
SnB       phasing          .        ? 4 
# 
_cell.entry_id           2FBI 
_cell.length_a           84.782 
_cell.length_b           84.782 
_cell.length_c           91.683 
_cell.angle_alpha        90.00 
_cell.angle_beta         90.00 
_cell.angle_gamma        120.00 
_cell.Z_PDB              12 
_cell.pdbx_unique_axis   ? 
_cell.length_a_esd       ? 
_cell.length_b_esd       ? 
_cell.length_c_esd       ? 
_cell.angle_alpha_esd    ? 
_cell.angle_beta_esd     ? 
_cell.angle_gamma_esd    ? 
# 
_symmetry.entry_id                         2FBI 
_symmetry.space_group_name_H-M             'P 65 2 2' 
_symmetry.pdbx_full_space_group_name_H-M   ? 
_symmetry.cell_setting                     ? 
_symmetry.Int_Tables_number                179 
_symmetry.space_group_name_Hall            ? 
# 
_exptl.entry_id          2FBI 
_exptl.method            'X-RAY DIFFRACTION' 
_exptl.crystals_number   1 
# 
_exptl_crystal.id                    1 
_exptl_crystal.density_meas          ? 
_exptl_crystal.density_Matthews      2.86 
_exptl_crystal.density_percent_sol   57.03 
_exptl_crystal.description           ? 
_exptl_crystal.F_000                 ? 
_exptl_crystal.preparation           ? 
# 
_exptl_crystal_grow.crystal_id      1 
_exptl_crystal_grow.method          'VAPOR DIFFUSION, HANGING DROP' 
_exptl_crystal_grow.temp            297 
_exptl_crystal_grow.temp_details    ? 
_exptl_crystal_grow.pH              5.2 
_exptl_crystal_grow.pdbx_details    
'0.2M Mg Acetate, 20% PEG3350, 0.1M Na Acetate, pH 5.2, VAPOR DIFFUSION, HANGING DROP, temperature 297K' 
_exptl_crystal_grow.pdbx_pH_range   . 
# 
_diffrn.id                     1 
_diffrn.ambient_temp           100 
_diffrn.ambient_temp_details   ? 
_diffrn.crystal_id             1 
# 
_diffrn_detector.diffrn_id              1 
_diffrn_detector.detector               CCD 
_diffrn_detector.type                   CUSTOM-MADE 
_diffrn_detector.pdbx_collection_date   2005-08-25 
_diffrn_detector.details                ? 
# 
_diffrn_radiation.diffrn_id                        1 
_diffrn_radiation.wavelength_id                    1 
_diffrn_radiation.pdbx_monochromatic_or_laue_m_l   M 
_diffrn_radiation.monochromator                    . 
_diffrn_radiation.pdbx_diffrn_protocol             'SINGLE WAVELENGTH' 
_diffrn_radiation.pdbx_scattering_type             x-ray 
# 
_diffrn_radiation_wavelength.id           1 
_diffrn_radiation_wavelength.wavelength   0.979522 
_diffrn_radiation_wavelength.wt           1.0 
# 
_diffrn_source.diffrn_id                   1 
_diffrn_source.source                      SYNCHROTRON 
_diffrn_source.type                        'APS BEAMLINE 19-ID' 
_diffrn_source.pdbx_synchrotron_site       APS 
_diffrn_source.pdbx_synchrotron_beamline   19-ID 
_diffrn_source.pdbx_wavelength             ? 
_diffrn_source.pdbx_wavelength_list        0.979522 
# 
_reflns.entry_id                     2FBI 
_reflns.observed_criterion_sigma_I   1 
_reflns.observed_criterion_sigma_F   1 
_reflns.d_resolution_low             38.49 
_reflns.d_resolution_high            2.1 
_reflns.number_obs                   11144 
_reflns.number_all                   11144 
_reflns.percent_possible_obs         95.8 
_reflns.pdbx_Rmerge_I_obs            ? 
_reflns.pdbx_Rsym_value              0.047 
_reflns.pdbx_netI_over_sigmaI        30.9 
_reflns.B_iso_Wilson_estimate        ? 
_reflns.pdbx_redundancy              6 
_reflns.R_free_details               ? 
_reflns.limit_h_max                  ? 
_reflns.limit_h_min                  ? 
_reflns.limit_k_max                  ? 
_reflns.limit_k_min                  ? 
_reflns.limit_l_max                  ? 
_reflns.limit_l_min                  ? 
_reflns.observed_criterion_F_max     ? 
_reflns.observed_criterion_F_min     ? 
_reflns.pdbx_chi_squared             ? 
_reflns.pdbx_scaling_rejects         ? 
_reflns.pdbx_ordinal                 1 
_reflns.pdbx_diffrn_id               1 
# 
_reflns_shell.d_res_high             2.1 
_reflns_shell.d_res_low              2.18 
_reflns_shell.percent_possible_all   71.8 
_reflns_shell.Rmerge_I_obs           ? 
_reflns_shell.pdbx_Rsym_value        0.352 
_reflns_shell.meanI_over_sigI_obs    2.2 
_reflns_shell.pdbx_redundancy        4.2 
_reflns_shell.percent_possible_obs   ? 
_reflns_shell.number_unique_all      1542 
_reflns_shell.number_measured_all    ? 
_reflns_shell.number_measured_obs    ? 
_reflns_shell.number_unique_obs      ? 
_reflns_shell.pdbx_chi_squared       ? 
_reflns_shell.pdbx_ordinal           1 
_reflns_shell.pdbx_diffrn_id         1 
# 
_refine.entry_id                                 2FBI 
_refine.ls_number_reflns_obs                     11144 
_refine.ls_number_reflns_all                     11144 
_refine.pdbx_ls_sigma_I                          ? 
_refine.pdbx_ls_sigma_F                          0 
_refine.pdbx_data_cutoff_high_absF               ? 
_refine.pdbx_data_cutoff_low_absF                ? 
_refine.pdbx_data_cutoff_high_rms_absF           ? 
_refine.ls_d_res_low                             38.49 
_refine.ls_d_res_high                            2.10 
_refine.ls_percent_reflns_obs                    98.64 
_refine.ls_R_factor_obs                          0.22525 
_refine.ls_R_factor_all                          0.22525 
_refine.ls_R_factor_R_work                       0.22259 
_refine.ls_R_factor_R_free                       0.27645 
_refine.ls_R_factor_R_free_error                 ? 
_refine.ls_R_factor_R_free_error_details         ? 
_refine.ls_percent_reflns_R_free                 4.9 
_refine.ls_number_reflns_R_free                  577 
_refine.ls_number_parameters                     ? 
_refine.ls_number_restraints                     ? 
_refine.occupancy_min                            ? 
_refine.occupancy_max                            ? 
_refine.correlation_coeff_Fo_to_Fc               0.946 
_refine.correlation_coeff_Fo_to_Fc_free          0.920 
_refine.B_iso_mean                               39.437 
_refine.aniso_B[1][1]                            1.10 
_refine.aniso_B[2][2]                            1.10 
_refine.aniso_B[3][3]                            -1.65 
_refine.aniso_B[1][2]                            0.55 
_refine.aniso_B[1][3]                            0.00 
_refine.aniso_B[2][3]                            0.00 
_refine.solvent_model_details                    MASK 
_refine.solvent_model_param_ksol                 ? 
_refine.solvent_model_param_bsol                 ? 
_refine.pdbx_solvent_vdw_probe_radii             1.20 
_refine.pdbx_solvent_ion_probe_radii             0.80 
_refine.pdbx_solvent_shrinkage_radii             0.80 
_refine.pdbx_ls_cross_valid_method               THROUGHOUT 
_refine.details                                  'HYDROGENS HAVE BEEN ADDED IN THE RIDING POSITIONS' 
_refine.pdbx_starting_model                      ? 
_refine.pdbx_method_to_determine_struct          SAD 
_refine.pdbx_isotropic_thermal_model             ? 
_refine.pdbx_stereochemistry_target_values       'MAXIMUM LIKELIHOOD' 
_refine.pdbx_stereochem_target_val_spec_case     ? 
_refine.pdbx_R_Free_selection_details            RANDOM 
_refine.pdbx_overall_ESU_R                       0.221 
_refine.pdbx_overall_ESU_R_Free                  0.201 
_refine.overall_SU_ML                            0.159 
_refine.overall_SU_B                             5.986 
_refine.ls_redundancy_reflns_obs                 ? 
_refine.B_iso_min                                ? 
_refine.B_iso_max                                ? 
_refine.overall_SU_R_Cruickshank_DPI             ? 
_refine.overall_SU_R_free                        ? 
_refine.ls_wR_factor_R_free                      ? 
_refine.ls_wR_factor_R_work                      ? 
_refine.overall_FOM_free_R_set                   ? 
_refine.overall_FOM_work_R_set                   ? 
_refine.pdbx_refine_id                           'X-RAY DIFFRACTION' 
_refine.pdbx_diffrn_id                           1 
_refine.pdbx_TLS_residual_ADP_flag               ? 
_refine.pdbx_overall_phase_error                 ? 
_refine.pdbx_overall_SU_R_free_Cruickshank_DPI   ? 
_refine.pdbx_overall_SU_R_Blow_DPI               ? 
_refine.pdbx_overall_SU_R_free_Blow_DPI          ? 
# 
_refine_hist.pdbx_refine_id                   'X-RAY DIFFRACTION' 
_refine_hist.cycle_id                         LAST 
_refine_hist.pdbx_number_atoms_protein        1120 
_refine_hist.pdbx_number_atoms_nucleic_acid   0 
_refine_hist.pdbx_number_atoms_ligand         0 
_refine_hist.number_atoms_solvent             94 
_refine_hist.number_atoms_total               1214 
_refine_hist.d_res_high                       2.10 
_refine_hist.d_res_low                        38.49 
# 
loop_
_refine_ls_restr.type 
_refine_ls_restr.dev_ideal 
_refine_ls_restr.dev_ideal_target 
_refine_ls_restr.weight 
_refine_ls_restr.number 
_refine_ls_restr.pdbx_refine_id 
_refine_ls_restr.pdbx_restraint_function 
r_bond_refined_d             0.019  0.022  ? 1214 'X-RAY DIFFRACTION' ? 
r_bond_other_d               ?      ?      ? ?    'X-RAY DIFFRACTION' ? 
r_angle_refined_deg          1.852  1.975  ? 1638 'X-RAY DIFFRACTION' ? 
r_angle_other_deg            ?      ?      ? ?    'X-RAY DIFFRACTION' ? 
r_dihedral_angle_1_deg       6.401  5.000  ? 150  'X-RAY DIFFRACTION' ? 
r_dihedral_angle_2_deg       32.144 23.231 ? 65   'X-RAY DIFFRACTION' ? 
r_dihedral_angle_3_deg       19.629 15.000 ? 247  'X-RAY DIFFRACTION' ? 
r_dihedral_angle_4_deg       24.460 15.000 ? 17   'X-RAY DIFFRACTION' ? 
r_chiral_restr               0.135  0.200  ? 172  'X-RAY DIFFRACTION' ? 
r_gen_planes_refined         0.008  0.020  ? 943  'X-RAY DIFFRACTION' ? 
r_gen_planes_other           ?      ?      ? ?    'X-RAY DIFFRACTION' ? 
r_nbd_refined                0.236  0.200  ? 584  'X-RAY DIFFRACTION' ? 
r_nbd_other                  ?      ?      ? ?    'X-RAY DIFFRACTION' ? 
r_nbtor_refined              0.303  0.200  ? 842  'X-RAY DIFFRACTION' ? 
r_nbtor_other                ?      ?      ? ?    'X-RAY DIFFRACTION' ? 
r_xyhbond_nbd_refined        0.209  0.200  ? 71   'X-RAY DIFFRACTION' ? 
r_xyhbond_nbd_other          ?      ?      ? ?    'X-RAY DIFFRACTION' ? 
r_metal_ion_refined          ?      ?      ? ?    'X-RAY DIFFRACTION' ? 
r_metal_ion_other            ?      ?      ? ?    'X-RAY DIFFRACTION' ? 
r_symmetry_vdw_refined       0.254  0.200  ? 75   'X-RAY DIFFRACTION' ? 
r_symmetry_vdw_other         ?      ?      ? ?    'X-RAY DIFFRACTION' ? 
r_symmetry_hbond_refined     0.191  0.200  ? 13   'X-RAY DIFFRACTION' ? 
r_symmetry_hbond_other       ?      ?      ? ?    'X-RAY DIFFRACTION' ? 
r_symmetry_metal_ion_refined ?      ?      ? ?    'X-RAY DIFFRACTION' ? 
r_symmetry_metal_ion_other   ?      ?      ? ?    'X-RAY DIFFRACTION' ? 
r_mcbond_it                  1.148  1.500  ? 763  'X-RAY DIFFRACTION' ? 
r_mcbond_other               ?      ?      ? ?    'X-RAY DIFFRACTION' ? 
r_mcangle_it                 1.915  2.000  ? 1176 'X-RAY DIFFRACTION' ? 
r_scbond_it                  3.173  3.000  ? 518  'X-RAY DIFFRACTION' ? 
r_scangle_it                 5.008  4.500  ? 462  'X-RAY DIFFRACTION' ? 
r_rigid_bond_restr           ?      ?      ? ?    'X-RAY DIFFRACTION' ? 
r_sphericity_free            ?      ?      ? ?    'X-RAY DIFFRACTION' ? 
r_sphericity_bonded          ?      ?      ? ?    'X-RAY DIFFRACTION' ? 
# 
_refine_ls_shell.pdbx_total_number_of_bins_used   20 
_refine_ls_shell.d_res_high                       2.100 
_refine_ls_shell.d_res_low                        2.154 
_refine_ls_shell.number_reflns_R_work             699 
_refine_ls_shell.R_factor_R_work                  0.291 
_refine_ls_shell.percent_reflns_obs               86.32 
_refine_ls_shell.R_factor_R_free                  0.283 
_refine_ls_shell.R_factor_R_free_error            ? 
_refine_ls_shell.percent_reflns_R_free            ? 
_refine_ls_shell.number_reflns_R_free             39 
_refine_ls_shell.number_reflns_all                ? 
_refine_ls_shell.R_factor_all                     ? 
_refine_ls_shell.number_reflns_obs                ? 
_refine_ls_shell.redundancy_reflns_obs            ? 
_refine_ls_shell.pdbx_refine_id                   'X-RAY DIFFRACTION' 
# 
_struct.entry_id                  2FBI 
_struct.title                     'The crystal structure of transcriptional regulator PA4135' 
_struct.pdbx_model_details        ? 
_struct.pdbx_CASP_flag            ? 
_struct.pdbx_model_type_details   ? 
# 
_struct_keywords.entry_id        2FBI 
_struct_keywords.pdbx_keywords   TRANSCRIPTION 
_struct_keywords.text            
;MarR, transcriptional regulator, APC5816, Structural Genomics, PSI, Protein Structure Initiative, Midwest Center for Structural Genomics, MCSG, TRANSCRIPTION
;
# 
loop_
_struct_asym.id 
_struct_asym.pdbx_blank_PDB_chainid_flag 
_struct_asym.pdbx_modified 
_struct_asym.entity_id 
_struct_asym.details 
A N N 1 ? 
B N N 2 ? 
# 
_struct_ref.id                         1 
_struct_ref.db_name                    GB 
_struct_ref.db_code                    AAG07522 
_struct_ref.pdbx_db_accession          9950340 
_struct_ref.entity_id                  1 
_struct_ref.pdbx_seq_one_letter_code   
;MSTPRPSLTLTLLQAREAAMSFFRPSLNQHGLTEQQWRVIRILRQQGEMESYQLANQACILRPSMTGVLARLERDGIVRR
WKAPKDQRRVYVNLTEKGQQCFVSMSGDMEKNYQRIQERFGEEKLAQLLELLNELKKIKP
;
_struct_ref.pdbx_align_begin           1 
_struct_ref.pdbx_db_isoform            ? 
# 
_struct_ref_seq.align_id                      1 
_struct_ref_seq.ref_id                        1 
_struct_ref_seq.pdbx_PDB_id_code              2FBI 
_struct_ref_seq.pdbx_strand_id                A 
_struct_ref_seq.seq_align_beg                 3 
_struct_ref_seq.pdbx_seq_align_beg_ins_code   ? 
_struct_ref_seq.seq_align_end                 142 
_struct_ref_seq.pdbx_seq_align_end_ins_code   ? 
_struct_ref_seq.pdbx_db_accession             9950340 
_struct_ref_seq.db_align_beg                  1 
_struct_ref_seq.pdbx_db_align_beg_ins_code    ? 
_struct_ref_seq.db_align_end                  140 
_struct_ref_seq.pdbx_db_align_end_ins_code    ? 
_struct_ref_seq.pdbx_auth_seq_align_beg       1 
_struct_ref_seq.pdbx_auth_seq_align_end       140 
# 
loop_
_struct_ref_seq_dif.align_id 
_struct_ref_seq_dif.pdbx_pdb_id_code 
_struct_ref_seq_dif.mon_id 
_struct_ref_seq_dif.pdbx_pdb_strand_id 
_struct_ref_seq_dif.seq_num 
_struct_ref_seq_dif.pdbx_pdb_ins_code 
_struct_ref_seq_dif.pdbx_seq_db_name 
_struct_ref_seq_dif.pdbx_seq_db_accession_code 
_struct_ref_seq_dif.db_mon_id 
_struct_ref_seq_dif.pdbx_seq_db_seq_num 
_struct_ref_seq_dif.details 
_struct_ref_seq_dif.pdbx_auth_seq_num 
_struct_ref_seq_dif.pdbx_ordinal 
1 2FBI GLY A 1 ? GB 9950340 ? ? 'cloning artifact' -1 1 
1 2FBI HIS A 2 ? GB 9950340 ? ? 'cloning artifact' 0  2 
# 
_pdbx_struct_assembly.id                   1 
_pdbx_struct_assembly.details              author_and_software_defined_assembly 
_pdbx_struct_assembly.method_details       PISA,PQS 
_pdbx_struct_assembly.oligomeric_details   dimeric 
_pdbx_struct_assembly.oligomeric_count     2 
# 
loop_
_pdbx_struct_assembly_prop.biol_id 
_pdbx_struct_assembly_prop.type 
_pdbx_struct_assembly_prop.value 
_pdbx_struct_assembly_prop.details 
1 'ABSA (A^2)' 4940  ? 
1 MORE         -42   ? 
1 'SSA (A^2)'  14980 ? 
# 
_pdbx_struct_assembly_gen.assembly_id       1 
_pdbx_struct_assembly_gen.oper_expression   1,2 
_pdbx_struct_assembly_gen.asym_id_list      A,B 
# 
loop_
_pdbx_struct_oper_list.id 
_pdbx_struct_oper_list.type 
_pdbx_struct_oper_list.name 
_pdbx_struct_oper_list.symmetry_operation 
_pdbx_struct_oper_list.matrix[1][1] 
_pdbx_struct_oper_list.matrix[1][2] 
_pdbx_struct_oper_list.matrix[1][3] 
_pdbx_struct_oper_list.vector[1] 
_pdbx_struct_oper_list.matrix[2][1] 
_pdbx_struct_oper_list.matrix[2][2] 
_pdbx_struct_oper_list.matrix[2][3] 
_pdbx_struct_oper_list.vector[2] 
_pdbx_struct_oper_list.matrix[3][1] 
_pdbx_struct_oper_list.matrix[3][2] 
_pdbx_struct_oper_list.matrix[3][3] 
_pdbx_struct_oper_list.vector[3] 
1 'identity operation'         1_555  x,y,z        1.0000000000  0.0000000000  0.0000000000  0.0000000000  0.0000000000  1.0000000000 0.0000000000 0.0000000000 0.0000000000  0.0000000000 1.0000000000  0.0000000000   
2 'crystal symmetry operation' 12_554 x,x-y,-z-1/6 -0.9154182180 -0.3707062699 -0.1568003434 11.6531971694 -0.3707062699 0.6247368549 0.6872268356 9.8527861166 -0.1568003434 0.6872268356 -0.7093186369 -17.0078798844 
# 
_struct_biol.id   1 
# 
loop_
_struct_conf.conf_type_id 
_struct_conf.id 
_struct_conf.pdbx_PDB_helix_id 
_struct_conf.beg_label_comp_id 
_struct_conf.beg_label_asym_id 
_struct_conf.beg_label_seq_id 
_struct_conf.pdbx_beg_PDB_ins_code 
_struct_conf.end_label_comp_id 
_struct_conf.end_label_asym_id 
_struct_conf.end_label_seq_id 
_struct_conf.pdbx_end_PDB_ins_code 
_struct_conf.beg_auth_comp_id 
_struct_conf.beg_auth_asym_id 
_struct_conf.beg_auth_seq_id 
_struct_conf.end_auth_comp_id 
_struct_conf.end_auth_asym_id 
_struct_conf.end_auth_seq_id 
_struct_conf.pdbx_PDB_helix_class 
_struct_conf.details 
_struct_conf.pdbx_PDB_helix_length 
HELX_P HELX_P1 1 SER A 9   ? SER A 23  ? SER A 7   SER A 21  1 ? 15 
HELX_P HELX_P2 2 PHE A 25  ? GLY A 33  ? PHE A 23  GLY A 31  1 ? 9  
HELX_P HELX_P3 3 THR A 35  ? GLY A 49  ? THR A 33  GLY A 47  1 ? 15 
HELX_P HELX_P4 4 SER A 53  ? ALA A 60  ? SER A 51  ALA A 58  1 ? 8  
HELX_P HELX_P5 5 LEU A 63  ? ASP A 77  ? LEU A 61  ASP A 75  1 ? 15 
HELX_P HELX_P6 6 THR A 97  ? GLY A 123 ? THR A 95  GLY A 121 1 ? 27 
HELX_P HELX_P7 7 GLY A 123 ? LYS A 139 ? GLY A 121 LYS A 137 1 ? 17 
# 
_struct_conf_type.id          HELX_P 
_struct_conf_type.criteria    ? 
_struct_conf_type.reference   ? 
# 
_struct_sheet.id               A 
_struct_sheet.type             ? 
_struct_sheet.number_strands   3 
_struct_sheet.details          ? 
# 
loop_
_struct_sheet_order.sheet_id 
_struct_sheet_order.range_id_1 
_struct_sheet_order.range_id_2 
_struct_sheet_order.offset 
_struct_sheet_order.sense 
A 1 2 ? anti-parallel 
A 2 3 ? anti-parallel 
# 
loop_
_struct_sheet_range.sheet_id 
_struct_sheet_range.id 
_struct_sheet_range.beg_label_comp_id 
_struct_sheet_range.beg_label_asym_id 
_struct_sheet_range.beg_label_seq_id 
_struct_sheet_range.pdbx_beg_PDB_ins_code 
_struct_sheet_range.end_label_comp_id 
_struct_sheet_range.end_label_asym_id 
_struct_sheet_range.end_label_seq_id 
_struct_sheet_range.pdbx_end_PDB_ins_code 
_struct_sheet_range.beg_auth_comp_id 
_struct_sheet_range.beg_auth_asym_id 
_struct_sheet_range.beg_auth_seq_id 
_struct_sheet_range.end_auth_comp_id 
_struct_sheet_range.end_auth_asym_id 
_struct_sheet_range.end_auth_seq_id 
A 1 MET A 51 ? GLU A 52 ? MET A 49 GLU A 50 
A 2 ASP A 88 ? LEU A 96 ? ASP A 86 LEU A 94 
A 3 VAL A 80 ? ALA A 85 ? VAL A 78 ALA A 83 
# 
loop_
_pdbx_struct_sheet_hbond.sheet_id 
_pdbx_struct_sheet_hbond.range_id_1 
_pdbx_struct_sheet_hbond.range_id_2 
_pdbx_struct_sheet_hbond.range_1_label_atom_id 
_pdbx_struct_sheet_hbond.range_1_label_comp_id 
_pdbx_struct_sheet_hbond.range_1_label_asym_id 
_pdbx_struct_sheet_hbond.range_1_label_seq_id 
_pdbx_struct_sheet_hbond.range_1_PDB_ins_code 
_pdbx_struct_sheet_hbond.range_1_auth_atom_id 
_pdbx_struct_sheet_hbond.range_1_auth_comp_id 
_pdbx_struct_sheet_hbond.range_1_auth_asym_id 
_pdbx_struct_sheet_hbond.range_1_auth_seq_id 
_pdbx_struct_sheet_hbond.range_2_label_atom_id 
_pdbx_struct_sheet_hbond.range_2_label_comp_id 
_pdbx_struct_sheet_hbond.range_2_label_asym_id 
_pdbx_struct_sheet_hbond.range_2_label_seq_id 
_pdbx_struct_sheet_hbond.range_2_PDB_ins_code 
_pdbx_struct_sheet_hbond.range_2_auth_atom_id 
_pdbx_struct_sheet_hbond.range_2_auth_comp_id 
_pdbx_struct_sheet_hbond.range_2_auth_asym_id 
_pdbx_struct_sheet_hbond.range_2_auth_seq_id 
A 1 2 N MET A 51 ? N MET A 49 O VAL A 94 ? O VAL A 92 
A 2 3 O TYR A 93 ? O TYR A 91 N TRP A 83 ? N TRP A 81 
# 
_pdbx_validate_symm_contact.id                1 
_pdbx_validate_symm_contact.PDB_model_num     1 
_pdbx_validate_symm_contact.auth_atom_id_1    OD1 
_pdbx_validate_symm_contact.auth_asym_id_1    A 
_pdbx_validate_symm_contact.auth_comp_id_1    ASN 
_pdbx_validate_symm_contact.auth_seq_id_1     28 
_pdbx_validate_symm_contact.PDB_ins_code_1    ? 
_pdbx_validate_symm_contact.label_alt_id_1    ? 
_pdbx_validate_symm_contact.site_symmetry_1   1_555 
_pdbx_validate_symm_contact.auth_atom_id_2    OD1 
_pdbx_validate_symm_contact.auth_asym_id_2    A 
_pdbx_validate_symm_contact.auth_comp_id_2    ASN 
_pdbx_validate_symm_contact.auth_seq_id_2     28 
_pdbx_validate_symm_contact.PDB_ins_code_2    ? 
_pdbx_validate_symm_contact.label_alt_id_2    ? 
_pdbx_validate_symm_contact.site_symmetry_2   10_665 
_pdbx_validate_symm_contact.dist              1.75 
# 
_pdbx_validate_rmsd_angle.id                         1 
_pdbx_validate_rmsd_angle.PDB_model_num              1 
_pdbx_validate_rmsd_angle.auth_atom_id_1             CA 
_pdbx_validate_rmsd_angle.auth_asym_id_1             A 
_pdbx_validate_rmsd_angle.auth_comp_id_1             LEU 
_pdbx_validate_rmsd_angle.auth_seq_id_1              32 
_pdbx_validate_rmsd_angle.PDB_ins_code_1             ? 
_pdbx_validate_rmsd_angle.label_alt_id_1             ? 
_pdbx_validate_rmsd_angle.auth_atom_id_2             CB 
_pdbx_validate_rmsd_angle.auth_asym_id_2             A 
_pdbx_validate_rmsd_angle.auth_comp_id_2             LEU 
_pdbx_validate_rmsd_angle.auth_seq_id_2              32 
_pdbx_validate_rmsd_angle.PDB_ins_code_2             ? 
_pdbx_validate_rmsd_angle.label_alt_id_2             ? 
_pdbx_validate_rmsd_angle.auth_atom_id_3             CG 
_pdbx_validate_rmsd_angle.auth_asym_id_3             A 
_pdbx_validate_rmsd_angle.auth_comp_id_3             LEU 
_pdbx_validate_rmsd_angle.auth_seq_id_3              32 
_pdbx_validate_rmsd_angle.PDB_ins_code_3             ? 
_pdbx_validate_rmsd_angle.label_alt_id_3             ? 
_pdbx_validate_rmsd_angle.angle_value                141.19 
_pdbx_validate_rmsd_angle.angle_target_value         115.30 
_pdbx_validate_rmsd_angle.angle_deviation            25.89 
_pdbx_validate_rmsd_angle.angle_standard_deviation   2.30 
_pdbx_validate_rmsd_angle.linker_flag                N 
# 
_pdbx_validate_torsion.id              1 
_pdbx_validate_torsion.PDB_model_num   1 
_pdbx_validate_torsion.auth_comp_id    ASP 
_pdbx_validate_torsion.auth_asym_id    A 
_pdbx_validate_torsion.auth_seq_id     86 
_pdbx_validate_torsion.PDB_ins_code    ? 
_pdbx_validate_torsion.label_alt_id    ? 
_pdbx_validate_torsion.phi             178.64 
_pdbx_validate_torsion.psi             90.41 
# 
_pdbx_SG_project.id                    1 
_pdbx_SG_project.project_name          'PSI, Protein Structure Initiative' 
_pdbx_SG_project.full_name_of_center   'Midwest Center for Structural Genomics' 
_pdbx_SG_project.initial_of_center     MCSG 
# 
_pdbx_struct_special_symmetry.id              1 
_pdbx_struct_special_symmetry.PDB_model_num   1 
_pdbx_struct_special_symmetry.auth_asym_id    A 
_pdbx_struct_special_symmetry.auth_comp_id    HOH 
_pdbx_struct_special_symmetry.auth_seq_id     228 
_pdbx_struct_special_symmetry.PDB_ins_code    ? 
_pdbx_struct_special_symmetry.label_asym_id   B 
_pdbx_struct_special_symmetry.label_comp_id   HOH 
_pdbx_struct_special_symmetry.label_seq_id    . 
# 
loop_
_pdbx_unobs_or_zero_occ_residues.id 
_pdbx_unobs_or_zero_occ_residues.PDB_model_num 
_pdbx_unobs_or_zero_occ_residues.polymer_flag 
_pdbx_unobs_or_zero_occ_residues.occupancy_flag 
_pdbx_unobs_or_zero_occ_residues.auth_asym_id 
_pdbx_unobs_or_zero_occ_residues.auth_comp_id 
_pdbx_unobs_or_zero_occ_residues.auth_seq_id 
_pdbx_unobs_or_zero_occ_residues.PDB_ins_code 
_pdbx_unobs_or_zero_occ_residues.label_asym_id 
_pdbx_unobs_or_zero_occ_residues.label_comp_id 
_pdbx_unobs_or_zero_occ_residues.label_seq_id 
1 1 Y 1 A GLY -1 ? A GLY 1 
2 1 Y 1 A HIS 0  ? A HIS 2 
3 1 Y 1 A MET 1  ? A MET 3 
4 1 Y 1 A SER 2  ? A SER 4 
5 1 Y 1 A THR 3  ? A THR 5 
6 1 Y 1 A PRO 4  ? A PRO 6 
# 
loop_
_chem_comp_atom.comp_id 
_chem_comp_atom.atom_id 
_chem_comp_atom.type_symbol 
_chem_comp_atom.pdbx_aromatic_flag 
_chem_comp_atom.pdbx_stereo_config 
_chem_comp_atom.pdbx_ordinal 
ALA N    N N N 1   
ALA CA   C N S 2   
ALA C    C N N 3   
ALA O    O N N 4   
ALA CB   C N N 5   
ALA OXT  O N N 6   
ALA H    H N N 7   
ALA H2   H N N 8   
ALA HA   H N N 9   
ALA HB1  H N N 10  
ALA HB2  H N N 11  
ALA HB3  H N N 12  
ALA HXT  H N N 13  
ARG N    N N N 14  
ARG CA   C N S 15  
ARG C    C N N 16  
ARG O    O N N 17  
ARG CB   C N N 18  
ARG CG   C N N 19  
ARG CD   C N N 20  
ARG NE   N N N 21  
ARG CZ   C N N 22  
ARG NH1  N N N 23  
ARG NH2  N N N 24  
ARG OXT  O N N 25  
ARG H    H N N 26  
ARG H2   H N N 27  
ARG HA   H N N 28  
ARG HB2  H N N 29  
ARG HB3  H N N 30  
ARG HG2  H N N 31  
ARG HG3  H N N 32  
ARG HD2  H N N 33  
ARG HD3  H N N 34  
ARG HE   H N N 35  
ARG HH11 H N N 36  
ARG HH12 H N N 37  
ARG HH21 H N N 38  
ARG HH22 H N N 39  
ARG HXT  H N N 40  
ASN N    N N N 41  
ASN CA   C N S 42  
ASN C    C N N 43  
ASN O    O N N 44  
ASN CB   C N N 45  
ASN CG   C N N 46  
ASN OD1  O N N 47  
ASN ND2  N N N 48  
ASN OXT  O N N 49  
ASN H    H N N 50  
ASN H2   H N N 51  
ASN HA   H N N 52  
ASN HB2  H N N 53  
ASN HB3  H N N 54  
ASN HD21 H N N 55  
ASN HD22 H N N 56  
ASN HXT  H N N 57  
ASP N    N N N 58  
ASP CA   C N S 59  
ASP C    C N N 60  
ASP O    O N N 61  
ASP CB   C N N 62  
ASP CG   C N N 63  
ASP OD1  O N N 64  
ASP OD2  O N N 65  
ASP OXT  O N N 66  
ASP H    H N N 67  
ASP H2   H N N 68  
ASP HA   H N N 69  
ASP HB2  H N N 70  
ASP HB3  H N N 71  
ASP HD2  H N N 72  
ASP HXT  H N N 73  
CYS N    N N N 74  
CYS CA   C N R 75  
CYS C    C N N 76  
CYS O    O N N 77  
CYS CB   C N N 78  
CYS SG   S N N 79  
CYS OXT  O N N 80  
CYS H    H N N 81  
CYS H2   H N N 82  
CYS HA   H N N 83  
CYS HB2  H N N 84  
CYS HB3  H N N 85  
CYS HG   H N N 86  
CYS HXT  H N N 87  
GLN N    N N N 88  
GLN CA   C N S 89  
GLN C    C N N 90  
GLN O    O N N 91  
GLN CB   C N N 92  
GLN CG   C N N 93  
GLN CD   C N N 94  
GLN OE1  O N N 95  
GLN NE2  N N N 96  
GLN OXT  O N N 97  
GLN H    H N N 98  
GLN H2   H N N 99  
GLN HA   H N N 100 
GLN HB2  H N N 101 
GLN HB3  H N N 102 
GLN HG2  H N N 103 
GLN HG3  H N N 104 
GLN HE21 H N N 105 
GLN HE22 H N N 106 
GLN HXT  H N N 107 
GLU N    N N N 108 
GLU CA   C N S 109 
GLU C    C N N 110 
GLU O    O N N 111 
GLU CB   C N N 112 
GLU CG   C N N 113 
GLU CD   C N N 114 
GLU OE1  O N N 115 
GLU OE2  O N N 116 
GLU OXT  O N N 117 
GLU H    H N N 118 
GLU H2   H N N 119 
GLU HA   H N N 120 
GLU HB2  H N N 121 
GLU HB3  H N N 122 
GLU HG2  H N N 123 
GLU HG3  H N N 124 
GLU HE2  H N N 125 
GLU HXT  H N N 126 
GLY N    N N N 127 
GLY CA   C N N 128 
GLY C    C N N 129 
GLY O    O N N 130 
GLY OXT  O N N 131 
GLY H    H N N 132 
GLY H2   H N N 133 
GLY HA2  H N N 134 
GLY HA3  H N N 135 
GLY HXT  H N N 136 
HIS N    N N N 137 
HIS CA   C N S 138 
HIS C    C N N 139 
HIS O    O N N 140 
HIS CB   C N N 141 
HIS CG   C Y N 142 
HIS ND1  N Y N 143 
HIS CD2  C Y N 144 
HIS CE1  C Y N 145 
HIS NE2  N Y N 146 
HIS OXT  O N N 147 
HIS H    H N N 148 
HIS H2   H N N 149 
HIS HA   H N N 150 
HIS HB2  H N N 151 
HIS HB3  H N N 152 
HIS HD1  H N N 153 
HIS HD2  H N N 154 
HIS HE1  H N N 155 
HIS HE2  H N N 156 
HIS HXT  H N N 157 
HOH O    O N N 158 
HOH H1   H N N 159 
HOH H2   H N N 160 
ILE N    N N N 161 
ILE CA   C N S 162 
ILE C    C N N 163 
ILE O    O N N 164 
ILE CB   C N S 165 
ILE CG1  C N N 166 
ILE CG2  C N N 167 
ILE CD1  C N N 168 
ILE OXT  O N N 169 
ILE H    H N N 170 
ILE H2   H N N 171 
ILE HA   H N N 172 
ILE HB   H N N 173 
ILE HG12 H N N 174 
ILE HG13 H N N 175 
ILE HG21 H N N 176 
ILE HG22 H N N 177 
ILE HG23 H N N 178 
ILE HD11 H N N 179 
ILE HD12 H N N 180 
ILE HD13 H N N 181 
ILE HXT  H N N 182 
LEU N    N N N 183 
LEU CA   C N S 184 
LEU C    C N N 185 
LEU O    O N N 186 
LEU CB   C N N 187 
LEU CG   C N N 188 
LEU CD1  C N N 189 
LEU CD2  C N N 190 
LEU OXT  O N N 191 
LEU H    H N N 192 
LEU H2   H N N 193 
LEU HA   H N N 194 
LEU HB2  H N N 195 
LEU HB3  H N N 196 
LEU HG   H N N 197 
LEU HD11 H N N 198 
LEU HD12 H N N 199 
LEU HD13 H N N 200 
LEU HD21 H N N 201 
LEU HD22 H N N 202 
LEU HD23 H N N 203 
LEU HXT  H N N 204 
LYS N    N N N 205 
LYS CA   C N S 206 
LYS C    C N N 207 
LYS O    O N N 208 
LYS CB   C N N 209 
LYS CG   C N N 210 
LYS CD   C N N 211 
LYS CE   C N N 212 
LYS NZ   N N N 213 
LYS OXT  O N N 214 
LYS H    H N N 215 
LYS H2   H N N 216 
LYS HA   H N N 217 
LYS HB2  H N N 218 
LYS HB3  H N N 219 
LYS HG2  H N N 220 
LYS HG3  H N N 221 
LYS HD2  H N N 222 
LYS HD3  H N N 223 
LYS HE2  H N N 224 
LYS HE3  H N N 225 
LYS HZ1  H N N 226 
LYS HZ2  H N N 227 
LYS HZ3  H N N 228 
LYS HXT  H N N 229 
MET N    N N N 230 
MET CA   C N S 231 
MET C    C N N 232 
MET O    O N N 233 
MET CB   C N N 234 
MET CG   C N N 235 
MET SD   S N N 236 
MET CE   C N N 237 
MET OXT  O N N 238 
MET H    H N N 239 
MET H2   H N N 240 
MET HA   H N N 241 
MET HB2  H N N 242 
MET HB3  H N N 243 
MET HG2  H N N 244 
MET HG3  H N N 245 
MET HE1  H N N 246 
MET HE2  H N N 247 
MET HE3  H N N 248 
MET HXT  H N N 249 
PHE N    N N N 250 
PHE CA   C N S 251 
PHE C    C N N 252 
PHE O    O N N 253 
PHE CB   C N N 254 
PHE CG   C Y N 255 
PHE CD1  C Y N 256 
PHE CD2  C Y N 257 
PHE CE1  C Y N 258 
PHE CE2  C Y N 259 
PHE CZ   C Y N 260 
PHE OXT  O N N 261 
PHE H    H N N 262 
PHE H2   H N N 263 
PHE HA   H N N 264 
PHE HB2  H N N 265 
PHE HB3  H N N 266 
PHE HD1  H N N 267 
PHE HD2  H N N 268 
PHE HE1  H N N 269 
PHE HE2  H N N 270 
PHE HZ   H N N 271 
PHE HXT  H N N 272 
PRO N    N N N 273 
PRO CA   C N S 274 
PRO C    C N N 275 
PRO O    O N N 276 
PRO CB   C N N 277 
PRO CG   C N N 278 
PRO CD   C N N 279 
PRO OXT  O N N 280 
PRO H    H N N 281 
PRO HA   H N N 282 
PRO HB2  H N N 283 
PRO HB3  H N N 284 
PRO HG2  H N N 285 
PRO HG3  H N N 286 
PRO HD2  H N N 287 
PRO HD3  H N N 288 
PRO HXT  H N N 289 
SER N    N N N 290 
SER CA   C N S 291 
SER C    C N N 292 
SER O    O N N 293 
SER CB   C N N 294 
SER OG   O N N 295 
SER OXT  O N N 296 
SER H    H N N 297 
SER H2   H N N 298 
SER HA   H N N 299 
SER HB2  H N N 300 
SER HB3  H N N 301 
SER HG   H N N 302 
SER HXT  H N N 303 
THR N    N N N 304 
THR CA   C N S 305 
THR C    C N N 306 
THR O    O N N 307 
THR CB   C N R 308 
THR OG1  O N N 309 
THR CG2  C N N 310 
THR OXT  O N N 311 
THR H    H N N 312 
THR H2   H N N 313 
THR HA   H N N 314 
THR HB   H N N 315 
THR HG1  H N N 316 
THR HG21 H N N 317 
THR HG22 H N N 318 
THR HG23 H N N 319 
THR HXT  H N N 320 
TRP N    N N N 321 
TRP CA   C N S 322 
TRP C    C N N 323 
TRP O    O N N 324 
TRP CB   C N N 325 
TRP CG   C Y N 326 
TRP CD1  C Y N 327 
TRP CD2  C Y N 328 
TRP NE1  N Y N 329 
TRP CE2  C Y N 330 
TRP CE3  C Y N 331 
TRP CZ2  C Y N 332 
TRP CZ3  C Y N 333 
TRP CH2  C Y N 334 
TRP OXT  O N N 335 
TRP H    H N N 336 
TRP H2   H N N 337 
TRP HA   H N N 338 
TRP HB2  H N N 339 
TRP HB3  H N N 340 
TRP HD1  H N N 341 
TRP HE1  H N N 342 
TRP HE3  H N N 343 
TRP HZ2  H N N 344 
TRP HZ3  H N N 345 
TRP HH2  H N N 346 
TRP HXT  H N N 347 
TYR N    N N N 348 
TYR CA   C N S 349 
TYR C    C N N 350 
TYR O    O N N 351 
TYR CB   C N N 352 
TYR CG   C Y N 353 
TYR CD1  C Y N 354 
TYR CD2  C Y N 355 
TYR CE1  C Y N 356 
TYR CE2  C Y N 357 
TYR CZ   C Y N 358 
TYR OH   O N N 359 
TYR OXT  O N N 360 
TYR H    H N N 361 
TYR H2   H N N 362 
TYR HA   H N N 363 
TYR HB2  H N N 364 
TYR HB3  H N N 365 
TYR HD1  H N N 366 
TYR HD2  H N N 367 
TYR HE1  H N N 368 
TYR HE2  H N N 369 
TYR HH   H N N 370 
TYR HXT  H N N 371 
VAL N    N N N 372 
VAL CA   C N S 373 
VAL C    C N N 374 
VAL O    O N N 375 
VAL CB   C N N 376 
VAL CG1  C N N 377 
VAL CG2  C N N 378 
VAL OXT  O N N 379 
VAL H    H N N 380 
VAL H2   H N N 381 
VAL HA   H N N 382 
VAL HB   H N N 383 
VAL HG11 H N N 384 
VAL HG12 H N N 385 
VAL HG13 H N N 386 
VAL HG21 H N N 387 
VAL HG22 H N N 388 
VAL HG23 H N N 389 
VAL HXT  H N N 390 
# 
loop_
_chem_comp_bond.comp_id 
_chem_comp_bond.atom_id_1 
_chem_comp_bond.atom_id_2 
_chem_comp_bond.value_order 
_chem_comp_bond.pdbx_aromatic_flag 
_chem_comp_bond.pdbx_stereo_config 
_chem_comp_bond.pdbx_ordinal 
ALA N   CA   sing N N 1   
ALA N   H    sing N N 2   
ALA N   H2   sing N N 3   
ALA CA  C    sing N N 4   
ALA CA  CB   sing N N 5   
ALA CA  HA   sing N N 6   
ALA C   O    doub N N 7   
ALA C   OXT  sing N N 8   
ALA CB  HB1  sing N N 9   
ALA CB  HB2  sing N N 10  
ALA CB  HB3  sing N N 11  
ALA OXT HXT  sing N N 12  
ARG N   CA   sing N N 13  
ARG N   H    sing N N 14  
ARG N   H2   sing N N 15  
ARG CA  C    sing N N 16  
ARG CA  CB   sing N N 17  
ARG CA  HA   sing N N 18  
ARG C   O    doub N N 19  
ARG C   OXT  sing N N 20  
ARG CB  CG   sing N N 21  
ARG CB  HB2  sing N N 22  
ARG CB  HB3  sing N N 23  
ARG CG  CD   sing N N 24  
ARG CG  HG2  sing N N 25  
ARG CG  HG3  sing N N 26  
ARG CD  NE   sing N N 27  
ARG CD  HD2  sing N N 28  
ARG CD  HD3  sing N N 29  
ARG NE  CZ   sing N N 30  
ARG NE  HE   sing N N 31  
ARG CZ  NH1  sing N N 32  
ARG CZ  NH2  doub N N 33  
ARG NH1 HH11 sing N N 34  
ARG NH1 HH12 sing N N 35  
ARG NH2 HH21 sing N N 36  
ARG NH2 HH22 sing N N 37  
ARG OXT HXT  sing N N 38  
ASN N   CA   sing N N 39  
ASN N   H    sing N N 40  
ASN N   H2   sing N N 41  
ASN CA  C    sing N N 42  
ASN CA  CB   sing N N 43  
ASN CA  HA   sing N N 44  
ASN C   O    doub N N 45  
ASN C   OXT  sing N N 46  
ASN CB  CG   sing N N 47  
ASN CB  HB2  sing N N 48  
ASN CB  HB3  sing N N 49  
ASN CG  OD1  doub N N 50  
ASN CG  ND2  sing N N 51  
ASN ND2 HD21 sing N N 52  
ASN ND2 HD22 sing N N 53  
ASN OXT HXT  sing N N 54  
ASP N   CA   sing N N 55  
ASP N   H    sing N N 56  
ASP N   H2   sing N N 57  
ASP CA  C    sing N N 58  
ASP CA  CB   sing N N 59  
ASP CA  HA   sing N N 60  
ASP C   O    doub N N 61  
ASP C   OXT  sing N N 62  
ASP CB  CG   sing N N 63  
ASP CB  HB2  sing N N 64  
ASP CB  HB3  sing N N 65  
ASP CG  OD1  doub N N 66  
ASP CG  OD2  sing N N 67  
ASP OD2 HD2  sing N N 68  
ASP OXT HXT  sing N N 69  
CYS N   CA   sing N N 70  
CYS N   H    sing N N 71  
CYS N   H2   sing N N 72  
CYS CA  C    sing N N 73  
CYS CA  CB   sing N N 74  
CYS CA  HA   sing N N 75  
CYS C   O    doub N N 76  
CYS C   OXT  sing N N 77  
CYS CB  SG   sing N N 78  
CYS CB  HB2  sing N N 79  
CYS CB  HB3  sing N N 80  
CYS SG  HG   sing N N 81  
CYS OXT HXT  sing N N 82  
GLN N   CA   sing N N 83  
GLN N   H    sing N N 84  
GLN N   H2   sing N N 85  
GLN CA  C    sing N N 86  
GLN CA  CB   sing N N 87  
GLN CA  HA   sing N N 88  
GLN C   O    doub N N 89  
GLN C   OXT  sing N N 90  
GLN CB  CG   sing N N 91  
GLN CB  HB2  sing N N 92  
GLN CB  HB3  sing N N 93  
GLN CG  CD   sing N N 94  
GLN CG  HG2  sing N N 95  
GLN CG  HG3  sing N N 96  
GLN CD  OE1  doub N N 97  
GLN CD  NE2  sing N N 98  
GLN NE2 HE21 sing N N 99  
GLN NE2 HE22 sing N N 100 
GLN OXT HXT  sing N N 101 
GLU N   CA   sing N N 102 
GLU N   H    sing N N 103 
GLU N   H2   sing N N 104 
GLU CA  C    sing N N 105 
GLU CA  CB   sing N N 106 
GLU CA  HA   sing N N 107 
GLU C   O    doub N N 108 
GLU C   OXT  sing N N 109 
GLU CB  CG   sing N N 110 
GLU CB  HB2  sing N N 111 
GLU CB  HB3  sing N N 112 
GLU CG  CD   sing N N 113 
GLU CG  HG2  sing N N 114 
GLU CG  HG3  sing N N 115 
GLU CD  OE1  doub N N 116 
GLU CD  OE2  sing N N 117 
GLU OE2 HE2  sing N N 118 
GLU OXT HXT  sing N N 119 
GLY N   CA   sing N N 120 
GLY N   H    sing N N 121 
GLY N   H2   sing N N 122 
GLY CA  C    sing N N 123 
GLY CA  HA2  sing N N 124 
GLY CA  HA3  sing N N 125 
GLY C   O    doub N N 126 
GLY C   OXT  sing N N 127 
GLY OXT HXT  sing N N 128 
HIS N   CA   sing N N 129 
HIS N   H    sing N N 130 
HIS N   H2   sing N N 131 
HIS CA  C    sing N N 132 
HIS CA  CB   sing N N 133 
HIS CA  HA   sing N N 134 
HIS C   O    doub N N 135 
HIS C   OXT  sing N N 136 
HIS CB  CG   sing N N 137 
HIS CB  HB2  sing N N 138 
HIS CB  HB3  sing N N 139 
HIS CG  ND1  sing Y N 140 
HIS CG  CD2  doub Y N 141 
HIS ND1 CE1  doub Y N 142 
HIS ND1 HD1  sing N N 143 
HIS CD2 NE2  sing Y N 144 
HIS CD2 HD2  sing N N 145 
HIS CE1 NE2  sing Y N 146 
HIS CE1 HE1  sing N N 147 
HIS NE2 HE2  sing N N 148 
HIS OXT HXT  sing N N 149 
HOH O   H1   sing N N 150 
HOH O   H2   sing N N 151 
ILE N   CA   sing N N 152 
ILE N   H    sing N N 153 
ILE N   H2   sing N N 154 
ILE CA  C    sing N N 155 
ILE CA  CB   sing N N 156 
ILE CA  HA   sing N N 157 
ILE C   O    doub N N 158 
ILE C   OXT  sing N N 159 
ILE CB  CG1  sing N N 160 
ILE CB  CG2  sing N N 161 
ILE CB  HB   sing N N 162 
ILE CG1 CD1  sing N N 163 
ILE CG1 HG12 sing N N 164 
ILE CG1 HG13 sing N N 165 
ILE CG2 HG21 sing N N 166 
ILE CG2 HG22 sing N N 167 
ILE CG2 HG23 sing N N 168 
ILE CD1 HD11 sing N N 169 
ILE CD1 HD12 sing N N 170 
ILE CD1 HD13 sing N N 171 
ILE OXT HXT  sing N N 172 
LEU N   CA   sing N N 173 
LEU N   H    sing N N 174 
LEU N   H2   sing N N 175 
LEU CA  C    sing N N 176 
LEU CA  CB   sing N N 177 
LEU CA  HA   sing N N 178 
LEU C   O    doub N N 179 
LEU C   OXT  sing N N 180 
LEU CB  CG   sing N N 181 
LEU CB  HB2  sing N N 182 
LEU CB  HB3  sing N N 183 
LEU CG  CD1  sing N N 184 
LEU CG  CD2  sing N N 185 
LEU CG  HG   sing N N 186 
LEU CD1 HD11 sing N N 187 
LEU CD1 HD12 sing N N 188 
LEU CD1 HD13 sing N N 189 
LEU CD2 HD21 sing N N 190 
LEU CD2 HD22 sing N N 191 
LEU CD2 HD23 sing N N 192 
LEU OXT HXT  sing N N 193 
LYS N   CA   sing N N 194 
LYS N   H    sing N N 195 
LYS N   H2   sing N N 196 
LYS CA  C    sing N N 197 
LYS CA  CB   sing N N 198 
LYS CA  HA   sing N N 199 
LYS C   O    doub N N 200 
LYS C   OXT  sing N N 201 
LYS CB  CG   sing N N 202 
LYS CB  HB2  sing N N 203 
LYS CB  HB3  sing N N 204 
LYS CG  CD   sing N N 205 
LYS CG  HG2  sing N N 206 
LYS CG  HG3  sing N N 207 
LYS CD  CE   sing N N 208 
LYS CD  HD2  sing N N 209 
LYS CD  HD3  sing N N 210 
LYS CE  NZ   sing N N 211 
LYS CE  HE2  sing N N 212 
LYS CE  HE3  sing N N 213 
LYS NZ  HZ1  sing N N 214 
LYS NZ  HZ2  sing N N 215 
LYS NZ  HZ3  sing N N 216 
LYS OXT HXT  sing N N 217 
MET N   CA   sing N N 218 
MET N   H    sing N N 219 
MET N   H2   sing N N 220 
MET CA  C    sing N N 221 
MET CA  CB   sing N N 222 
MET CA  HA   sing N N 223 
MET C   O    doub N N 224 
MET C   OXT  sing N N 225 
MET CB  CG   sing N N 226 
MET CB  HB2  sing N N 227 
MET CB  HB3  sing N N 228 
MET CG  SD   sing N N 229 
MET CG  HG2  sing N N 230 
MET CG  HG3  sing N N 231 
MET SD  CE   sing N N 232 
MET CE  HE1  sing N N 233 
MET CE  HE2  sing N N 234 
MET CE  HE3  sing N N 235 
MET OXT HXT  sing N N 236 
PHE N   CA   sing N N 237 
PHE N   H    sing N N 238 
PHE N   H2   sing N N 239 
PHE CA  C    sing N N 240 
PHE CA  CB   sing N N 241 
PHE CA  HA   sing N N 242 
PHE C   O    doub N N 243 
PHE C   OXT  sing N N 244 
PHE CB  CG   sing N N 245 
PHE CB  HB2  sing N N 246 
PHE CB  HB3  sing N N 247 
PHE CG  CD1  doub Y N 248 
PHE CG  CD2  sing Y N 249 
PHE CD1 CE1  sing Y N 250 
PHE CD1 HD1  sing N N 251 
PHE CD2 CE2  doub Y N 252 
PHE CD2 HD2  sing N N 253 
PHE CE1 CZ   doub Y N 254 
PHE CE1 HE1  sing N N 255 
PHE CE2 CZ   sing Y N 256 
PHE CE2 HE2  sing N N 257 
PHE CZ  HZ   sing N N 258 
PHE OXT HXT  sing N N 259 
PRO N   CA   sing N N 260 
PRO N   CD   sing N N 261 
PRO N   H    sing N N 262 
PRO CA  C    sing N N 263 
PRO CA  CB   sing N N 264 
PRO CA  HA   sing N N 265 
PRO C   O    doub N N 266 
PRO C   OXT  sing N N 267 
PRO CB  CG   sing N N 268 
PRO CB  HB2  sing N N 269 
PRO CB  HB3  sing N N 270 
PRO CG  CD   sing N N 271 
PRO CG  HG2  sing N N 272 
PRO CG  HG3  sing N N 273 
PRO CD  HD2  sing N N 274 
PRO CD  HD3  sing N N 275 
PRO OXT HXT  sing N N 276 
SER N   CA   sing N N 277 
SER N   H    sing N N 278 
SER N   H2   sing N N 279 
SER CA  C    sing N N 280 
SER CA  CB   sing N N 281 
SER CA  HA   sing N N 282 
SER C   O    doub N N 283 
SER C   OXT  sing N N 284 
SER CB  OG   sing N N 285 
SER CB  HB2  sing N N 286 
SER CB  HB3  sing N N 287 
SER OG  HG   sing N N 288 
SER OXT HXT  sing N N 289 
THR N   CA   sing N N 290 
THR N   H    sing N N 291 
THR N   H2   sing N N 292 
THR CA  C    sing N N 293 
THR CA  CB   sing N N 294 
THR CA  HA   sing N N 295 
THR C   O    doub N N 296 
THR C   OXT  sing N N 297 
THR CB  OG1  sing N N 298 
THR CB  CG2  sing N N 299 
THR CB  HB   sing N N 300 
THR OG1 HG1  sing N N 301 
THR CG2 HG21 sing N N 302 
THR CG2 HG22 sing N N 303 
THR CG2 HG23 sing N N 304 
THR OXT HXT  sing N N 305 
TRP N   CA   sing N N 306 
TRP N   H    sing N N 307 
TRP N   H2   sing N N 308 
TRP CA  C    sing N N 309 
TRP CA  CB   sing N N 310 
TRP CA  HA   sing N N 311 
TRP C   O    doub N N 312 
TRP C   OXT  sing N N 313 
TRP CB  CG   sing N N 314 
TRP CB  HB2  sing N N 315 
TRP CB  HB3  sing N N 316 
TRP CG  CD1  doub Y N 317 
TRP CG  CD2  sing Y N 318 
TRP CD1 NE1  sing Y N 319 
TRP CD1 HD1  sing N N 320 
TRP CD2 CE2  doub Y N 321 
TRP CD2 CE3  sing Y N 322 
TRP NE1 CE2  sing Y N 323 
TRP NE1 HE1  sing N N 324 
TRP CE2 CZ2  sing Y N 325 
TRP CE3 CZ3  doub Y N 326 
TRP CE3 HE3  sing N N 327 
TRP CZ2 CH2  doub Y N 328 
TRP CZ2 HZ2  sing N N 329 
TRP CZ3 CH2  sing Y N 330 
TRP CZ3 HZ3  sing N N 331 
TRP CH2 HH2  sing N N 332 
TRP OXT HXT  sing N N 333 
TYR N   CA   sing N N 334 
TYR N   H    sing N N 335 
TYR N   H2   sing N N 336 
TYR CA  C    sing N N 337 
TYR CA  CB   sing N N 338 
TYR CA  HA   sing N N 339 
TYR C   O    doub N N 340 
TYR C   OXT  sing N N 341 
TYR CB  CG   sing N N 342 
TYR CB  HB2  sing N N 343 
TYR CB  HB3  sing N N 344 
TYR CG  CD1  doub Y N 345 
TYR CG  CD2  sing Y N 346 
TYR CD1 CE1  sing Y N 347 
TYR CD1 HD1  sing N N 348 
TYR CD2 CE2  doub Y N 349 
TYR CD2 HD2  sing N N 350 
TYR CE1 CZ   doub Y N 351 
TYR CE1 HE1  sing N N 352 
TYR CE2 CZ   sing Y N 353 
TYR CE2 HE2  sing N N 354 
TYR CZ  OH   sing N N 355 
TYR OH  HH   sing N N 356 
TYR OXT HXT  sing N N 357 
VAL N   CA   sing N N 358 
VAL N   H    sing N N 359 
VAL N   H2   sing N N 360 
VAL CA  C    sing N N 361 
VAL CA  CB   sing N N 362 
VAL CA  HA   sing N N 363 
VAL C   O    doub N N 364 
VAL C   OXT  sing N N 365 
VAL CB  CG1  sing N N 366 
VAL CB  CG2  sing N N 367 
VAL CB  HB   sing N N 368 
VAL CG1 HG11 sing N N 369 
VAL CG1 HG12 sing N N 370 
VAL CG1 HG13 sing N N 371 
VAL CG2 HG21 sing N N 372 
VAL CG2 HG22 sing N N 373 
VAL CG2 HG23 sing N N 374 
VAL OXT HXT  sing N N 375 
# 
_atom_sites.entry_id                    2FBI 
_atom_sites.fract_transf_matrix[1][1]   0.00280097 
_atom_sites.fract_transf_matrix[1][2]   -0.01227565 
_atom_sites.fract_transf_matrix[1][3]   -0.00519241 
_atom_sites.fract_transf_matrix[2][1]   0.01021139 
_atom_sites.fract_transf_matrix[2][2]   -0.00146416 
_atom_sites.fract_transf_matrix[2][3]   -0.00889315 
_atom_sites.fract_transf_matrix[3][1]   0.00689575 
_atom_sites.fract_transf_matrix[3][2]   -0.00190865 
_atom_sites.fract_transf_matrix[3][3]   0.00823215 
_atom_sites.fract_transf_vector[1]      0.597550 
_atom_sites.fract_transf_vector[2]      0.170869 
_atom_sites.fract_transf_vector[3]      -0.044102 
# 
loop_
_atom_type.symbol 
C 
N 
O 
S 
# 
loop_
_atom_site.group_PDB 
_atom_site.id 
_atom_site.type_symbol 
_atom_site.label_atom_id 
_atom_site.label_alt_id 
_atom_site.label_comp_id 
_atom_site.label_asym_id 
_atom_site.label_entity_id 
_atom_site.label_seq_id 
_atom_site.pdbx_PDB_ins_code 
_atom_site.Cartn_x 
_atom_site.Cartn_y 
_atom_site.Cartn_z 
_atom_site.occupancy 
_atom_site.B_iso_or_equiv 
_atom_site.pdbx_formal_charge 
_atom_site.auth_seq_id 
_atom_site.auth_comp_id 
_atom_site.auth_asym_id 
_atom_site.auth_atom_id 
_atom_site.pdbx_PDB_model_num 
ATOM   1    N N   A ARG A 1 7   ? 10.332  21.900  -19.185 0.50 47.25 ? 5   ARG A N   1 
ATOM   2    N N   B ARG A 1 7   ? 10.344  21.799  -19.277 0.50 47.70 ? 5   ARG A N   1 
ATOM   3    C CA  A ARG A 1 7   ? 9.280   21.296  -18.290 0.50 47.07 ? 5   ARG A CA  1 
ATOM   4    C CA  B ARG A 1 7   ? 9.326   21.362  -18.263 0.50 47.58 ? 5   ARG A CA  1 
ATOM   5    C C   A ARG A 1 7   ? 9.783   20.133  -17.412 0.50 46.71 ? 5   ARG A C   1 
ATOM   6    C C   B ARG A 1 7   ? 9.768   20.164  -17.410 0.50 46.97 ? 5   ARG A C   1 
ATOM   7    O O   A ARG A 1 7   ? 9.897   18.998  -17.896 0.50 46.90 ? 5   ARG A O   1 
ATOM   8    O O   B ARG A 1 7   ? 9.809   19.032  -17.910 0.50 47.14 ? 5   ARG A O   1 
ATOM   9    C CB  A ARG A 1 7   ? 8.049   20.856  -19.109 0.50 46.96 ? 5   ARG A CB  1 
ATOM   10   C CB  B ARG A 1 7   ? 7.991   21.052  -18.949 0.50 47.69 ? 5   ARG A CB  1 
ATOM   11   C CG  A ARG A 1 7   ? 8.347   20.236  -20.453 0.50 46.00 ? 5   ARG A CG  1 
ATOM   12   C CG  B ARG A 1 7   ? 6.961   22.174  -18.838 0.50 47.40 ? 5   ARG A CG  1 
ATOM   13   C CD  A ARG A 1 7   ? 7.470   19.008  -20.664 0.50 45.08 ? 5   ARG A CD  1 
ATOM   14   C CD  B ARG A 1 7   ? 5.624   21.664  -19.332 0.50 45.07 ? 5   ARG A CD  1 
ATOM   15   N NE  A ARG A 1 7   ? 7.937   18.136  -21.747 0.50 42.83 ? 5   ARG A NE  1 
ATOM   16   N NE  B ARG A 1 7   ? 4.586   22.691  -19.433 0.50 42.33 ? 5   ARG A NE  1 
ATOM   17   C CZ  A ARG A 1 7   ? 7.822   16.805  -21.742 0.50 41.29 ? 5   ARG A CZ  1 
ATOM   18   C CZ  B ARG A 1 7   ? 3.926   23.178  -18.392 0.50 41.88 ? 5   ARG A CZ  1 
ATOM   19   N NH1 A ARG A 1 7   ? 8.255   16.101  -22.773 0.50 39.89 ? 5   ARG A NH1 1 
ATOM   20   N NH1 B ARG A 1 7   ? 2.976   24.085  -18.573 0.50 44.09 ? 5   ARG A NH1 1 
ATOM   21   N NH2 A ARG A 1 7   ? 7.274   16.166  -20.715 0.50 38.89 ? 5   ARG A NH2 1 
ATOM   22   N NH2 B ARG A 1 7   ? 4.211   22.750  -17.170 0.50 40.11 ? 5   ARG A NH2 1 
ATOM   23   N N   . PRO A 1 8   ? 10.110  20.409  -16.122 1.00 46.07 ? 6   PRO A N   1 
ATOM   24   C CA  . PRO A 1 8   ? 10.421  19.293  -15.212 1.00 45.02 ? 6   PRO A CA  1 
ATOM   25   C C   . PRO A 1 8   ? 9.276   18.258  -15.180 1.00 42.92 ? 6   PRO A C   1 
ATOM   26   O O   . PRO A 1 8   ? 8.106   18.593  -15.516 1.00 43.49 ? 6   PRO A O   1 
ATOM   27   C CB  . PRO A 1 8   ? 10.630  19.970  -13.838 1.00 45.13 ? 6   PRO A CB  1 
ATOM   28   C CG  . PRO A 1 8   ? 10.129  21.353  -13.991 1.00 45.68 ? 6   PRO A CG  1 
ATOM   29   C CD  . PRO A 1 8   ? 10.251  21.710  -15.449 1.00 46.07 ? 6   PRO A CD  1 
ATOM   30   N N   . SER A 1 9   ? 9.621   17.017  -14.862 1.00 38.93 ? 7   SER A N   1 
ATOM   31   C CA  . SER A 1 9   ? 8.678   15.932  -14.989 1.00 35.23 ? 7   SER A CA  1 
ATOM   32   C C   . SER A 1 9   ? 7.985   15.794  -13.670 1.00 33.89 ? 7   SER A C   1 
ATOM   33   O O   . SER A 1 9   ? 8.609   15.407  -12.663 1.00 31.92 ? 7   SER A O   1 
ATOM   34   C CB  . SER A 1 9   ? 9.377   14.656  -15.363 1.00 35.66 ? 7   SER A CB  1 
ATOM   35   O OG  . SER A 1 9   ? 8.467   13.578  -15.352 1.00 35.86 ? 7   SER A OG  1 
ATOM   36   N N   . LEU A 1 10  ? 6.698   16.193  -13.646 1.00 31.34 ? 8   LEU A N   1 
ATOM   37   C CA  . LEU A 1 10  ? 5.841   15.912  -12.494 1.00 29.77 ? 8   LEU A CA  1 
ATOM   38   C C   . LEU A 1 10  ? 5.862   14.432  -12.086 1.00 28.79 ? 8   LEU A C   1 
ATOM   39   O O   . LEU A 1 10  ? 5.987   14.086  -10.912 1.00 28.34 ? 8   LEU A O   1 
ATOM   40   C CB  . LEU A 1 10  ? 4.391   16.237  -12.825 1.00 29.97 ? 8   LEU A CB  1 
ATOM   41   C CG  . LEU A 1 10  ? 3.404   16.004  -11.666 1.00 30.15 ? 8   LEU A CG  1 
ATOM   42   C CD1 . LEU A 1 10  ? 3.794   16.872  -10.464 1.00 32.32 ? 8   LEU A CD1 1 
ATOM   43   C CD2 . LEU A 1 10  ? 1.936   16.301  -12.095 1.00 29.18 ? 8   LEU A CD2 1 
ATOM   44   N N   . THR A 1 11  ? 5.695   13.554  -13.065 1.00 28.12 ? 9   THR A N   1 
ATOM   45   C CA  . THR A 1 11  ? 5.530   12.166  -12.749 1.00 27.52 ? 9   THR A CA  1 
ATOM   46   C C   . THR A 1 11  ? 6.872   11.492  -12.326 1.00 29.05 ? 9   THR A C   1 
ATOM   47   O O   . THR A 1 11  ? 6.882   10.658  -11.398 1.00 29.89 ? 9   THR A O   1 
ATOM   48   C CB  . THR A 1 11  ? 4.978   11.414  -13.961 1.00 28.53 ? 9   THR A CB  1 
ATOM   49   O OG1 . THR A 1 11  ? 5.828   11.686  -15.057 1.00 25.96 ? 9   THR A OG1 1 
ATOM   50   C CG2 . THR A 1 11  ? 3.521   11.873  -14.342 1.00 23.93 ? 9   THR A CG2 1 
ATOM   51   N N   . LEU A 1 12  ? 7.965   11.756  -13.037 1.00 28.48 ? 10  LEU A N   1 
ATOM   52   C CA  . LEU A 1 12  ? 9.279   11.272  -12.545 1.00 30.25 ? 10  LEU A CA  1 
ATOM   53   C C   . LEU A 1 12  ? 9.567   11.845  -11.154 1.00 29.59 ? 10  LEU A C   1 
ATOM   54   O O   . LEU A 1 12  ? 9.957   11.098  -10.249 1.00 29.70 ? 10  LEU A O   1 
ATOM   55   C CB  . LEU A 1 12  ? 10.399  11.571  -13.556 1.00 30.53 ? 10  LEU A CB  1 
ATOM   56   C CG  . LEU A 1 12  ? 11.865  11.127  -13.350 1.00 30.40 ? 10  LEU A CG  1 
ATOM   57   C CD1 . LEU A 1 12  ? 11.992  9.714   -12.819 1.00 28.68 ? 10  LEU A CD1 1 
ATOM   58   C CD2 . LEU A 1 12  ? 12.563  11.258  -14.755 1.00 33.80 ? 10  LEU A CD2 1 
ATOM   59   N N   . THR A 1 13  ? 9.259   13.128  -10.936 1.00 30.71 ? 11  THR A N   1 
ATOM   60   C CA  . THR A 1 13  ? 9.464   13.784  -9.607  1.00 31.90 ? 11  THR A CA  1 
ATOM   61   C C   . THR A 1 13  ? 8.624   13.164  -8.469  1.00 32.03 ? 11  THR A C   1 
ATOM   62   O O   . THR A 1 13  ? 9.109   12.974  -7.344  1.00 31.68 ? 11  THR A O   1 
ATOM   63   C CB  . THR A 1 13  ? 9.262   15.313  -9.703  1.00 32.64 ? 11  THR A CB  1 
ATOM   64   O OG1 . THR A 1 13  ? 10.245  15.818  -10.592 1.00 35.41 ? 11  THR A OG1 1 
ATOM   65   C CG2 . THR A 1 13  ? 9.438   16.028  -8.387  1.00 33.38 ? 11  THR A CG2 1 
ATOM   66   N N   . LEU A 1 14  ? 7.365   12.820  -8.755  1.00 30.79 ? 12  LEU A N   1 
ATOM   67   C CA  . LEU A 1 14  ? 6.554   12.008  -7.814  1.00 29.85 ? 12  LEU A CA  1 
ATOM   68   C C   . LEU A 1 14  ? 7.235   10.702  -7.376  1.00 29.05 ? 12  LEU A C   1 
ATOM   69   O O   . LEU A 1 14  ? 7.184   10.322  -6.223  1.00 28.92 ? 12  LEU A O   1 
ATOM   70   C CB  . LEU A 1 14  ? 5.196   11.647  -8.464  1.00 30.67 ? 12  LEU A CB  1 
ATOM   71   C CG  . LEU A 1 14  ? 4.213   12.839  -8.424  1.00 29.44 ? 12  LEU A CG  1 
ATOM   72   C CD1 . LEU A 1 14  ? 3.155   12.779  -9.547  1.00 28.38 ? 12  LEU A CD1 1 
ATOM   73   C CD2 . LEU A 1 14  ? 3.571   12.913  -7.080  1.00 25.25 ? 12  LEU A CD2 1 
ATOM   74   N N   . LEU A 1 15  ? 7.822   10.016  -8.333  1.00 28.22 ? 13  LEU A N   1 
ATOM   75   C CA  . LEU A 1 15  ? 8.452   8.747   -8.130  1.00 29.50 ? 13  LEU A CA  1 
ATOM   76   C C   . LEU A 1 15  ? 9.830   8.865   -7.355  1.00 29.68 ? 13  LEU A C   1 
ATOM   77   O O   . LEU A 1 15  ? 10.118  8.076   -6.450  1.00 30.96 ? 13  LEU A O   1 
ATOM   78   C CB  . LEU A 1 15  ? 8.615   8.164   -9.519  1.00 28.70 ? 13  LEU A CB  1 
ATOM   79   C CG  . LEU A 1 15  ? 8.393   6.705   -9.872  1.00 34.04 ? 13  LEU A CG  1 
ATOM   80   C CD1 . LEU A 1 15  ? 7.224   5.966   -9.139  1.00 33.49 ? 13  LEU A CD1 1 
ATOM   81   C CD2 . LEU A 1 15  ? 8.297   6.540   -11.385 1.00 28.37 ? 13  LEU A CD2 1 
ATOM   82   N N   . GLN A 1 16  ? 10.627  9.863   -7.685  1.00 29.56 ? 14  GLN A N   1 
ATOM   83   C CA  . GLN A 1 16  ? 11.857  10.205  -6.895  1.00 30.37 ? 14  GLN A CA  1 
ATOM   84   C C   . GLN A 1 16  ? 11.528  10.652  -5.469  1.00 30.93 ? 14  GLN A C   1 
ATOM   85   O O   . GLN A 1 16  ? 12.126  10.160  -4.518  1.00 30.60 ? 14  GLN A O   1 
ATOM   86   C CB  . GLN A 1 16  ? 12.680  11.270  -7.623  1.00 29.95 ? 14  GLN A CB  1 
ATOM   87   C CG  . GLN A 1 16  ? 13.145  10.862  -9.027  1.00 27.89 ? 14  GLN A CG  1 
ATOM   88   C CD  . GLN A 1 16  ? 13.689  12.051  -9.822  1.00 30.22 ? 14  GLN A CD  1 
ATOM   89   O OE1 . GLN A 1 16  ? 13.223  13.158  -9.677  1.00 34.45 ? 14  GLN A OE1 1 
ATOM   90   N NE2 . GLN A 1 16  ? 14.629  11.800  -10.709 1.00 29.71 ? 14  GLN A NE2 1 
ATOM   91   N N   . ALA A 1 17  ? 10.525  11.535  -5.297  1.00 31.35 ? 15  ALA A N   1 
ATOM   92   C CA  . ALA A 1 17  ? 10.037  11.813  -3.951  1.00 31.82 ? 15  ALA A CA  1 
ATOM   93   C C   . ALA A 1 17  ? 9.607   10.563  -3.183  1.00 32.29 ? 15  ALA A C   1 
ATOM   94   O O   . ALA A 1 17  ? 9.904   10.451  -1.988  1.00 32.60 ? 15  ALA A O   1 
ATOM   95   C CB  . ALA A 1 17  ? 8.939   12.874  -3.942  1.00 33.08 ? 15  ALA A CB  1 
ATOM   96   N N   . ARG A 1 18  ? 8.965   9.610   -3.860  1.00 31.35 ? 16  ARG A N   1 
ATOM   97   C CA  . ARG A 1 18  ? 8.564   8.364   -3.208  1.00 32.67 ? 16  ARG A CA  1 
ATOM   98   C C   . ARG A 1 18  ? 9.792   7.494   -2.823  1.00 32.55 ? 16  ARG A C   1 
ATOM   99   O O   . ARG A 1 18  ? 9.755   6.800   -1.802  1.00 34.05 ? 16  ARG A O   1 
ATOM   100  C CB  . ARG A 1 18  ? 7.581   7.537   -4.095  1.00 32.13 ? 16  ARG A CB  1 
ATOM   101  C CG  . ARG A 1 18  ? 7.163   6.174   -3.481  1.00 33.22 ? 16  ARG A CG  1 
ATOM   102  C CD  . ARG A 1 18  ? 6.555   5.122   -4.525  1.00 31.66 ? 16  ARG A CD  1 
ATOM   103  N NE  . ARG A 1 18  ? 6.307   3.821   -3.889  1.00 33.03 ? 16  ARG A NE  1 
ATOM   104  C CZ  . ARG A 1 18  ? 7.133   2.779   -3.977  1.00 33.92 ? 16  ARG A CZ  1 
ATOM   105  N NH1 . ARG A 1 18  ? 8.267   2.862   -4.667  1.00 39.71 ? 16  ARG A NH1 1 
ATOM   106  N NH2 . ARG A 1 18  ? 6.847   1.639   -3.386  1.00 30.78 ? 16  ARG A NH2 1 
ATOM   107  N N   . GLU A 1 19  ? 10.842  7.509   -3.639  1.00 32.36 ? 17  GLU A N   1 
ATOM   108  C CA  . GLU A 1 19  ? 12.094  6.745   -3.318  1.00 33.51 ? 17  GLU A CA  1 
ATOM   109  C C   . GLU A 1 19  ? 12.721  7.347   -2.090  1.00 32.88 ? 17  GLU A C   1 
ATOM   110  O O   . GLU A 1 19  ? 12.995  6.654   -1.144  1.00 32.83 ? 17  GLU A O   1 
ATOM   111  C CB  . GLU A 1 19  ? 13.094  6.760   -4.480  1.00 33.67 ? 17  GLU A CB  1 
ATOM   112  C CG  . GLU A 1 19  ? 12.699  5.905   -5.641  1.00 37.96 ? 17  GLU A CG  1 
ATOM   113  C CD  . GLU A 1 19  ? 12.598  4.417   -5.259  1.00 46.35 ? 17  GLU A CD  1 
ATOM   114  O OE1 . GLU A 1 19  ? 13.542  3.881   -4.607  1.00 48.66 ? 17  GLU A OE1 1 
ATOM   115  O OE2 . GLU A 1 19  ? 11.559  3.792   -5.583  1.00 47.83 ? 17  GLU A OE2 1 
ATOM   116  N N   . ALA A 1 20  ? 12.868  8.662   -2.077  1.00 33.97 ? 18  ALA A N   1 
ATOM   117  C CA  . ALA A 1 20  ? 13.226  9.373   -0.829  1.00 34.46 ? 18  ALA A CA  1 
ATOM   118  C C   . ALA A 1 20  ? 12.459  8.899   0.435   1.00 35.54 ? 18  ALA A C   1 
ATOM   119  O O   . ALA A 1 20  ? 13.071  8.407   1.375   1.00 36.17 ? 18  ALA A O   1 
ATOM   120  C CB  . ALA A 1 20  ? 13.125  10.849  -1.028  1.00 33.85 ? 18  ALA A CB  1 
ATOM   121  N N   . ALA A 1 21  ? 11.126  8.955   0.438   1.00 35.28 ? 19  ALA A N   1 
ATOM   122  C CA  . ALA A 1 21  ? 10.359  8.472   1.583   1.00 34.04 ? 19  ALA A CA  1 
ATOM   123  C C   . ALA A 1 21  ? 10.523  7.008   1.871   1.00 33.68 ? 19  ALA A C   1 
ATOM   124  O O   . ALA A 1 21  ? 10.540  6.618   3.060   1.00 33.29 ? 19  ALA A O   1 
ATOM   125  C CB  . ALA A 1 21  ? 8.830   8.803   1.402   1.00 35.57 ? 19  ALA A CB  1 
ATOM   126  N N   . MET A 1 22  ? 10.625  6.184   0.811   1.00 33.31 ? 20  MET A N   1 
ATOM   127  C CA  . MET A 1 22  ? 10.789  4.735   0.965   1.00 33.12 ? 20  MET A CA  1 
ATOM   128  C C   . MET A 1 22  ? 12.077  4.305   1.666   1.00 34.56 ? 20  MET A C   1 
ATOM   129  O O   . MET A 1 22  ? 12.118  3.227   2.260   1.00 34.47 ? 20  MET A O   1 
ATOM   130  C CB  . MET A 1 22  ? 10.624  3.921   -0.345  1.00 32.50 ? 20  MET A CB  1 
ATOM   131  C CG  . MET A 1 22  ? 9.168   3.777   -0.844  1.00 32.39 ? 20  MET A CG  1 
ATOM   132  S SD  . MET A 1 22  ? 8.014   2.892   0.232   1.00 33.52 ? 20  MET A SD  1 
ATOM   133  C CE  . MET A 1 22  ? 8.786   1.305   0.391   1.00 31.73 ? 20  MET A CE  1 
ATOM   134  N N   . SER A 1 23  ? 13.126  5.104   1.606   1.00 34.38 ? 21  SER A N   1 
ATOM   135  C CA  . SER A 1 23  ? 14.296  4.704   2.395   1.00 37.03 ? 21  SER A CA  1 
ATOM   136  C C   . SER A 1 23  ? 14.000  4.688   3.913   1.00 36.62 ? 21  SER A C   1 
ATOM   137  O O   . SER A 1 23  ? 14.632  3.969   4.665   1.00 35.93 ? 21  SER A O   1 
ATOM   138  C CB  . SER A 1 23  ? 15.533  5.539   2.055   1.00 36.56 ? 21  SER A CB  1 
ATOM   139  O OG  . SER A 1 23  ? 15.217  6.895   1.867   1.00 40.48 ? 21  SER A OG  1 
ATOM   140  N N   . PHE A 1 24  ? 12.982  5.439   4.344   1.00 36.63 ? 22  PHE A N   1 
ATOM   141  C CA  . PHE A 1 24  ? 12.531  5.372   5.750   1.00 35.24 ? 22  PHE A CA  1 
ATOM   142  C C   . PHE A 1 24  ? 11.753  4.122   6.120   1.00 34.52 ? 22  PHE A C   1 
ATOM   143  O O   . PHE A 1 24  ? 11.703  3.776   7.289   1.00 35.36 ? 22  PHE A O   1 
ATOM   144  C CB  . PHE A 1 24  ? 11.784  6.628   6.108   1.00 35.11 ? 22  PHE A CB  1 
ATOM   145  C CG  . PHE A 1 24  ? 12.660  7.834   6.134   1.00 37.73 ? 22  PHE A CG  1 
ATOM   146  C CD1 . PHE A 1 24  ? 13.250  8.264   7.341   1.00 41.01 ? 22  PHE A CD1 1 
ATOM   147  C CD2 . PHE A 1 24  ? 12.922  8.542   4.980   1.00 37.14 ? 22  PHE A CD2 1 
ATOM   148  C CE1 . PHE A 1 24  ? 14.065  9.388   7.370   1.00 38.19 ? 22  PHE A CE1 1 
ATOM   149  C CE2 . PHE A 1 24  ? 13.735  9.661   5.005   1.00 38.05 ? 22  PHE A CE2 1 
ATOM   150  C CZ  . PHE A 1 24  ? 14.311  10.077  6.214   1.00 38.98 ? 22  PHE A CZ  1 
ATOM   151  N N   . PHE A 1 25  ? 11.149  3.427   5.148   1.00 32.60 ? 23  PHE A N   1 
ATOM   152  C CA  . PHE A 1 25  ? 10.396  2.231   5.464   1.00 31.77 ? 23  PHE A CA  1 
ATOM   153  C C   . PHE A 1 25  ? 11.038  0.947   4.993   1.00 32.43 ? 23  PHE A C   1 
ATOM   154  O O   . PHE A 1 25  ? 10.650  -0.112  5.458   1.00 30.76 ? 23  PHE A O   1 
ATOM   155  C CB  . PHE A 1 25  ? 8.904   2.283   4.966   1.00 31.94 ? 23  PHE A CB  1 
ATOM   156  C CG  . PHE A 1 25  ? 8.190   3.604   5.303   1.00 31.51 ? 23  PHE A CG  1 
ATOM   157  C CD1 . PHE A 1 25  ? 7.589   3.792   6.566   1.00 26.75 ? 23  PHE A CD1 1 
ATOM   158  C CD2 . PHE A 1 25  ? 8.158   4.633   4.382   1.00 26.85 ? 23  PHE A CD2 1 
ATOM   159  C CE1 . PHE A 1 25  ? 7.032   5.006   6.916   1.00 27.10 ? 23  PHE A CE1 1 
ATOM   160  C CE2 . PHE A 1 25  ? 7.562   5.854   4.720   1.00 28.61 ? 23  PHE A CE2 1 
ATOM   161  C CZ  . PHE A 1 25  ? 6.996   6.018   5.994   1.00 28.40 ? 23  PHE A CZ  1 
ATOM   162  N N   . ARG A 1 26  ? 11.944  0.977   4.022   1.00 34.01 ? 24  ARG A N   1 
ATOM   163  C CA  . ARG A 1 26  ? 12.325  -0.361  3.466   1.00 36.40 ? 24  ARG A CA  1 
ATOM   164  C C   . ARG A 1 26  ? 13.015  -1.235  4.524   1.00 36.00 ? 24  ARG A C   1 
ATOM   165  O O   . ARG A 1 26  ? 12.754  -2.448  4.590   1.00 37.97 ? 24  ARG A O   1 
ATOM   166  C CB  . ARG A 1 26  ? 13.138  -0.267  2.172   1.00 37.92 ? 24  ARG A CB  1 
ATOM   167  C CG  . ARG A 1 26  ? 12.259  -0.013  0.925   1.00 39.89 ? 24  ARG A CG  1 
ATOM   168  C CD  . ARG A 1 26  ? 12.989  -0.320  -0.372  1.00 42.63 ? 24  ARG A CD  1 
ATOM   169  N NE  . ARG A 1 26  ? 12.168  0.095   -1.504  1.00 42.51 ? 24  ARG A NE  1 
ATOM   170  C CZ  . ARG A 1 26  ? 12.359  1.211   -2.211  1.00 43.41 ? 24  ARG A CZ  1 
ATOM   171  N NH1 . ARG A 1 26  ? 11.537  1.504   -3.215  1.00 44.39 ? 24  ARG A NH1 1 
ATOM   172  N NH2 . ARG A 1 26  ? 13.358  2.030   -1.928  1.00 40.74 ? 24  ARG A NH2 1 
ATOM   173  N N   . PRO A 1 27  ? 13.841  -0.622  5.393   1.00 35.80 ? 25  PRO A N   1 
ATOM   174  C CA  . PRO A 1 27  ? 14.463  -1.460  6.450   1.00 36.28 ? 25  PRO A CA  1 
ATOM   175  C C   . PRO A 1 27  ? 13.491  -2.164  7.335   1.00 35.73 ? 25  PRO A C   1 
ATOM   176  O O   . PRO A 1 27  ? 13.625  -3.373  7.510   1.00 37.42 ? 25  PRO A O   1 
ATOM   177  C CB  . PRO A 1 27  ? 15.354  -0.476  7.193   1.00 36.42 ? 25  PRO A CB  1 
ATOM   178  C CG  . PRO A 1 27  ? 15.689  0.518   6.183   1.00 36.88 ? 25  PRO A CG  1 
ATOM   179  C CD  . PRO A 1 27  ? 14.367  0.747   5.461   1.00 35.53 ? 25  PRO A CD  1 
ATOM   180  N N   . SER A 1 28  ? 12.450  -1.505  7.828   1.00 35.61 ? 26  SER A N   1 
ATOM   181  C CA  . SER A 1 28  ? 11.465  -2.255  8.635   1.00 36.52 ? 26  SER A CA  1 
ATOM   182  C C   . SER A 1 28  ? 10.705  -3.348  7.867   1.00 37.31 ? 26  SER A C   1 
ATOM   183  O O   . SER A 1 28  ? 10.324  -4.381  8.437   1.00 36.95 ? 26  SER A O   1 
ATOM   184  C CB  . SER A 1 28  ? 10.449  -1.336  9.311   1.00 36.37 ? 26  SER A CB  1 
ATOM   185  O OG  . SER A 1 28  ? 10.999  -0.030  9.439   1.00 38.60 ? 26  SER A OG  1 
ATOM   186  N N   . LEU A 1 29  ? 10.411  -3.065  6.607   1.00 37.63 ? 27  LEU A N   1 
ATOM   187  C CA  . LEU A 1 29  ? 9.901   -4.087  5.716   1.00 38.44 ? 27  LEU A CA  1 
ATOM   188  C C   . LEU A 1 29  ? 11.040  -5.079  5.419   1.00 38.53 ? 27  LEU A C   1 
ATOM   189  O O   . LEU A 1 29  ? 10.800  -6.228  5.490   1.00 38.25 ? 27  LEU A O   1 
ATOM   190  C CB  . LEU A 1 29  ? 9.351   -3.479  4.401   1.00 37.67 ? 27  LEU A CB  1 
ATOM   191  C CG  . LEU A 1 29  ? 8.289   -2.356  4.446   1.00 35.09 ? 27  LEU A CG  1 
ATOM   192  C CD1 . LEU A 1 29  ? 8.172   -1.713  3.106   1.00 37.44 ? 27  LEU A CD1 1 
ATOM   193  C CD2 . LEU A 1 29  ? 6.939   -2.897  4.941   1.00 35.72 ? 27  LEU A CD2 1 
ATOM   194  N N   . ASN A 1 30  ? 12.244  -4.638  5.043   1.00 41.45 ? 28  ASN A N   1 
ATOM   195  C CA  . ASN A 1 30  ? 13.420  -5.566  5.015   1.00 44.77 ? 28  ASN A CA  1 
ATOM   196  C C   . ASN A 1 30  ? 13.341  -6.397  6.309   1.00 46.93 ? 28  ASN A C   1 
ATOM   197  O O   . ASN A 1 30  ? 12.913  -7.576  6.292   1.00 49.07 ? 28  ASN A O   1 
ATOM   198  C CB  . ASN A 1 30  ? 14.779  -4.801  4.915   1.00 45.08 ? 28  ASN A CB  1 
ATOM   199  C CG  . ASN A 1 30  ? 15.041  -4.181  3.517   1.00 45.96 ? 28  ASN A CG  1 
ATOM   200  O OD1 . ASN A 1 30  ? 14.301  -4.443  2.567   1.00 46.48 ? 28  ASN A OD1 1 
ATOM   201  N ND2 . ASN A 1 30  ? 16.082  -3.352  3.400   1.00 42.52 ? 28  ASN A ND2 1 
ATOM   202  N N   . GLN A 1 31  ? 13.586  -5.740  7.456   1.00 47.82 ? 29  GLN A N   1 
ATOM   203  C CA  . GLN A 1 31  ? 13.508  -6.408  8.806   1.00 48.24 ? 29  GLN A CA  1 
ATOM   204  C C   . GLN A 1 31  ? 12.310  -7.287  9.078   1.00 47.14 ? 29  GLN A C   1 
ATOM   205  O O   . GLN A 1 31  ? 12.394  -8.184  9.897   1.00 47.31 ? 29  GLN A O   1 
ATOM   206  C CB  . GLN A 1 31  ? 13.706  -5.423  9.993   1.00 48.52 ? 29  GLN A CB  1 
ATOM   207  C CG  . GLN A 1 31  ? 15.165  -5.043  10.248  1.00 50.75 ? 29  GLN A CG  1 
ATOM   208  C CD  . GLN A 1 31  ? 15.362  -3.554  10.615  1.00 55.64 ? 29  GLN A CD  1 
ATOM   209  O OE1 . GLN A 1 31  ? 14.494  -2.914  11.251  1.00 55.42 ? 29  GLN A OE1 1 
ATOM   210  N NE2 . GLN A 1 31  ? 16.513  -3.000  10.212  1.00 56.72 ? 29  GLN A NE2 1 
ATOM   211  N N   . HIS A 1 32  ? 11.188  -7.067  8.411   1.00 47.03 ? 30  HIS A N   1 
ATOM   212  C CA  . HIS A 1 32  ? 9.984   -7.882  8.746   1.00 46.33 ? 30  HIS A CA  1 
ATOM   213  C C   . HIS A 1 32  ? 9.739   -8.933  7.646   1.00 45.62 ? 30  HIS A C   1 
ATOM   214  O O   . HIS A 1 32  ? 8.768   -9.695  7.670   1.00 45.08 ? 30  HIS A O   1 
ATOM   215  C CB  . HIS A 1 32  ? 8.743   -7.011  8.895   1.00 47.28 ? 30  HIS A CB  1 
ATOM   216  C CG  . HIS A 1 32  ? 8.553   -6.414  10.259  1.00 49.59 ? 30  HIS A CG  1 
ATOM   217  N ND1 . HIS A 1 32  ? 7.532   -6.803  11.102  1.00 49.29 ? 30  HIS A ND1 1 
ATOM   218  C CD2 . HIS A 1 32  ? 9.220   -5.428  10.909  1.00 50.38 ? 30  HIS A CD2 1 
ATOM   219  C CE1 . HIS A 1 32  ? 7.584   -6.092  12.216  1.00 49.91 ? 30  HIS A CE1 1 
ATOM   220  N NE2 . HIS A 1 32  ? 8.597   -5.249  12.124  1.00 49.12 ? 30  HIS A NE2 1 
ATOM   221  N N   . GLY A 1 33  ? 10.649  -8.975  6.690   1.00 45.28 ? 31  GLY A N   1 
ATOM   222  C CA  . GLY A 1 33  ? 10.458  -9.851  5.549   1.00 45.93 ? 31  GLY A CA  1 
ATOM   223  C C   . GLY A 1 33  ? 9.154   -9.604  4.794   1.00 45.49 ? 31  GLY A C   1 
ATOM   224  O O   . GLY A 1 33  ? 8.319   -10.539 4.657   1.00 45.09 ? 31  GLY A O   1 
ATOM   225  N N   . LEU A 1 34  ? 8.973   -8.334  4.367   1.00 43.81 ? 32  LEU A N   1 
ATOM   226  C CA  . LEU A 1 34  ? 8.054   -8.020  3.285   1.00 41.42 ? 32  LEU A CA  1 
ATOM   227  C C   . LEU A 1 34  ? 8.504   -7.055  2.228   1.00 39.63 ? 32  LEU A C   1 
ATOM   228  O O   . LEU A 1 34  ? 9.334   -6.147  2.466   1.00 38.99 ? 32  LEU A O   1 
ATOM   229  C CB  . LEU A 1 34  ? 6.598   -7.792  3.697   1.00 42.12 ? 32  LEU A CB  1 
ATOM   230  C CG  . LEU A 1 34  ? 5.771   -7.341  4.864   1.00 43.86 ? 32  LEU A CG  1 
ATOM   231  C CD1 . LEU A 1 34  ? 4.734   -8.469  5.068   1.00 45.65 ? 32  LEU A CD1 1 
ATOM   232  C CD2 . LEU A 1 34  ? 6.538   -7.097  6.119   1.00 49.75 ? 32  LEU A CD2 1 
ATOM   233  N N   . THR A 1 35  ? 7.939   -7.291  1.035   1.00 36.30 ? 33  THR A N   1 
ATOM   234  C CA  . THR A 1 35  ? 8.138   -6.426  -0.081  1.00 33.74 ? 33  THR A CA  1 
ATOM   235  C C   . THR A 1 35  ? 7.166   -5.288  0.080   1.00 31.51 ? 33  THR A C   1 
ATOM   236  O O   . THR A 1 35  ? 6.132   -5.441  0.681   1.00 31.87 ? 33  THR A O   1 
ATOM   237  C CB  . THR A 1 35  ? 7.902   -7.169  -1.451  1.00 34.74 ? 33  THR A CB  1 
ATOM   238  O OG1 . THR A 1 35  ? 6.513   -7.553  -1.590  1.00 31.64 ? 33  THR A OG1 1 
ATOM   239  C CG2 . THR A 1 35  ? 8.743   -8.451  -1.522  1.00 34.21 ? 33  THR A CG2 1 
ATOM   240  N N   . GLU A 1 36  ? 7.514   -4.142  -0.466  1.00 31.31 ? 34  GLU A N   1 
ATOM   241  C CA  . GLU A 1 36  ? 6.637   -3.021  -0.505  1.00 31.84 ? 34  GLU A CA  1 
ATOM   242  C C   . GLU A 1 36  ? 5.267   -3.275  -1.237  1.00 30.94 ? 34  GLU A C   1 
ATOM   243  O O   . GLU A 1 36  ? 4.244   -2.658  -0.865  1.00 30.28 ? 34  GLU A O   1 
ATOM   244  C CB  . GLU A 1 36  ? 7.395   -1.819  -1.029  1.00 33.01 ? 34  GLU A CB  1 
ATOM   245  C CG  . GLU A 1 36  ? 7.923   -1.982  -2.428  1.00 36.33 ? 34  GLU A CG  1 
ATOM   246  C CD  . GLU A 1 36  ? 9.258   -1.264  -2.582  1.00 41.88 ? 34  GLU A CD  1 
ATOM   247  O OE1 . GLU A 1 36  ? 10.216  -1.655  -1.858  1.00 43.19 ? 34  GLU A OE1 1 
ATOM   248  O OE2 . GLU A 1 36  ? 9.344   -0.289  -3.372  1.00 44.39 ? 34  GLU A OE2 1 
ATOM   249  N N   A GLN A 1 37  ? 5.272   -4.204  -2.188  0.50 30.12 ? 35  GLN A N   1 
ATOM   250  N N   B GLN A 1 37  ? 5.271   -4.165  -2.254  0.50 30.55 ? 35  GLN A N   1 
ATOM   251  C CA  A GLN A 1 37  ? 4.132   -4.487  -3.025  0.50 28.70 ? 35  GLN A CA  1 
ATOM   252  C CA  B GLN A 1 37  ? 4.076   -4.526  -3.043  0.50 29.87 ? 35  GLN A CA  1 
ATOM   253  C C   A GLN A 1 37  ? 3.146   -5.303  -2.193  0.50 28.61 ? 35  GLN A C   1 
ATOM   254  C C   B GLN A 1 37  ? 3.144   -5.238  -2.112  0.50 29.06 ? 35  GLN A C   1 
ATOM   255  O O   A GLN A 1 37  ? 1.926   -5.075  -2.247  0.50 28.36 ? 35  GLN A O   1 
ATOM   256  O O   B GLN A 1 37  ? 1.952   -4.908  -2.054  0.50 28.90 ? 35  GLN A O   1 
ATOM   257  C CB  A GLN A 1 37  ? 4.599   -5.250  -4.273  0.50 28.92 ? 35  GLN A CB  1 
ATOM   258  C CB  B GLN A 1 37  ? 4.362   -5.512  -4.200  0.50 29.32 ? 35  GLN A CB  1 
ATOM   259  C CG  A GLN A 1 37  ? 5.584   -4.443  -5.221  0.50 29.52 ? 35  GLN A CG  1 
ATOM   260  C CG  B GLN A 1 37  ? 4.924   -4.924  -5.500  0.50 31.45 ? 35  GLN A CG  1 
ATOM   261  C CD  A GLN A 1 37  ? 7.108   -4.430  -4.853  0.50 29.16 ? 35  GLN A CD  1 
ATOM   262  C CD  B GLN A 1 37  ? 5.064   -5.964  -6.651  0.50 31.21 ? 35  GLN A CD  1 
ATOM   263  O OE1 A GLN A 1 37  ? 7.655   -5.287  -4.135  0.50 27.95 ? 35  GLN A OE1 1 
ATOM   264  O OE1 B GLN A 1 37  ? 5.371   -7.170  -6.447  0.50 31.57 ? 35  GLN A OE1 1 
ATOM   265  N NE2 A GLN A 1 37  ? 7.789   -3.447  -5.401  0.50 31.42 ? 35  GLN A NE2 1 
ATOM   266  N NE2 B GLN A 1 37  ? 4.865   -5.482  -7.863  0.50 31.56 ? 35  GLN A NE2 1 
ATOM   267  N N   . GLN A 1 38  ? 3.676   -6.253  -1.424  1.00 27.31 ? 36  GLN A N   1 
ATOM   268  C CA  . GLN A 1 38  ? 2.922   -6.917  -0.380  1.00 27.54 ? 36  GLN A CA  1 
ATOM   269  C C   . GLN A 1 38  ? 2.321   -5.947  0.638   1.00 25.64 ? 36  GLN A C   1 
ATOM   270  O O   . GLN A 1 38  ? 1.182   -6.090  0.985   1.00 25.62 ? 36  GLN A O   1 
ATOM   271  C CB  . GLN A 1 38  ? 3.821   -7.912  0.382   1.00 27.56 ? 36  GLN A CB  1 
ATOM   272  C CG  . GLN A 1 38  ? 4.084   -9.209  -0.402  1.00 29.53 ? 36  GLN A CG  1 
ATOM   273  C CD  . GLN A 1 38  ? 5.191   -10.019 0.249   1.00 36.67 ? 36  GLN A CD  1 
ATOM   274  O OE1 . GLN A 1 38  ? 5.986   -9.479  1.017   1.00 39.80 ? 36  GLN A OE1 1 
ATOM   275  N NE2 . GLN A 1 38  ? 5.221   -11.316 -0.013  1.00 37.97 ? 36  GLN A NE2 1 
ATOM   276  N N   . TRP A 1 39  ? 3.137   -5.013  1.135   1.00 26.15 ? 37  TRP A N   1 
ATOM   277  C CA  . TRP A 1 39  ? 2.763   -4.078  2.181   1.00 25.81 ? 37  TRP A CA  1 
ATOM   278  C C   . TRP A 1 39  ? 1.631   -3.121  1.644   1.00 26.00 ? 37  TRP A C   1 
ATOM   279  O O   . TRP A 1 39  ? 0.704   -2.806  2.383   1.00 23.30 ? 37  TRP A O   1 
ATOM   280  C CB  . TRP A 1 39  ? 3.976   -3.265  2.654   1.00 26.71 ? 37  TRP A CB  1 
ATOM   281  C CG  . TRP A 1 39  ? 3.609   -2.301  3.815   1.00 28.99 ? 37  TRP A CG  1 
ATOM   282  C CD1 . TRP A 1 39  ? 3.674   -0.925  3.819   1.00 29.89 ? 37  TRP A CD1 1 
ATOM   283  C CD2 . TRP A 1 39  ? 3.022   -2.679  5.081   1.00 29.24 ? 37  TRP A CD2 1 
ATOM   284  N NE1 . TRP A 1 39  ? 3.195   -0.438  5.039   1.00 30.49 ? 37  TRP A NE1 1 
ATOM   285  C CE2 . TRP A 1 39  ? 2.791   -1.491  5.817   1.00 30.33 ? 37  TRP A CE2 1 
ATOM   286  C CE3 . TRP A 1 39  ? 2.682   -3.917  5.658   1.00 30.42 ? 37  TRP A CE3 1 
ATOM   287  C CZ2 . TRP A 1 39  ? 2.261   -1.502  7.128   1.00 30.42 ? 37  TRP A CZ2 1 
ATOM   288  C CZ3 . TRP A 1 39  ? 2.122   -3.937  6.944   1.00 32.28 ? 37  TRP A CZ3 1 
ATOM   289  C CH2 . TRP A 1 39  ? 1.901   -2.726  7.659   1.00 31.77 ? 37  TRP A CH2 1 
ATOM   290  N N   . ARG A 1 40  ? 1.739   -2.668  0.369   1.00 26.10 ? 38  ARG A N   1 
ATOM   291  C CA  . ARG A 1 40  ? 0.640   -1.884  -0.274  1.00 26.21 ? 38  ARG A CA  1 
ATOM   292  C C   . ARG A 1 40  ? -0.673  -2.589  -0.273  1.00 25.05 ? 38  ARG A C   1 
ATOM   293  O O   . ARG A 1 40  ? -1.714  -1.993  -0.013  1.00 27.17 ? 38  ARG A O   1 
ATOM   294  C CB  . ARG A 1 40  ? 0.950   -1.436  -1.728  1.00 25.80 ? 38  ARG A CB  1 
ATOM   295  C CG  . ARG A 1 40  ? 2.144   -0.508  -1.755  1.00 24.51 ? 38  ARG A CG  1 
ATOM   296  C CD  . ARG A 1 40  ? 2.280   0.422   -2.983  1.00 28.02 ? 38  ARG A CD  1 
ATOM   297  N NE  . ARG A 1 40  ? 2.415   -0.291  -4.242  1.00 30.31 ? 38  ARG A NE  1 
ATOM   298  C CZ  . ARG A 1 40  ? 3.545   -0.765  -4.760  1.00 36.71 ? 38  ARG A CZ  1 
ATOM   299  N NH1 . ARG A 1 40  ? 3.482   -1.360  -5.951  1.00 36.75 ? 38  ARG A NH1 1 
ATOM   300  N NH2 . ARG A 1 40  ? 4.725   -0.693  -4.109  1.00 32.84 ? 38  ARG A NH2 1 
ATOM   301  N N   . VAL A 1 41  ? -0.638  -3.837  -0.672  1.00 24.11 ? 39  VAL A N   1 
ATOM   302  C CA  . VAL A 1 41  ? -1.781  -4.681  -0.651  1.00 24.22 ? 39  VAL A CA  1 
ATOM   303  C C   . VAL A 1 41  ? -2.351  -4.838  0.789   1.00 24.28 ? 39  VAL A C   1 
ATOM   304  O O   . VAL A 1 41  ? -3.544  -4.609  1.058   1.00 24.38 ? 39  VAL A O   1 
ATOM   305  C CB  . VAL A 1 41  ? -1.415  -6.048  -1.291  1.00 23.96 ? 39  VAL A CB  1 
ATOM   306  C CG1 . VAL A 1 41  ? -2.501  -7.022  -1.073  1.00 21.84 ? 39  VAL A CG1 1 
ATOM   307  C CG2 . VAL A 1 41  ? -1.240  -5.882  -2.816  1.00 26.16 ? 39  VAL A CG2 1 
ATOM   308  N N   . ILE A 1 42  ? -1.485  -5.178  1.725   1.00 22.87 ? 40  ILE A N   1 
ATOM   309  C CA  . ILE A 1 42  ? -1.911  -5.281  3.133   1.00 23.89 ? 40  ILE A CA  1 
ATOM   310  C C   . ILE A 1 42  ? -2.528  -3.960  3.618   1.00 23.72 ? 40  ILE A C   1 
ATOM   311  O O   . ILE A 1 42  ? -3.613  -3.957  4.200   1.00 22.43 ? 40  ILE A O   1 
ATOM   312  C CB  . ILE A 1 42  ? -0.690  -5.687  4.032   1.00 23.81 ? 40  ILE A CB  1 
ATOM   313  C CG1 . ILE A 1 42  ? -0.291  -7.124  3.722   1.00 21.74 ? 40  ILE A CG1 1 
ATOM   314  C CG2 . ILE A 1 42  ? -1.054  -5.508  5.522   1.00 22.19 ? 40  ILE A CG2 1 
ATOM   315  C CD1 . ILE A 1 42  ? 1.083   -7.551  4.251   1.00 24.35 ? 40  ILE A CD1 1 
ATOM   316  N N   . ARG A 1 43  ? -1.852  -2.847  3.336   1.00 23.70 ? 41  ARG A N   1 
ATOM   317  C CA  . ARG A 1 43  ? -2.353  -1.527  3.715   1.00 26.24 ? 41  ARG A CA  1 
ATOM   318  C C   . ARG A 1 43  ? -3.754  -1.228  3.168   1.00 25.46 ? 41  ARG A C   1 
ATOM   319  O O   . ARG A 1 43  ? -4.591  -0.667  3.875   1.00 24.00 ? 41  ARG A O   1 
ATOM   320  C CB  . ARG A 1 43  ? -1.428  -0.419  3.210   1.00 26.29 ? 41  ARG A CB  1 
ATOM   321  C CG  . ARG A 1 43  ? -0.130  -0.239  3.995   1.00 28.60 ? 41  ARG A CG  1 
ATOM   322  C CD  . ARG A 1 43  ? -0.452  0.504   5.239   1.00 27.01 ? 41  ARG A CD  1 
ATOM   323  N NE  . ARG A 1 43  ? 0.044   1.866   5.226   1.00 27.20 ? 41  ARG A NE  1 
ATOM   324  C CZ  . ARG A 1 43  ? -0.529  2.882   5.871   1.00 32.00 ? 41  ARG A CZ  1 
ATOM   325  N NH1 . ARG A 1 43  ? 0.040   4.054   5.832   1.00 26.95 ? 41  ARG A NH1 1 
ATOM   326  N NH2 . ARG A 1 43  ? -1.685  2.738   6.520   1.00 31.34 ? 41  ARG A NH2 1 
ATOM   327  N N   . ILE A 1 44  ? -3.992  -1.547  1.892   1.00 25.04 ? 42  ILE A N   1 
ATOM   328  C CA  . ILE A 1 44  ? -5.337  -1.270  1.281   1.00 23.93 ? 42  ILE A CA  1 
ATOM   329  C C   . ILE A 1 44  ? -6.391  -2.191  1.829   1.00 22.33 ? 42  ILE A C   1 
ATOM   330  O O   . ILE A 1 44  ? -7.500  -1.807  2.104   1.00 21.45 ? 42  ILE A O   1 
ATOM   331  C CB  . ILE A 1 44  ? -5.281  -1.404  -0.284  1.00 25.18 ? 42  ILE A CB  1 
ATOM   332  C CG1 . ILE A 1 44  ? -4.532  -0.197  -0.857  1.00 28.96 ? 42  ILE A CG1 1 
ATOM   333  C CG2 . ILE A 1 44  ? -6.711  -1.488  -0.899  1.00 24.33 ? 42  ILE A CG2 1 
ATOM   334  C CD1 . ILE A 1 44  ? -3.666  -0.581  -1.978  1.00 34.35 ? 42  ILE A CD1 1 
ATOM   335  N N   . LEU A 1 45  ? -6.060  -3.449  1.956   1.00 21.51 ? 43  LEU A N   1 
ATOM   336  C CA  . LEU A 1 45  ? -7.017  -4.391  2.499   1.00 21.01 ? 43  LEU A CA  1 
ATOM   337  C C   . LEU A 1 45  ? -7.342  -4.104  4.015   1.00 21.29 ? 43  LEU A C   1 
ATOM   338  O O   . LEU A 1 45  ? -8.469  -4.291  4.485   1.00 20.58 ? 43  LEU A O   1 
ATOM   339  C CB  . LEU A 1 45  ? -6.448  -5.790  2.297   1.00 21.18 ? 43  LEU A CB  1 
ATOM   340  C CG  . LEU A 1 45  ? -6.428  -6.396  0.877   1.00 22.05 ? 43  LEU A CG  1 
ATOM   341  C CD1 . LEU A 1 45  ? -5.791  -7.794  0.905   1.00 17.22 ? 43  LEU A CD1 1 
ATOM   342  C CD2 . LEU A 1 45  ? -7.901  -6.460  0.255   1.00 19.40 ? 43  LEU A CD2 1 
ATOM   343  N N   . ARG A 1 46  ? -6.357  -3.610  4.745   1.00 21.47 ? 44  ARG A N   1 
ATOM   344  C CA  . ARG A 1 46  ? -6.581  -3.134  6.124   1.00 22.59 ? 44  ARG A CA  1 
ATOM   345  C C   . ARG A 1 46  ? -7.572  -1.979  6.169   1.00 25.03 ? 44  ARG A C   1 
ATOM   346  O O   . ARG A 1 46  ? -8.623  -2.067  6.788   1.00 26.24 ? 44  ARG A O   1 
ATOM   347  C CB  . ARG A 1 46  ? -5.239  -2.715  6.732   1.00 21.89 ? 44  ARG A CB  1 
ATOM   348  C CG  . ARG A 1 46  ? -5.310  -2.119  8.153   1.00 21.36 ? 44  ARG A CG  1 
ATOM   349  C CD  . ARG A 1 46  ? -5.890  -3.055  9.240   1.00 18.88 ? 44  ARG A CD  1 
ATOM   350  N NE  . ARG A 1 46  ? -5.756  -2.328  10.544  1.00 20.18 ? 44  ARG A NE  1 
ATOM   351  C CZ  . ARG A 1 46  ? -5.717  -2.904  11.745  1.00 21.34 ? 44  ARG A CZ  1 
ATOM   352  N NH1 . ARG A 1 46  ? -5.603  -2.136  12.820  1.00 20.85 ? 44  ARG A NH1 1 
ATOM   353  N NH2 . ARG A 1 46  ? -5.816  -4.226  11.886  1.00 18.57 ? 44  ARG A NH2 1 
ATOM   354  N N   . GLN A 1 47  ? -7.249  -0.910  5.454   1.00 26.24 ? 45  GLN A N   1 
ATOM   355  C CA  . GLN A 1 47  ? -8.026  0.297   5.461   1.00 28.48 ? 45  GLN A CA  1 
ATOM   356  C C   . GLN A 1 47  ? -9.396  0.171   4.795   1.00 27.47 ? 45  GLN A C   1 
ATOM   357  O O   . GLN A 1 47  ? -10.374 0.716   5.308   1.00 27.54 ? 45  GLN A O   1 
ATOM   358  C CB  . GLN A 1 47  ? -7.184  1.442   4.861   1.00 28.26 ? 45  GLN A CB  1 
ATOM   359  C CG  . GLN A 1 47  ? -7.788  2.880   4.927   1.00 34.34 ? 45  GLN A CG  1 
ATOM   360  C CD  . GLN A 1 47  ? -8.230  3.340   6.322   1.00 40.58 ? 45  GLN A CD  1 
ATOM   361  O OE1 . GLN A 1 47  ? -7.653  2.945   7.364   1.00 43.41 ? 45  GLN A OE1 1 
ATOM   362  N NE2 . GLN A 1 47  ? -9.288  4.162   6.350   1.00 37.71 ? 45  GLN A NE2 1 
ATOM   363  N N   . GLN A 1 48  ? -9.468  -0.559  3.683   1.00 27.96 ? 46  GLN A N   1 
ATOM   364  C CA  . GLN A 1 48  ? -10.671 -0.598  2.852   1.00 28.04 ? 46  GLN A CA  1 
ATOM   365  C C   . GLN A 1 48  ? -11.491 -1.855  3.053   1.00 28.00 ? 46  GLN A C   1 
ATOM   366  O O   . GLN A 1 48  ? -12.638 -1.912  2.580   1.00 27.85 ? 46  GLN A O   1 
ATOM   367  C CB  . GLN A 1 48  ? -10.341 -0.332  1.348   1.00 28.61 ? 46  GLN A CB  1 
ATOM   368  C CG  . GLN A 1 48  ? -9.859  1.099   1.161   1.00 35.17 ? 46  GLN A CG  1 
ATOM   369  C CD  . GLN A 1 48  ? -9.830  1.544   -0.270  1.00 42.33 ? 46  GLN A CD  1 
ATOM   370  O OE1 . GLN A 1 48  ? -10.823 1.412   -0.987  1.00 44.91 ? 46  GLN A OE1 1 
ATOM   371  N NE2 . GLN A 1 48  ? -8.666  2.068   -0.717  1.00 45.04 ? 46  GLN A NE2 1 
ATOM   372  N N   . GLY A 1 49  ? -10.928 -2.866  3.741   1.00 26.77 ? 47  GLY A N   1 
ATOM   373  C CA  . GLY A 1 49  ? -11.628 -4.168  3.916   1.00 26.83 ? 47  GLY A CA  1 
ATOM   374  C C   . GLY A 1 49  ? -11.558 -5.093  2.697   1.00 26.38 ? 47  GLY A C   1 
ATOM   375  O O   . GLY A 1 49  ? -10.737 -4.848  1.817   1.00 27.35 ? 47  GLY A O   1 
ATOM   376  N N   . GLU A 1 50  ? -12.445 -6.089  2.609   1.00 25.46 ? 48  GLU A N   1 
ATOM   377  C CA  . GLU A 1 50  ? -12.441 -7.044  1.482   1.00 27.90 ? 48  GLU A CA  1 
ATOM   378  C C   . GLU A 1 50  ? -12.585 -6.295  0.116   1.00 28.28 ? 48  GLU A C   1 
ATOM   379  O O   . GLU A 1 50  ? -13.238 -5.282  0.034   1.00 27.41 ? 48  GLU A O   1 
ATOM   380  C CB  . GLU A 1 50  ? -13.523 -8.101  1.632   1.00 26.43 ? 48  GLU A CB  1 
ATOM   381  C CG  . GLU A 1 50  ? -14.893 -7.502  1.530   1.00 29.79 ? 48  GLU A CG  1 
ATOM   382  C CD  . GLU A 1 50  ? -15.959 -8.332  2.208   1.00 34.54 ? 48  GLU A CD  1 
ATOM   383  O OE1 . GLU A 1 50  ? -15.658 -9.211  3.067   1.00 34.91 ? 48  GLU A OE1 1 
ATOM   384  O OE2 . GLU A 1 50  ? -17.117 -8.109  1.845   1.00 39.31 ? 48  GLU A OE2 1 
ATOM   385  N N   . MET A 1 51  ? -11.911 -6.777  -0.927  1.00 29.88 ? 49  MET A N   1 
ATOM   386  C CA  . MET A 1 51  ? -11.842 -5.981  -2.166  1.00 30.04 ? 49  MET A CA  1 
ATOM   387  C C   . MET A 1 51  ? -11.783 -6.945  -3.335  1.00 29.30 ? 49  MET A C   1 
ATOM   388  O O   . MET A 1 51  ? -11.110 -7.960  -3.292  1.00 27.13 ? 49  MET A O   1 
ATOM   389  C CB  . MET A 1 51  ? -10.616 -5.023  -2.107  1.00 29.02 ? 49  MET A CB  1 
ATOM   390  C CG  . MET A 1 51  ? -10.365 -4.175  -3.352  1.00 32.80 ? 49  MET A CG  1 
ATOM   391  S SD  . MET A 1 51  ? -9.592  -2.565  -3.127  1.00 33.78 ? 49  MET A SD  1 
ATOM   392  C CE  . MET A 1 51  ? -10.472 -1.885  -1.710  1.00 30.16 ? 49  MET A CE  1 
ATOM   393  N N   . GLU A 1 52  ? -12.501 -6.612  -4.402  1.00 29.95 ? 50  GLU A N   1 
ATOM   394  C CA  . GLU A 1 52  ? -12.393 -7.376  -5.645  1.00 28.17 ? 50  GLU A CA  1 
ATOM   395  C C   . GLU A 1 52  ? -10.960 -7.208  -6.213  1.00 27.65 ? 50  GLU A C   1 
ATOM   396  O O   . GLU A 1 52  ? -10.344 -6.134  -6.125  1.00 26.80 ? 50  GLU A O   1 
ATOM   397  C CB  . GLU A 1 52  ? -13.552 -6.931  -6.585  1.00 29.02 ? 50  GLU A CB  1 
ATOM   398  C CG  . GLU A 1 52  ? -13.632 -7.648  -7.915  1.00 27.66 ? 50  GLU A CG  1 
ATOM   399  C CD  . GLU A 1 52  ? -12.572 -7.163  -8.902  1.00 28.53 ? 50  GLU A CD  1 
ATOM   400  O OE1 . GLU A 1 52  ? -12.295 -5.956  -8.907  1.00 28.58 ? 50  GLU A OE1 1 
ATOM   401  O OE2 . GLU A 1 52  ? -12.053 -7.982  -9.689  1.00 32.07 ? 50  GLU A OE2 1 
ATOM   402  N N   . SER A 1 53  ? -10.421 -8.281  -6.780  1.00 28.04 ? 51  SER A N   1 
ATOM   403  C CA  . SER A 1 53  ? -9.000  -8.377  -7.044  1.00 29.08 ? 51  SER A CA  1 
ATOM   404  C C   . SER A 1 53  ? -8.446  -7.446  -8.111  1.00 29.07 ? 51  SER A C   1 
ATOM   405  O O   . SER A 1 53  ? -7.300  -7.026  -7.974  1.00 29.56 ? 51  SER A O   1 
ATOM   406  C CB  . SER A 1 53  ? -8.596  -9.810  -7.328  1.00 29.18 ? 51  SER A CB  1 
ATOM   407  O OG  . SER A 1 53  ? -9.201  -10.220 -8.537  1.00 34.88 ? 51  SER A OG  1 
ATOM   408  N N   . TYR A 1 54  ? -9.226  -7.083  -9.134  1.00 29.04 ? 52  TYR A N   1 
ATOM   409  C CA  . TYR A 1 54  ? -8.743  -6.078  -10.135 1.00 29.70 ? 52  TYR A CA  1 
ATOM   410  C C   . TYR A 1 54  ? -8.771  -4.684  -9.557  1.00 28.85 ? 52  TYR A C   1 
ATOM   411  O O   . TYR A 1 54  ? -7.866  -3.815  -9.794  1.00 27.50 ? 52  TYR A O   1 
ATOM   412  C CB  . TYR A 1 54  ? -9.539  -6.156  -11.478 1.00 30.51 ? 52  TYR A CB  1 
ATOM   413  C CG  . TYR A 1 54  ? -9.096  -7.319  -12.391 1.00 33.40 ? 52  TYR A CG  1 
ATOM   414  C CD1 . TYR A 1 54  ? -9.430  -8.621  -12.094 1.00 36.44 ? 52  TYR A CD1 1 
ATOM   415  C CD2 . TYR A 1 54  ? -8.328  -7.098  -13.540 1.00 37.28 ? 52  TYR A CD2 1 
ATOM   416  C CE1 . TYR A 1 54  ? -9.020  -9.680  -12.882 1.00 37.23 ? 52  TYR A CE1 1 
ATOM   417  C CE2 . TYR A 1 54  ? -7.913  -8.176  -14.366 1.00 37.93 ? 52  TYR A CE2 1 
ATOM   418  C CZ  . TYR A 1 54  ? -8.283  -9.448  -14.042 1.00 37.85 ? 52  TYR A CZ  1 
ATOM   419  O OH  . TYR A 1 54  ? -7.874  -10.535 -14.811 1.00 39.51 ? 52  TYR A OH  1 
ATOM   420  N N   . GLN A 1 55  ? -9.830  -4.429  -8.802  1.00 27.94 ? 53  GLN A N   1 
ATOM   421  C CA  . GLN A 1 55  ? -9.920  -3.174  -8.045  1.00 28.93 ? 53  GLN A CA  1 
ATOM   422  C C   . GLN A 1 55  ? -8.715  -2.985  -7.058  1.00 29.27 ? 53  GLN A C   1 
ATOM   423  O O   . GLN A 1 55  ? -8.196  -1.862  -6.896  1.00 29.14 ? 53  GLN A O   1 
ATOM   424  C CB  . GLN A 1 55  ? -11.230 -3.198  -7.284  1.00 29.99 ? 53  GLN A CB  1 
ATOM   425  C CG  . GLN A 1 55  ? -11.580 -2.003  -6.504  1.00 35.61 ? 53  GLN A CG  1 
ATOM   426  C CD  . GLN A 1 55  ? -13.077 -1.954  -6.193  1.00 42.13 ? 53  GLN A CD  1 
ATOM   427  O OE1 . GLN A 1 55  ? -13.900 -2.595  -6.860  1.00 47.74 ? 53  GLN A OE1 1 
ATOM   428  N NE2 . GLN A 1 55  ? -13.434 -1.168  -5.196  1.00 48.41 ? 53  GLN A NE2 1 
ATOM   429  N N   . LEU A 1 56  ? -8.316  -4.071  -6.390  1.00 28.08 ? 54  LEU A N   1 
ATOM   430  C CA  . LEU A 1 56  ? -7.206  -4.070  -5.437  1.00 27.41 ? 54  LEU A CA  1 
ATOM   431  C C   . LEU A 1 56  ? -5.895  -3.728  -6.171  1.00 29.38 ? 54  LEU A C   1 
ATOM   432  O O   . LEU A 1 56  ? -5.137  -2.825  -5.739  1.00 30.37 ? 54  LEU A O   1 
ATOM   433  C CB  . LEU A 1 56  ? -7.137  -5.465  -4.751  1.00 27.33 ? 54  LEU A CB  1 
ATOM   434  C CG  . LEU A 1 56  ? -5.969  -5.791  -3.786  1.00 27.76 ? 54  LEU A CG  1 
ATOM   435  C CD1 . LEU A 1 56  ? -5.916  -4.720  -2.670  1.00 24.43 ? 54  LEU A CD1 1 
ATOM   436  C CD2 . LEU A 1 56  ? -6.071  -7.175  -3.198  1.00 25.74 ? 54  LEU A CD2 1 
ATOM   437  N N   . ALA A 1 57  ? -5.625  -4.417  -7.290  1.00 29.31 ? 55  ALA A N   1 
ATOM   438  C CA  . ALA A 1 57  ? -4.482  -4.066  -8.155  1.00 31.67 ? 55  ALA A CA  1 
ATOM   439  C C   . ALA A 1 57  ? -4.462  -2.603  -8.581  1.00 33.31 ? 55  ALA A C   1 
ATOM   440  O O   . ALA A 1 57  ? -3.387  -1.988  -8.589  1.00 34.33 ? 55  ALA A O   1 
ATOM   441  C CB  . ALA A 1 57  ? -4.380  -5.007  -9.392  1.00 30.11 ? 55  ALA A CB  1 
ATOM   442  N N   A ASN A 1 58  ? -5.630  -2.048  -8.897  0.50 33.47 ? 56  ASN A N   1 
ATOM   443  N N   B ASN A 1 58  ? -5.620  -2.045  -8.934  0.50 34.02 ? 56  ASN A N   1 
ATOM   444  C CA  A ASN A 1 58  ? -5.753  -0.657  -9.295  0.50 34.49 ? 56  ASN A CA  1 
ATOM   445  C CA  B ASN A 1 58  ? -5.707  -0.637  -9.272  0.50 35.57 ? 56  ASN A CA  1 
ATOM   446  C C   A ASN A 1 58  ? -5.473  0.351   -8.187  0.50 35.61 ? 56  ASN A C   1 
ATOM   447  C C   B ASN A 1 58  ? -5.269  0.231   -8.111  0.50 36.30 ? 56  ASN A C   1 
ATOM   448  O O   A ASN A 1 58  ? -4.854  1.377   -8.437  0.50 36.36 ? 56  ASN A O   1 
ATOM   449  O O   B ASN A 1 58  ? -4.343  1.028   -8.240  0.50 37.07 ? 56  ASN A O   1 
ATOM   450  C CB  A ASN A 1 58  ? -7.130  -0.386  -9.920  0.50 34.40 ? 56  ASN A CB  1 
ATOM   451  C CB  B ASN A 1 58  ? -7.128  -0.228  -9.705  0.50 35.96 ? 56  ASN A CB  1 
ATOM   452  C CG  A ASN A 1 58  ? -7.215  -0.841  -11.374 0.50 33.65 ? 56  ASN A CG  1 
ATOM   453  C CG  B ASN A 1 58  ? -7.234  1.261   -10.048 0.50 38.01 ? 56  ASN A CG  1 
ATOM   454  O OD1 A ASN A 1 58  ? -6.208  -1.184  -11.989 0.50 32.65 ? 56  ASN A OD1 1 
ATOM   455  O OD1 B ASN A 1 58  ? -8.269  1.888   -9.820  0.50 40.99 ? 56  ASN A OD1 1 
ATOM   456  N ND2 A ASN A 1 58  ? -8.431  -0.846  -11.925 0.50 34.30 ? 56  ASN A ND2 1 
ATOM   457  N ND2 B ASN A 1 58  ? -6.149  1.834   -10.589 0.50 39.77 ? 56  ASN A ND2 1 
ATOM   458  N N   . GLN A 1 59  ? -5.931  0.060   -6.973  1.00 36.60 ? 57  GLN A N   1 
ATOM   459  C CA  . GLN A 1 59  ? -5.748  0.946   -5.843  1.00 38.86 ? 57  GLN A CA  1 
ATOM   460  C C   . GLN A 1 59  ? -4.351  0.829   -5.268  1.00 40.62 ? 57  GLN A C   1 
ATOM   461  O O   . GLN A 1 59  ? -3.768  1.844   -4.842  1.00 41.14 ? 57  GLN A O   1 
ATOM   462  C CB  . GLN A 1 59  ? -6.747  0.562   -4.781  1.00 40.03 ? 57  GLN A CB  1 
ATOM   463  C CG  . GLN A 1 59  ? -8.162  0.698   -5.263  1.00 41.76 ? 57  GLN A CG  1 
ATOM   464  C CD  . GLN A 1 59  ? -8.933  1.431   -4.277  1.00 46.54 ? 57  GLN A CD  1 
ATOM   465  O OE1 . GLN A 1 59  ? -8.360  2.185   -3.492  1.00 50.67 ? 57  GLN A OE1 1 
ATOM   466  N NE2 . GLN A 1 59  ? -10.250 1.259   -4.290  1.00 48.44 ? 57  GLN A NE2 1 
ATOM   467  N N   . ALA A 1 60  ? -3.844  -0.411  -5.273  1.00 41.84 ? 58  ALA A N   1 
ATOM   468  C CA  . ALA A 1 60  ? -2.560  -0.789  -4.684  1.00 44.05 ? 58  ALA A CA  1 
ATOM   469  C C   . ALA A 1 60  ? -1.456  -0.484  -5.604  1.00 45.59 ? 58  ALA A C   1 
ATOM   470  O O   . ALA A 1 60  ? -0.279  -0.653  -5.225  1.00 47.65 ? 58  ALA A O   1 
ATOM   471  C CB  . ALA A 1 60  ? -2.522  -2.288  -4.338  1.00 44.22 ? 58  ALA A CB  1 
ATOM   472  N N   . CYS A 1 61  ? -1.812  -0.056  -6.817  1.00 46.35 ? 59  CYS A N   1 
ATOM   473  C CA  . CYS A 1 61  ? -0.846  0.316   -7.816  1.00 46.70 ? 59  CYS A CA  1 
ATOM   474  C C   . CYS A 1 61  ? 0.146   -0.855  -8.016  1.00 48.54 ? 59  CYS A C   1 
ATOM   475  O O   . CYS A 1 61  ? 1.349   -0.756  -7.692  1.00 48.66 ? 59  CYS A O   1 
ATOM   476  C CB  . CYS A 1 61  ? -0.149  1.621   -7.399  1.00 47.45 ? 59  CYS A CB  1 
ATOM   477  S SG  . CYS A 1 61  ? -1.222  3.089   -7.544  1.00 42.46 ? 59  CYS A SG  1 
ATOM   478  N N   . ILE A 1 62  ? -0.403  -1.977  -8.516  1.00 48.46 ? 60  ILE A N   1 
ATOM   479  C CA  . ILE A 1 62  ? 0.359   -3.149  -8.950  1.00 48.13 ? 60  ILE A CA  1 
ATOM   480  C C   . ILE A 1 62  ? -0.123  -3.543  -10.365 1.00 49.12 ? 60  ILE A C   1 
ATOM   481  O O   . ILE A 1 62  ? -1.310  -3.439  -10.678 1.00 48.58 ? 60  ILE A O   1 
ATOM   482  C CB  . ILE A 1 62  ? 0.249   -4.280  -7.881  1.00 48.01 ? 60  ILE A CB  1 
ATOM   483  C CG1 . ILE A 1 62  ? 0.974   -3.822  -6.594  1.00 48.33 ? 60  ILE A CG1 1 
ATOM   484  C CG2 . ILE A 1 62  ? 0.834   -5.584  -8.388  1.00 46.42 ? 60  ILE A CG2 1 
ATOM   485  C CD1 . ILE A 1 62  ? 0.699   -4.611  -5.339  1.00 46.95 ? 60  ILE A CD1 1 
ATOM   486  N N   . LEU A 1 63  ? 0.799   -3.942  -11.239 1.00 50.71 ? 61  LEU A N   1 
ATOM   487  C CA  . LEU A 1 63  ? 0.421   -4.388  -12.601 1.00 51.74 ? 61  LEU A CA  1 
ATOM   488  C C   . LEU A 1 63  ? -0.105  -5.813  -12.568 1.00 52.13 ? 61  LEU A C   1 
ATOM   489  O O   . LEU A 1 63  ? 0.474   -6.650  -11.858 1.00 51.91 ? 61  LEU A O   1 
ATOM   490  C CB  . LEU A 1 63  ? 1.611   -4.289  -13.564 1.00 52.01 ? 61  LEU A CB  1 
ATOM   491  C CG  . LEU A 1 63  ? 1.925   -2.870  -14.072 1.00 53.02 ? 61  LEU A CG  1 
ATOM   492  C CD1 . LEU A 1 63  ? 3.253   -2.899  -14.856 1.00 55.46 ? 61  LEU A CD1 1 
ATOM   493  C CD2 . LEU A 1 63  ? 0.772   -2.279  -14.922 1.00 50.04 ? 61  LEU A CD2 1 
ATOM   494  N N   . ARG A 1 64  ? -1.159  -6.109  -13.334 1.00 52.85 ? 62  ARG A N   1 
ATOM   495  C CA  . ARG A 1 64  ? -1.866  -7.399  -13.136 1.00 54.86 ? 62  ARG A CA  1 
ATOM   496  C C   . ARG A 1 64  ? -1.051  -8.705  -13.201 1.00 54.83 ? 62  ARG A C   1 
ATOM   497  O O   . ARG A 1 64  ? -1.417  -9.678  -12.527 1.00 54.95 ? 62  ARG A O   1 
ATOM   498  C CB  . ARG A 1 64  ? -3.226  -7.512  -13.867 1.00 54.96 ? 62  ARG A CB  1 
ATOM   499  C CG  . ARG A 1 64  ? -3.262  -7.651  -15.390 1.00 56.42 ? 62  ARG A CG  1 
ATOM   500  C CD  . ARG A 1 64  ? -4.749  -7.486  -15.910 1.00 56.30 ? 62  ARG A CD  1 
ATOM   501  N NE  . ARG A 1 64  ? -5.437  -6.309  -15.332 1.00 60.66 ? 62  ARG A NE  1 
ATOM   502  C CZ  . ARG A 1 64  ? -5.946  -5.270  -16.012 1.00 61.75 ? 62  ARG A CZ  1 
ATOM   503  N NH1 . ARG A 1 64  ? -5.906  -5.220  -17.349 1.00 61.74 ? 62  ARG A NH1 1 
ATOM   504  N NH2 . ARG A 1 64  ? -6.522  -4.271  -15.341 1.00 60.78 ? 62  ARG A NH2 1 
ATOM   505  N N   . PRO A 1 65  ? 0.039   -8.739  -14.007 1.00 54.91 ? 63  PRO A N   1 
ATOM   506  C CA  . PRO A 1 65  ? 0.808   -9.985  -13.982 1.00 54.17 ? 63  PRO A CA  1 
ATOM   507  C C   . PRO A 1 65  ? 1.570   -10.175 -12.667 1.00 53.05 ? 63  PRO A C   1 
ATOM   508  O O   . PRO A 1 65  ? 1.707   -11.313 -12.211 1.00 53.28 ? 63  PRO A O   1 
ATOM   509  C CB  . PRO A 1 65  ? 1.773   -9.846  -15.177 1.00 54.30 ? 63  PRO A CB  1 
ATOM   510  C CG  . PRO A 1 65  ? 1.271   -8.647  -15.975 1.00 55.28 ? 63  PRO A CG  1 
ATOM   511  C CD  . PRO A 1 65  ? 0.592   -7.768  -14.979 1.00 55.13 ? 63  PRO A CD  1 
ATOM   512  N N   . SER A 1 66  ? 2.057   -9.091  -12.059 1.00 51.88 ? 64  SER A N   1 
ATOM   513  C CA  . SER A 1 66  ? 2.712   -9.209  -10.749 1.00 50.19 ? 64  SER A CA  1 
ATOM   514  C C   . SER A 1 66  ? 1.731   -9.430  -9.612  1.00 48.67 ? 64  SER A C   1 
ATOM   515  O O   . SER A 1 66  ? 2.083   -10.051 -8.620  1.00 48.48 ? 64  SER A O   1 
ATOM   516  C CB  . SER A 1 66  ? 3.636   -8.031  -10.439 1.00 50.89 ? 64  SER A CB  1 
ATOM   517  O OG  . SER A 1 66  ? 3.470   -7.022  -11.399 1.00 52.38 ? 64  SER A OG  1 
ATOM   518  N N   . MET A 1 67  ? 0.503   -8.951  -9.766  1.00 46.26 ? 65  MET A N   1 
ATOM   519  C CA  . MET A 1 67  ? -0.500  -9.107  -8.729  1.00 44.56 ? 65  MET A CA  1 
ATOM   520  C C   . MET A 1 67  ? -0.853  -10.580 -8.452  1.00 44.22 ? 65  MET A C   1 
ATOM   521  O O   . MET A 1 67  ? -1.023  -10.970 -7.292  1.00 42.31 ? 65  MET A O   1 
ATOM   522  C CB  . MET A 1 67  ? -1.733  -8.252  -9.044  1.00 44.27 ? 65  MET A CB  1 
ATOM   523  C CG  . MET A 1 67  ? -2.737  -8.183  -7.921  1.00 43.83 ? 65  MET A CG  1 
ATOM   524  S SD  . MET A 1 67  ? -2.230  -7.416  -6.348  1.00 36.22 ? 65  MET A SD  1 
ATOM   525  C CE  . MET A 1 67  ? -3.785  -6.695  -6.081  1.00 39.56 ? 65  MET A CE  1 
ATOM   526  N N   . THR A 1 68  ? -0.913  -11.399 -9.510  1.00 43.26 ? 66  THR A N   1 
ATOM   527  C CA  . THR A 1 68  ? -1.161  -12.829 -9.394  1.00 43.80 ? 66  THR A CA  1 
ATOM   528  C C   . THR A 1 68  ? -0.181  -13.497 -8.430  1.00 43.39 ? 66  THR A C   1 
ATOM   529  O O   . THR A 1 68  ? -0.566  -14.361 -7.639  1.00 43.53 ? 66  THR A O   1 
ATOM   530  C CB  . THR A 1 68  ? -1.004  -13.567 -10.786 1.00 45.31 ? 66  THR A CB  1 
ATOM   531  O OG1 . THR A 1 68  ? -1.773  -12.897 -11.795 1.00 45.82 ? 66  THR A OG1 1 
ATOM   532  C CG2 . THR A 1 68  ? -1.405  -15.070 -10.710 1.00 45.78 ? 66  THR A CG2 1 
ATOM   533  N N   . GLY A 1 69  ? 1.092   -13.126 -8.546  1.00 42.40 ? 67  GLY A N   1 
ATOM   534  C CA  . GLY A 1 69  ? 2.128   -13.706 -7.717  1.00 41.01 ? 67  GLY A CA  1 
ATOM   535  C C   . GLY A 1 69  ? 2.065   -13.070 -6.333  1.00 39.97 ? 67  GLY A C   1 
ATOM   536  O O   . GLY A 1 69  ? 2.203   -13.778 -5.336  1.00 39.50 ? 67  GLY A O   1 
ATOM   537  N N   . VAL A 1 70  ? 1.834   -11.745 -6.274  1.00 38.27 ? 68  VAL A N   1 
ATOM   538  C CA  . VAL A 1 70  ? 1.679   -11.059 -4.967  1.00 36.47 ? 68  VAL A CA  1 
ATOM   539  C C   . VAL A 1 70  ? 0.600   -11.763 -4.126  1.00 35.48 ? 68  VAL A C   1 
ATOM   540  O O   . VAL A 1 70  ? 0.895   -12.253 -3.042  1.00 34.91 ? 68  VAL A O   1 
ATOM   541  C CB  . VAL A 1 70  ? 1.492   -9.532  -5.086  1.00 36.51 ? 68  VAL A CB  1 
ATOM   542  C CG1 . VAL A 1 70  ? 1.219   -8.901  -3.694  1.00 34.50 ? 68  VAL A CG1 1 
ATOM   543  C CG2 . VAL A 1 70  ? 2.725   -8.917  -5.660  1.00 35.70 ? 68  VAL A CG2 1 
ATOM   544  N N   . LEU A 1 71  ? -0.606  -11.912 -4.667  1.00 34.47 ? 69  LEU A N   1 
ATOM   545  C CA  . LEU A 1 71  ? -1.666  -12.626 -3.972  1.00 35.43 ? 69  LEU A CA  1 
ATOM   546  C C   . LEU A 1 71  ? -1.392  -14.097 -3.664  1.00 35.91 ? 69  LEU A C   1 
ATOM   547  O O   . LEU A 1 71  ? -1.701  -14.534 -2.551  1.00 34.91 ? 69  LEU A O   1 
ATOM   548  C CB  . LEU A 1 71  ? -3.038  -12.443 -4.639  1.00 35.38 ? 69  LEU A CB  1 
ATOM   549  C CG  . LEU A 1 71  ? -3.422  -10.976 -4.805  1.00 36.59 ? 69  LEU A CG  1 
ATOM   550  C CD1 . LEU A 1 71  ? -4.656  -10.905 -5.664  1.00 41.27 ? 69  LEU A CD1 1 
ATOM   551  C CD2 . LEU A 1 71  ? -3.615  -10.217 -3.442  1.00 35.64 ? 69  LEU A CD2 1 
ATOM   552  N N   . ALA A 1 72  ? -0.842  -14.872 -4.616  1.00 36.22 ? 70  ALA A N   1 
ATOM   553  C CA  . ALA A 1 72  ? -0.611  -16.298 -4.335  1.00 36.69 ? 70  ALA A CA  1 
ATOM   554  C C   . ALA A 1 72  ? 0.430   -16.516 -3.227  1.00 36.98 ? 70  ALA A C   1 
ATOM   555  O O   . ALA A 1 72  ? 0.285   -17.445 -2.420  1.00 37.76 ? 70  ALA A O   1 
ATOM   556  C CB  . ALA A 1 72  ? -0.230  -17.115 -5.636  1.00 36.39 ? 70  ALA A CB  1 
ATOM   557  N N   . ARG A 1 73  ? 1.464   -15.678 -3.199  1.00 36.27 ? 71  ARG A N   1 
ATOM   558  C CA  . ARG A 1 73  ? 2.446   -15.681 -2.126  1.00 37.23 ? 71  ARG A CA  1 
ATOM   559  C C   . ARG A 1 73  ? 1.798   -15.359 -0.767  1.00 37.21 ? 71  ARG A C   1 
ATOM   560  O O   . ARG A 1 73  ? 1.996   -16.102 0.197   1.00 37.25 ? 71  ARG A O   1 
ATOM   561  C CB  . ARG A 1 73  ? 3.555   -14.654 -2.412  1.00 38.00 ? 71  ARG A CB  1 
ATOM   562  C CG  . ARG A 1 73  ? 4.939   -15.060 -1.919  1.00 42.09 ? 71  ARG A CG  1 
ATOM   563  C CD  . ARG A 1 73  ? 5.119   -14.834 -0.447  1.00 50.12 ? 71  ARG A CD  1 
ATOM   564  N NE  . ARG A 1 73  ? 6.507   -14.925 0.051   1.00 56.02 ? 71  ARG A NE  1 
ATOM   565  C CZ  . ARG A 1 73  ? 7.535   -14.153 -0.331  1.00 59.11 ? 71  ARG A CZ  1 
ATOM   566  N NH1 . ARG A 1 73  ? 7.418   -13.242 -1.304  1.00 62.59 ? 71  ARG A NH1 1 
ATOM   567  N NH2 . ARG A 1 73  ? 8.715   -14.319 0.234   1.00 59.73 ? 71  ARG A NH2 1 
ATOM   568  N N   . LEU A 1 74  ? 1.003   -14.274 -0.714  1.00 36.58 ? 72  LEU A N   1 
ATOM   569  C CA  . LEU A 1 74  ? 0.391   -13.807 0.519   1.00 35.85 ? 72  LEU A CA  1 
ATOM   570  C C   . LEU A 1 74  ? -0.634  -14.793 0.975   1.00 36.62 ? 72  LEU A C   1 
ATOM   571  O O   . LEU A 1 74  ? -0.766  -15.067 2.169   1.00 35.18 ? 72  LEU A O   1 
ATOM   572  C CB  . LEU A 1 74  ? -0.252  -12.445 0.336   1.00 35.44 ? 72  LEU A CB  1 
ATOM   573  C CG  . LEU A 1 74  ? 0.621   -11.214 0.280   1.00 34.21 ? 72  LEU A CG  1 
ATOM   574  C CD1 . LEU A 1 74  ? -0.337  -10.054 0.012   1.00 33.21 ? 72  LEU A CD1 1 
ATOM   575  C CD2 . LEU A 1 74  ? 1.433   -10.968 1.589   1.00 34.70 ? 72  LEU A CD2 1 
ATOM   576  N N   . GLU A 1 75  ? -1.363  -15.360 0.021   1.00 37.85 ? 73  GLU A N   1 
ATOM   577  C CA  . GLU A 1 75  ? -2.259  -16.451 0.331   1.00 39.17 ? 73  GLU A CA  1 
ATOM   578  C C   . GLU A 1 75  ? -1.493  -17.700 0.891   1.00 40.33 ? 73  GLU A C   1 
ATOM   579  O O   . GLU A 1 75  ? -1.944  -18.341 1.868   1.00 39.29 ? 73  GLU A O   1 
ATOM   580  C CB  . GLU A 1 75  ? -3.059  -16.790 -0.902  1.00 38.76 ? 73  GLU A CB  1 
ATOM   581  C CG  . GLU A 1 75  ? -4.082  -17.862 -0.724  1.00 43.38 ? 73  GLU A CG  1 
ATOM   582  C CD  . GLU A 1 75  ? -4.730  -18.224 -2.070  1.00 49.78 ? 73  GLU A CD  1 
ATOM   583  O OE1 . GLU A 1 75  ? -3.984  -18.503 -3.052  1.00 52.14 ? 73  GLU A OE1 1 
ATOM   584  O OE2 . GLU A 1 75  ? -5.972  -18.214 -2.147  1.00 50.53 ? 73  GLU A OE2 1 
ATOM   585  N N   . ARG A 1 76  ? -0.337  -18.011 0.297   1.00 41.37 ? 74  ARG A N   1 
ATOM   586  C CA  . ARG A 1 76  ? 0.456   -19.174 0.731   1.00 42.77 ? 74  ARG A CA  1 
ATOM   587  C C   . ARG A 1 76  ? 0.985   -18.981 2.168   1.00 41.96 ? 74  ARG A C   1 
ATOM   588  O O   . ARG A 1 76  ? 1.115   -19.950 2.939   1.00 41.39 ? 74  ARG A O   1 
ATOM   589  C CB  . ARG A 1 76  ? 1.601   -19.453 -0.258  1.00 42.42 ? 74  ARG A CB  1 
ATOM   590  C CG  . ARG A 1 76  ? 2.515   -20.675 0.059   1.00 43.43 ? 74  ARG A CG  1 
ATOM   591  C CD  . ARG A 1 76  ? 3.806   -20.637 -0.775  1.00 46.28 ? 74  ARG A CD  1 
ATOM   592  N NE  . ARG A 1 76  ? 4.799   -19.676 -0.242  1.00 57.00 ? 74  ARG A NE  1 
ATOM   593  C CZ  . ARG A 1 76  ? 5.561   -18.847 -0.990  1.00 61.12 ? 74  ARG A CZ  1 
ATOM   594  N NH1 . ARG A 1 76  ? 6.435   -18.023 -0.399  1.00 62.33 ? 74  ARG A NH1 1 
ATOM   595  N NH2 . ARG A 1 76  ? 5.451   -18.811 -2.329  1.00 60.66 ? 74  ARG A NH2 1 
ATOM   596  N N   . ASP A 1 77  ? 1.259   -17.720 2.509   1.00 41.07 ? 75  ASP A N   1 
ATOM   597  C CA  . ASP A 1 77  ? 1.753   -17.337 3.840   1.00 41.28 ? 75  ASP A CA  1 
ATOM   598  C C   . ASP A 1 77  ? 0.689   -17.113 4.892   1.00 39.37 ? 75  ASP A C   1 
ATOM   599  O O   . ASP A 1 77  ? 1.014   -16.737 5.997   1.00 40.27 ? 75  ASP A O   1 
ATOM   600  C CB  . ASP A 1 77  ? 2.670   -16.116 3.734   1.00 42.03 ? 75  ASP A CB  1 
ATOM   601  C CG  . ASP A 1 77  ? 3.931   -16.436 2.986   1.00 44.34 ? 75  ASP A CG  1 
ATOM   602  O OD1 . ASP A 1 77  ? 4.198   -17.645 2.798   1.00 49.53 ? 75  ASP A OD1 1 
ATOM   603  O OD2 . ASP A 1 77  ? 4.668   -15.506 2.606   1.00 49.49 ? 75  ASP A OD2 1 
ATOM   604  N N   . GLY A 1 78  ? -0.560  -17.362 4.556   1.00 36.90 ? 76  GLY A N   1 
ATOM   605  C CA  . GLY A 1 78  ? -1.644  -17.161 5.468   1.00 36.82 ? 76  GLY A CA  1 
ATOM   606  C C   . GLY A 1 78  ? -2.039  -15.710 5.760   1.00 35.76 ? 76  GLY A C   1 
ATOM   607  O O   . GLY A 1 78  ? -2.789  -15.475 6.714   1.00 36.44 ? 76  GLY A O   1 
ATOM   608  N N   . ILE A 1 79  ? -1.564  -14.749 4.958   1.00 34.86 ? 77  ILE A N   1 
ATOM   609  C CA  . ILE A 1 79  ? -1.843  -13.302 5.142   1.00 33.66 ? 77  ILE A CA  1 
ATOM   610  C C   . ILE A 1 79  ? -3.197  -12.838 4.579   1.00 33.87 ? 77  ILE A C   1 
ATOM   611  O O   . ILE A 1 79  ? -3.929  -12.026 5.211   1.00 33.58 ? 77  ILE A O   1 
ATOM   612  C CB  . ILE A 1 79  ? -0.716  -12.437 4.565   1.00 34.29 ? 77  ILE A CB  1 
ATOM   613  C CG1 . ILE A 1 79  ? 0.660   -12.861 5.109   1.00 34.86 ? 77  ILE A CG1 1 
ATOM   614  C CG2 . ILE A 1 79  ? -0.981  -10.940 4.777   1.00 31.92 ? 77  ILE A CG2 1 
ATOM   615  C CD1 . ILE A 1 79  ? 0.829   -12.705 6.582   1.00 39.84 ? 77  ILE A CD1 1 
ATOM   616  N N   . VAL A 1 80  ? -3.531  -13.343 3.385   1.00 32.75 ? 78  VAL A N   1 
ATOM   617  C CA  . VAL A 1 80  ? -4.826  -13.065 2.780   1.00 31.70 ? 78  VAL A CA  1 
ATOM   618  C C   . VAL A 1 80  ? -5.604  -14.370 2.471   1.00 32.07 ? 78  VAL A C   1 
ATOM   619  O O   . VAL A 1 80  ? -5.013  -15.430 2.377   1.00 31.69 ? 78  VAL A O   1 
ATOM   620  C CB  . VAL A 1 80  ? -4.630  -12.216 1.477   1.00 32.63 ? 78  VAL A CB  1 
ATOM   621  C CG1 . VAL A 1 80  ? -3.798  -10.956 1.762   1.00 28.83 ? 78  VAL A CG1 1 
ATOM   622  C CG2 . VAL A 1 80  ? -3.996  -13.102 0.330   1.00 30.41 ? 78  VAL A CG2 1 
ATOM   623  N N   . ARG A 1 81  ? -6.919  -14.245 2.330   1.00 32.97 ? 79  ARG A N   1 
ATOM   624  C CA  . ARG A 1 81  ? -7.854  -15.266 1.857   1.00 35.01 ? 79  ARG A CA  1 
ATOM   625  C C   . ARG A 1 81  ? -8.503  -14.773 0.528   1.00 34.79 ? 79  ARG A C   1 
ATOM   626  O O   . ARG A 1 81  ? -8.805  -13.597 0.390   1.00 33.86 ? 79  ARG A O   1 
ATOM   627  C CB  . ARG A 1 81  ? -8.969  -15.437 2.896   1.00 33.74 ? 79  ARG A CB  1 
ATOM   628  C CG  . ARG A 1 81  ? -10.021 -16.540 2.591   1.00 37.59 ? 79  ARG A CG  1 
ATOM   629  C CD  . ARG A 1 81  ? -11.201 -16.446 3.594   1.00 38.49 ? 79  ARG A CD  1 
ATOM   630  N NE  . ARG A 1 81  ? -10.638 -16.538 4.920   1.00 42.78 ? 79  ARG A NE  1 
ATOM   631  C CZ  . ARG A 1 81  ? -10.113 -17.652 5.434   1.00 49.51 ? 79  ARG A CZ  1 
ATOM   632  N NH1 . ARG A 1 81  ? -10.168 -18.784 4.729   1.00 50.89 ? 79  ARG A NH1 1 
ATOM   633  N NH2 . ARG A 1 81  ? -9.552  -17.649 6.664   1.00 45.79 ? 79  ARG A NH2 1 
ATOM   634  N N   . ARG A 1 82  ? -8.736  -15.684 -0.422  1.00 36.37 ? 80  ARG A N   1 
ATOM   635  C CA  . ARG A 1 82  ? -9.390  -15.371 -1.709  1.00 36.95 ? 80  ARG A CA  1 
ATOM   636  C C   . ARG A 1 82  ? -10.620 -16.210 -1.814  1.00 36.52 ? 80  ARG A C   1 
ATOM   637  O O   . ARG A 1 82  ? -10.581 -17.376 -1.454  1.00 37.98 ? 80  ARG A O   1 
ATOM   638  C CB  . ARG A 1 82  ? -8.466  -15.656 -2.894  1.00 36.75 ? 80  ARG A CB  1 
ATOM   639  C CG  . ARG A 1 82  ? -7.438  -14.575 -3.091  1.00 38.99 ? 80  ARG A CG  1 
ATOM   640  C CD  . ARG A 1 82  ? -6.590  -14.739 -4.369  1.00 39.44 ? 80  ARG A CD  1 
ATOM   641  N NE  . ARG A 1 82  ? -5.871  -16.001 -4.467  1.00 47.14 ? 80  ARG A NE  1 
ATOM   642  C CZ  . ARG A 1 82  ? -5.027  -16.319 -5.464  1.00 49.87 ? 80  ARG A CZ  1 
ATOM   643  N NH1 . ARG A 1 82  ? -4.782  -15.459 -6.465  1.00 47.95 ? 80  ARG A NH1 1 
ATOM   644  N NH2 . ARG A 1 82  ? -4.395  -17.499 -5.443  1.00 49.20 ? 80  ARG A NH2 1 
ATOM   645  N N   . TRP A 1 83  ? -11.713 -15.615 -2.263  1.00 35.01 ? 81  TRP A N   1 
ATOM   646  C CA  . TRP A 1 83  ? -12.972 -16.315 -2.396  1.00 36.22 ? 81  TRP A CA  1 
ATOM   647  C C   . TRP A 1 83  ? -13.768 -15.777 -3.561  1.00 37.17 ? 81  TRP A C   1 
ATOM   648  O O   . TRP A 1 83  ? -13.715 -14.575 -3.853  1.00 36.50 ? 81  TRP A O   1 
ATOM   649  C CB  . TRP A 1 83  ? -13.836 -16.183 -1.119  1.00 34.48 ? 81  TRP A CB  1 
ATOM   650  C CG  . TRP A 1 83  ? -13.794 -14.816 -0.433  1.00 32.49 ? 81  TRP A CG  1 
ATOM   651  C CD1 . TRP A 1 83  ? -12.770 -14.321 0.366   1.00 32.23 ? 81  TRP A CD1 1 
ATOM   652  C CD2 . TRP A 1 83  ? -14.806 -13.803 -0.449  1.00 29.85 ? 81  TRP A CD2 1 
ATOM   653  N NE1 . TRP A 1 83  ? -13.110 -13.072 0.827   1.00 30.02 ? 81  TRP A NE1 1 
ATOM   654  C CE2 . TRP A 1 83  ? -14.351 -12.741 0.349   1.00 29.26 ? 81  TRP A CE2 1 
ATOM   655  C CE3 . TRP A 1 83  ? -16.057 -13.682 -1.071  1.00 30.77 ? 81  TRP A CE3 1 
ATOM   656  C CZ2 . TRP A 1 83  ? -15.084 -11.582 0.517   1.00 31.47 ? 81  TRP A CZ2 1 
ATOM   657  C CZ3 . TRP A 1 83  ? -16.789 -12.525 -0.880  1.00 31.09 ? 81  TRP A CZ3 1 
ATOM   658  C CH2 . TRP A 1 83  ? -16.306 -11.499 -0.104  1.00 32.07 ? 81  TRP A CH2 1 
ATOM   659  N N   . LYS A 1 84  ? -14.545 -16.653 -4.183  1.00 39.13 ? 82  LYS A N   1 
ATOM   660  C CA  . LYS A 1 84  ? -15.445 -16.235 -5.261  1.00 42.96 ? 82  LYS A CA  1 
ATOM   661  C C   . LYS A 1 84  ? -16.714 -15.622 -4.687  1.00 43.83 ? 82  LYS A C   1 
ATOM   662  O O   . LYS A 1 84  ? -17.274 -16.160 -3.728  1.00 45.03 ? 82  LYS A O   1 
ATOM   663  C CB  . LYS A 1 84  ? -15.727 -17.404 -6.234  1.00 42.19 ? 82  LYS A CB  1 
ATOM   664  C CG  . LYS A 1 84  ? -14.528 -17.663 -7.149  1.00 47.04 ? 82  LYS A CG  1 
ATOM   665  C CD  . LYS A 1 84  ? -14.120 -19.125 -7.286  1.00 53.85 ? 82  LYS A CD  1 
ATOM   666  C CE  . LYS A 1 84  ? -14.528 -19.719 -8.613  1.00 56.25 ? 82  LYS A CE  1 
ATOM   667  N NZ  . LYS A 1 84  ? -15.721 -20.619 -8.459  1.00 59.07 ? 82  LYS A NZ  1 
ATOM   668  N N   . ALA A 1 85  ? -17.136 -14.485 -5.234  1.00 45.14 ? 83  ALA A N   1 
ATOM   669  C CA  . ALA A 1 85  ? -18.371 -13.860 -4.816  1.00 47.95 ? 83  ALA A CA  1 
ATOM   670  C C   . ALA A 1 85  ? -19.566 -14.810 -5.036  1.00 50.75 ? 83  ALA A C   1 
ATOM   671  O O   . ALA A 1 85  ? -19.792 -15.277 -6.169  1.00 50.45 ? 83  ALA A O   1 
ATOM   672  C CB  . ALA A 1 85  ? -18.596 -12.574 -5.530  1.00 47.37 ? 83  ALA A CB  1 
ATOM   673  N N   . PRO A 1 86  ? -20.319 -15.105 -3.945  1.00 53.10 ? 84  PRO A N   1 
ATOM   674  C CA  . PRO A 1 86  ? -21.481 -16.024 -3.980  1.00 54.43 ? 84  PRO A CA  1 
ATOM   675  C C   . PRO A 1 86  ? -22.428 -15.733 -5.154  1.00 56.19 ? 84  PRO A C   1 
ATOM   676  O O   . PRO A 1 86  ? -22.872 -16.679 -5.843  1.00 56.93 ? 84  PRO A O   1 
ATOM   677  C CB  . PRO A 1 86  ? -22.180 -15.765 -2.639  1.00 54.61 ? 84  PRO A CB  1 
ATOM   678  C CG  . PRO A 1 86  ? -21.082 -15.341 -1.725  1.00 53.67 ? 84  PRO A CG  1 
ATOM   679  C CD  . PRO A 1 86  ? -20.082 -14.571 -2.582  1.00 53.19 ? 84  PRO A CD  1 
ATOM   680  N N   . LYS A 1 87  ? -22.704 -14.446 -5.397  1.00 56.86 ? 85  LYS A N   1 
ATOM   681  C CA  . LYS A 1 87  ? -23.578 -14.038 -6.494  1.00 57.68 ? 85  LYS A CA  1 
ATOM   682  C C   . LYS A 1 87  ? -22.853 -13.434 -7.735  1.00 57.37 ? 85  LYS A C   1 
ATOM   683  O O   . LYS A 1 87  ? -23.382 -12.522 -8.400  1.00 57.20 ? 85  LYS A O   1 
ATOM   684  C CB  . LYS A 1 87  ? -24.699 -13.121 -5.970  1.00 58.23 ? 85  LYS A CB  1 
ATOM   685  C CG  . LYS A 1 87  ? -24.214 -11.814 -5.301  1.00 60.09 ? 85  LYS A CG  1 
ATOM   686  C CD  . LYS A 1 87  ? -25.374 -10.946 -4.801  1.00 58.76 ? 85  LYS A CD  1 
ATOM   687  C CE  . LYS A 1 87  ? -24.987 -9.474  -4.800  1.00 60.19 ? 85  LYS A CE  1 
ATOM   688  N NZ  . LYS A 1 87  ? -24.889 -8.915  -6.168  1.00 60.12 ? 85  LYS A NZ  1 
ATOM   689  N N   . ASP A 1 88  ? -21.636 -13.938 -7.999  1.00 56.26 ? 86  ASP A N   1 
ATOM   690  C CA  . ASP A 1 88  ? -20.882 -13.817 -9.281  1.00 54.98 ? 86  ASP A CA  1 
ATOM   691  C C   . ASP A 1 88  ? -19.521 -14.525 -9.097  1.00 53.84 ? 86  ASP A C   1 
ATOM   692  O O   . ASP A 1 88  ? -18.539 -13.928 -8.630  1.00 54.33 ? 86  ASP A O   1 
ATOM   693  C CB  . ASP A 1 88  ? -20.726 -12.364 -9.793  1.00 54.84 ? 86  ASP A CB  1 
ATOM   694  C CG  . ASP A 1 88  ? -20.035 -12.282 -11.181 1.00 55.96 ? 86  ASP A CG  1 
ATOM   695  O OD1 . ASP A 1 88  ? -20.054 -11.185 -11.802 1.00 56.58 ? 86  ASP A OD1 1 
ATOM   696  O OD2 . ASP A 1 88  ? -19.466 -13.298 -11.652 1.00 54.04 ? 86  ASP A OD2 1 
ATOM   697  N N   . GLN A 1 89  ? -19.496 -15.812 -9.417  1.00 52.03 ? 87  GLN A N   1 
ATOM   698  C CA  . GLN A 1 89  ? -18.337 -16.664 -9.212  1.00 50.71 ? 87  GLN A CA  1 
ATOM   699  C C   . GLN A 1 89  ? -17.077 -16.318 -10.065 1.00 49.17 ? 87  GLN A C   1 
ATOM   700  O O   . GLN A 1 89  ? -15.982 -16.844 -9.828  1.00 48.42 ? 87  GLN A O   1 
ATOM   701  C CB  . GLN A 1 89  ? -18.759 -18.117 -9.416  1.00 51.84 ? 87  GLN A CB  1 
ATOM   702  C CG  . GLN A 1 89  ? -19.879 -18.599 -8.476  1.00 55.55 ? 87  GLN A CG  1 
ATOM   703  C CD  . GLN A 1 89  ? -19.375 -19.167 -7.144  1.00 59.16 ? 87  GLN A CD  1 
ATOM   704  O OE1 . GLN A 1 89  ? -18.344 -19.841 -7.086  1.00 61.03 ? 87  GLN A OE1 1 
ATOM   705  N NE2 . GLN A 1 89  ? -20.130 -18.919 -6.070  1.00 62.10 ? 87  GLN A NE2 1 
ATOM   706  N N   . ARG A 1 90  ? -17.228 -15.422 -11.037 1.00 46.95 ? 88  ARG A N   1 
ATOM   707  C CA  . ARG A 1 90  ? -16.096 -14.990 -11.854 1.00 45.90 ? 88  ARG A CA  1 
ATOM   708  C C   . ARG A 1 90  ? -15.406 -13.717 -11.317 1.00 43.78 ? 88  ARG A C   1 
ATOM   709  O O   . ARG A 1 90  ? -14.446 -13.215 -11.902 1.00 43.21 ? 88  ARG A O   1 
ATOM   710  C CB  . ARG A 1 90  ? -16.508 -14.907 -13.331 1.00 46.84 ? 88  ARG A CB  1 
ATOM   711  C CG  . ARG A 1 90  ? -16.905 -16.323 -13.912 1.00 46.83 ? 88  ARG A CG  1 
ATOM   712  C CD  . ARG A 1 90  ? -17.516 -16.255 -15.357 1.00 49.31 ? 88  ARG A CD  1 
ATOM   713  N NE  . ARG A 1 90  ? -18.369 -17.423 -15.637 1.00 55.48 ? 88  ARG A NE  1 
ATOM   714  C CZ  . ARG A 1 90  ? -19.677 -17.380 -15.922 1.00 57.24 ? 88  ARG A CZ  1 
ATOM   715  N NH1 . ARG A 1 90  ? -20.329 -16.231 -16.041 1.00 58.35 ? 88  ARG A NH1 1 
ATOM   716  N NH2 . ARG A 1 90  ? -20.340 -18.510 -16.126 1.00 59.58 ? 88  ARG A NH2 1 
ATOM   717  N N   A ARG A 1 91  ? -15.953 -13.201 -10.224 0.50 42.85 ? 89  ARG A N   1 
ATOM   718  N N   B ARG A 1 91  ? -15.900 -13.242 -10.177 0.50 42.57 ? 89  ARG A N   1 
ATOM   719  C CA  A ARG A 1 91  ? -15.286 -12.217 -9.389  0.50 41.87 ? 89  ARG A CA  1 
ATOM   720  C CA  B ARG A 1 91  ? -15.303 -12.151 -9.401  0.50 41.28 ? 89  ARG A CA  1 
ATOM   721  C C   A ARG A 1 91  ? -14.557 -12.909 -8.248  0.50 41.28 ? 89  ARG A C   1 
ATOM   722  C C   B ARG A 1 91  ? -14.669 -12.680 -8.115  0.50 40.92 ? 89  ARG A C   1 
ATOM   723  O O   A ARG A 1 91  ? -15.034 -13.903 -7.659  0.50 41.50 ? 89  ARG A O   1 
ATOM   724  O O   B ARG A 1 91  ? -15.335 -13.344 -7.295  0.50 41.22 ? 89  ARG A O   1 
ATOM   725  C CB  A ARG A 1 91  ? -16.283 -11.220 -8.823  0.50 41.82 ? 89  ARG A CB  1 
ATOM   726  C CB  B ARG A 1 91  ? -16.371 -11.136 -9.049  0.50 41.02 ? 89  ARG A CB  1 
ATOM   727  C CG  A ARG A 1 91  ? -16.306 -9.907  -9.569  0.50 43.16 ? 89  ARG A CG  1 
ATOM   728  C CG  B ARG A 1 91  ? -16.712 -10.214 -10.181 0.50 40.64 ? 89  ARG A CG  1 
ATOM   729  C CD  A ARG A 1 91  ? -17.160 -9.982  -10.800 0.50 43.68 ? 89  ARG A CD  1 
ATOM   730  C CD  B ARG A 1 91  ? -17.733 -9.201  -9.737  0.50 38.91 ? 89  ARG A CD  1 
ATOM   731  N NE  A ARG A 1 91  ? -16.791 -8.959  -11.774 0.50 43.79 ? 89  ARG A NE  1 
ATOM   732  N NE  B ARG A 1 91  ? -17.263 -7.848  -9.975  0.50 39.37 ? 89  ARG A NE  1 
ATOM   733  C CZ  A ARG A 1 91  ? -16.549 -9.190  -13.061 0.50 42.90 ? 89  ARG A CZ  1 
ATOM   734  C CZ  B ARG A 1 91  ? -17.024 -6.958  -9.027  0.50 38.82 ? 89  ARG A CZ  1 
ATOM   735  N NH1 A ARG A 1 91  ? -16.231 -8.171  -13.836 0.50 43.50 ? 89  ARG A NH1 1 
ATOM   736  N NH1 B ARG A 1 91  ? -16.597 -5.757  -9.359  0.50 38.05 ? 89  ARG A NH1 1 
ATOM   737  N NH2 A ARG A 1 91  ? -16.640 -10.424 -13.570 0.50 39.91 ? 89  ARG A NH2 1 
ATOM   738  N NH2 B ARG A 1 91  ? -17.223 -7.261  -7.754  0.50 40.03 ? 89  ARG A NH2 1 
ATOM   739  N N   . VAL A 1 92  ? -13.385 -12.387 -7.941  1.00 39.92 ? 90  VAL A N   1 
ATOM   740  C CA  . VAL A 1 92  ? -12.627 -12.899 -6.840  1.00 37.51 ? 90  VAL A CA  1 
ATOM   741  C C   . VAL A 1 92  ? -12.327 -11.742 -5.890  1.00 35.54 ? 90  VAL A C   1 
ATOM   742  O O   . VAL A 1 92  ? -11.685 -10.754 -6.268  1.00 33.21 ? 90  VAL A O   1 
ATOM   743  C CB  . VAL A 1 92  ? -11.346 -13.558 -7.316  1.00 37.33 ? 90  VAL A CB  1 
ATOM   744  C CG1 . VAL A 1 92  ? -10.493 -13.977 -6.106  1.00 38.65 ? 90  VAL A CG1 1 
ATOM   745  C CG2 . VAL A 1 92  ? -11.668 -14.721 -8.270  1.00 35.92 ? 90  VAL A CG2 1 
ATOM   746  N N   . TYR A 1 93  ? -12.847 -11.892 -4.676  1.00 33.73 ? 91  TYR A N   1 
ATOM   747  C CA  . TYR A 1 93  ? -12.561 -11.014 -3.538  1.00 33.99 ? 91  TYR A CA  1 
ATOM   748  C C   . TYR A 1 93  ? -11.413 -11.444 -2.649  1.00 32.69 ? 91  TYR A C   1 
ATOM   749  O O   . TYR A 1 93  ? -11.124 -12.631 -2.435  1.00 33.18 ? 91  TYR A O   1 
ATOM   750  C CB  . TYR A 1 93  ? -13.812 -10.834 -2.674  1.00 34.33 ? 91  TYR A CB  1 
ATOM   751  C CG  . TYR A 1 93  ? -14.744 -9.892  -3.335  1.00 36.54 ? 91  TYR A CG  1 
ATOM   752  C CD1 . TYR A 1 93  ? -15.374 -10.241 -4.545  1.00 38.11 ? 91  TYR A CD1 1 
ATOM   753  C CD2 . TYR A 1 93  ? -14.978 -8.646  -2.794  1.00 35.26 ? 91  TYR A CD2 1 
ATOM   754  C CE1 . TYR A 1 93  ? -16.224 -9.355  -5.169  1.00 38.55 ? 91  TYR A CE1 1 
ATOM   755  C CE2 . TYR A 1 93  ? -15.846 -7.772  -3.401  1.00 36.22 ? 91  TYR A CE2 1 
ATOM   756  C CZ  . TYR A 1 93  ? -16.450 -8.128  -4.580  1.00 36.20 ? 91  TYR A CZ  1 
ATOM   757  O OH  . TYR A 1 93  ? -17.267 -7.222  -5.193  1.00 40.66 ? 91  TYR A OH  1 
ATOM   758  N N   . VAL A 1 94  ? -10.759 -10.442 -2.111  1.00 31.15 ? 92  VAL A N   1 
ATOM   759  C CA  . VAL A 1 94  ? -9.598  -10.686 -1.294  1.00 30.54 ? 92  VAL A CA  1 
ATOM   760  C C   . VAL A 1 94  ? -9.796  -9.985  0.075   1.00 30.16 ? 92  VAL A C   1 
ATOM   761  O O   . VAL A 1 94  ? -10.291 -8.870  0.153   1.00 28.86 ? 92  VAL A O   1 
ATOM   762  C CB  . VAL A 1 94  ? -8.268  -10.189 -1.965  1.00 30.16 ? 92  VAL A CB  1 
ATOM   763  C CG1 . VAL A 1 94  ? -7.106  -10.693 -1.210  1.00 26.11 ? 92  VAL A CG1 1 
ATOM   764  C CG2 . VAL A 1 94  ? -8.130  -10.638 -3.453  1.00 29.52 ? 92  VAL A CG2 1 
ATOM   765  N N   . ASN A 1 95  ? -9.364  -10.652 1.136   1.00 30.89 ? 93  ASN A N   1 
ATOM   766  C CA  . ASN A 1 95  ? -9.290  -9.985  2.452   1.00 31.29 ? 93  ASN A CA  1 
ATOM   767  C C   . ASN A 1 95  ? -8.113  -10.439 3.334   1.00 29.81 ? 93  ASN A C   1 
ATOM   768  O O   . ASN A 1 95  ? -7.501  -11.499 3.125   1.00 30.34 ? 93  ASN A O   1 
ATOM   769  C CB  . ASN A 1 95  ? -10.652 -10.055 3.184   1.00 30.09 ? 93  ASN A CB  1 
ATOM   770  C CG  . ASN A 1 95  ? -11.018 -11.454 3.596   1.00 33.07 ? 93  ASN A CG  1 
ATOM   771  O OD1 . ASN A 1 95  ? -11.695 -12.172 2.868   1.00 32.35 ? 93  ASN A OD1 1 
ATOM   772  N ND2 . ASN A 1 95  ? -10.587 -11.853 4.800   1.00 34.57 ? 93  ASN A ND2 1 
ATOM   773  N N   . LEU A 1 96  ? -7.752  -9.604  4.291   1.00 29.40 ? 94  LEU A N   1 
ATOM   774  C CA  . LEU A 1 96  ? -6.708  -10.039 5.251   1.00 27.60 ? 94  LEU A CA  1 
ATOM   775  C C   . LEU A 1 96  ? -7.243  -11.164 6.127   1.00 26.38 ? 94  LEU A C   1 
ATOM   776  O O   . LEU A 1 96  ? -8.423  -11.196 6.464   1.00 25.96 ? 94  LEU A O   1 
ATOM   777  C CB  . LEU A 1 96  ? -6.242  -8.869  6.103   1.00 26.26 ? 94  LEU A CB  1 
ATOM   778  C CG  . LEU A 1 96  ? -5.439  -7.827  5.355   1.00 24.56 ? 94  LEU A CG  1 
ATOM   779  C CD1 . LEU A 1 96  ? -5.411  -6.580  6.236   1.00 22.00 ? 94  LEU A CD1 1 
ATOM   780  C CD2 . LEU A 1 96  ? -4.034  -8.361  5.007   1.00 24.77 ? 94  LEU A CD2 1 
ATOM   781  N N   . THR A 1 97  ? -6.392  -12.124 6.446   1.00 27.40 ? 95  THR A N   1 
ATOM   782  C CA  . THR A 1 97  ? -6.754  -13.136 7.453   1.00 26.91 ? 95  THR A CA  1 
ATOM   783  C C   . THR A 1 97  ? -6.469  -12.543 8.870   1.00 28.38 ? 95  THR A C   1 
ATOM   784  O O   . THR A 1 97  ? -5.855  -11.460 8.983   1.00 28.03 ? 95  THR A O   1 
ATOM   785  C CB  . THR A 1 97  ? -5.874  -14.351 7.319   1.00 26.12 ? 95  THR A CB  1 
ATOM   786  O OG1 . THR A 1 97  ? -4.536  -13.910 7.403   1.00 26.06 ? 95  THR A OG1 1 
ATOM   787  C CG2 . THR A 1 97  ? -6.064  -15.083 5.868   1.00 27.93 ? 95  THR A CG2 1 
ATOM   788  N N   . GLU A 1 98  ? -6.854  -13.268 9.938   1.00 28.33 ? 96  GLU A N   1 
ATOM   789  C CA  . GLU A 1 98  ? -6.522  -12.807 11.328  1.00 29.34 ? 96  GLU A CA  1 
ATOM   790  C C   . GLU A 1 98  ? -5.024  -12.693 11.440  1.00 28.89 ? 96  GLU A C   1 
ATOM   791  O O   . GLU A 1 98  ? -4.501  -11.746 12.026  1.00 29.33 ? 96  GLU A O   1 
ATOM   792  C CB  . GLU A 1 98  ? -7.082  -13.741 12.418  1.00 28.06 ? 96  GLU A CB  1 
ATOM   793  C CG  . GLU A 1 98  ? -8.621  -13.829 12.365  1.00 25.96 ? 96  GLU A CG  1 
ATOM   794  C CD  . GLU A 1 98  ? -9.191  -14.957 13.294  1.00 32.61 ? 96  GLU A CD  1 
ATOM   795  O OE1 . GLU A 1 98  ? -8.517  -15.315 14.280  1.00 35.90 ? 96  GLU A OE1 1 
ATOM   796  O OE2 . GLU A 1 98  ? -10.326 -15.453 13.066  1.00 37.40 ? 96  GLU A OE2 1 
ATOM   797  N N   . LYS A 1 99  ? -4.322  -13.627 10.831  1.00 28.05 ? 97  LYS A N   1 
ATOM   798  C CA  . LYS A 1 99  ? -2.898  -13.533 10.841  1.00 30.34 ? 97  LYS A CA  1 
ATOM   799  C C   . LYS A 1 99  ? -2.350  -12.282 10.100  1.00 30.39 ? 97  LYS A C   1 
ATOM   800  O O   . LYS A 1 99  ? -1.393  -11.610 10.555  1.00 30.51 ? 97  LYS A O   1 
ATOM   801  C CB  . LYS A 1 99  ? -2.316  -14.847 10.302  1.00 30.51 ? 97  LYS A CB  1 
ATOM   802  C CG  . LYS A 1 99  ? -0.800  -14.832 10.249  1.00 33.26 ? 97  LYS A CG  1 
ATOM   803  C CD  . LYS A 1 99  ? -0.285  -16.053 9.466   1.00 39.38 ? 97  LYS A CD  1 
ATOM   804  C CE  . LYS A 1 99  ? 1.208   -15.909 9.155   1.00 39.78 ? 97  LYS A CE  1 
ATOM   805  N NZ  . LYS A 1 99  ? 1.751   -17.272 8.740   1.00 42.69 ? 97  LYS A NZ  1 
ATOM   806  N N   . GLY A 1 100 ? -2.975  -11.937 8.965   1.00 30.74 ? 98  GLY A N   1 
ATOM   807  C CA  . GLY A 1 100 ? -2.562  -10.733 8.229   1.00 28.06 ? 98  GLY A CA  1 
ATOM   808  C C   . GLY A 1 100 ? -2.881  -9.465  8.988   1.00 26.90 ? 98  GLY A C   1 
ATOM   809  O O   . GLY A 1 100 ? -2.108  -8.545  8.977   1.00 25.54 ? 98  GLY A O   1 
ATOM   810  N N   . GLN A 1 101 ? -4.025  -9.439  9.671   1.00 27.92 ? 99  GLN A N   1 
ATOM   811  C CA  . GLN A 1 101 ? -4.395  -8.266  10.489  1.00 28.09 ? 99  GLN A CA  1 
ATOM   812  C C   . GLN A 1 101 ? -3.412  -8.039  11.639  1.00 28.20 ? 99  GLN A C   1 
ATOM   813  O O   . GLN A 1 101 ? -3.046  -6.909  11.942  1.00 28.48 ? 99  GLN A O   1 
ATOM   814  C CB  . GLN A 1 101 ? -5.805  -8.447  11.036  1.00 28.82 ? 99  GLN A CB  1 
ATOM   815  C CG  . GLN A 1 101 ? -6.924  -8.446  9.958   1.00 27.17 ? 99  GLN A CG  1 
ATOM   816  C CD  . GLN A 1 101 ? -7.249  -7.043  9.459   1.00 23.94 ? 99  GLN A CD  1 
ATOM   817  O OE1 . GLN A 1 101 ? -6.541  -6.101  9.768   1.00 26.42 ? 99  GLN A OE1 1 
ATOM   818  N NE2 . GLN A 1 101 ? -8.307  -6.910  8.683   1.00 24.43 ? 99  GLN A NE2 1 
ATOM   819  N N   . GLN A 1 102 ? -2.918  -9.131  12.223  1.00 28.68 ? 100 GLN A N   1 
ATOM   820  C CA  . GLN A 1 102 ? -1.978  -9.041  13.363  1.00 28.69 ? 100 GLN A CA  1 
ATOM   821  C C   . GLN A 1 102 ? -0.596  -8.681  12.856  1.00 28.42 ? 100 GLN A C   1 
ATOM   822  O O   . GLN A 1 102 ? 0.158   -7.991  13.519  1.00 29.07 ? 100 GLN A O   1 
ATOM   823  C CB  . GLN A 1 102 ? -1.931  -10.370 14.146  1.00 27.99 ? 100 GLN A CB  1 
ATOM   824  C CG  . GLN A 1 102 ? -1.099  -10.295 15.461  1.00 29.28 ? 100 GLN A CG  1 
ATOM   825  C CD  . GLN A 1 102 ? -1.636  -9.275  16.470  1.00 27.39 ? 100 GLN A CD  1 
ATOM   826  O OE1 . GLN A 1 102 ? -2.825  -8.998  16.558  1.00 26.70 ? 100 GLN A OE1 1 
ATOM   827  N NE2 . GLN A 1 102 ? -0.745  -8.750  17.263  1.00 29.49 ? 100 GLN A NE2 1 
ATOM   828  N N   A CYS A 1 103 ? -0.263  -9.164  11.663  0.50 29.13 ? 101 CYS A N   1 
ATOM   829  N N   B CYS A 1 103 ? -0.270  -9.208  11.688  0.50 28.88 ? 101 CYS A N   1 
ATOM   830  C CA  A CYS A 1 103 ? 0.889   -8.696  10.895  0.60 28.81 ? 101 CYS A CA  1 
ATOM   831  C CA  B CYS A 1 103 ? 0.897   -8.729  10.935  0.40 29.37 ? 101 CYS A CA  1 
ATOM   832  C C   A CYS A 1 103 ? 0.836   -7.178  10.709  0.60 28.63 ? 101 CYS A C   1 
ATOM   833  C C   B CYS A 1 103 ? 0.854   -7.207  10.660  0.40 28.85 ? 101 CYS A C   1 
ATOM   834  O O   A CYS A 1 103 ? 1.766   -6.452  11.079  0.60 28.93 ? 101 CYS A O   1 
ATOM   835  O O   B CYS A 1 103 ? 1.839   -6.506  10.913  0.40 29.11 ? 101 CYS A O   1 
ATOM   836  C CB  A CYS A 1 103 ? 0.877   -9.410  9.520   0.60 29.49 ? 101 CYS A CB  1 
ATOM   837  C CB  B CYS A 1 103 ? 1.096   -9.538  9.623   0.40 29.95 ? 101 CYS A CB  1 
ATOM   838  S SG  A CYS A 1 103 ? 2.282   -9.072  8.566   0.60 31.11 ? 101 CYS A SG  1 
ATOM   839  S SG  B CYS A 1 103 ? 2.275   -10.954 9.741   0.40 34.46 ? 101 CYS A SG  1 
ATOM   840  N N   . PHE A 1 104 ? -0.269  -6.683  10.151  1.00 28.33 ? 102 PHE A N   1 
ATOM   841  C CA  . PHE A 1 104 ? -0.402  -5.233  10.020  1.00 27.71 ? 102 PHE A CA  1 
ATOM   842  C C   . PHE A 1 104 ? -0.151  -4.535  11.402  1.00 27.38 ? 102 PHE A C   1 
ATOM   843  O O   . PHE A 1 104 ? 0.662   -3.614  11.518  1.00 27.03 ? 102 PHE A O   1 
ATOM   844  C CB  . PHE A 1 104 ? -1.767  -4.787  9.470   1.00 26.77 ? 102 PHE A CB  1 
ATOM   845  C CG  . PHE A 1 104 ? -1.921  -3.288  9.502   1.00 28.28 ? 102 PHE A CG  1 
ATOM   846  C CD1 . PHE A 1 104 ? -1.483  -2.499  8.410   1.00 26.58 ? 102 PHE A CD1 1 
ATOM   847  C CD2 . PHE A 1 104 ? -2.429  -2.646  10.644  1.00 24.44 ? 102 PHE A CD2 1 
ATOM   848  C CE1 . PHE A 1 104 ? -1.581  -1.076  8.461   1.00 30.65 ? 102 PHE A CE1 1 
ATOM   849  C CE2 . PHE A 1 104 ? -2.542  -1.225  10.716  1.00 23.89 ? 102 PHE A CE2 1 
ATOM   850  C CZ  . PHE A 1 104 ? -2.109  -0.434  9.620   1.00 28.82 ? 102 PHE A CZ  1 
ATOM   851  N N   . VAL A 1 105 ? -0.844  -5.006  12.442  1.00 27.26 ? 103 VAL A N   1 
ATOM   852  C CA  . VAL A 1 105 ? -0.696  -4.390  13.800  1.00 27.29 ? 103 VAL A CA  1 
ATOM   853  C C   . VAL A 1 105 ? 0.771   -4.336  14.281  1.00 28.26 ? 103 VAL A C   1 
ATOM   854  O O   . VAL A 1 105 ? 1.262   -3.285  14.658  1.00 26.27 ? 103 VAL A O   1 
ATOM   855  C CB  . VAL A 1 105 ? -1.616  -5.082  14.852  1.00 27.24 ? 103 VAL A CB  1 
ATOM   856  C CG1 . VAL A 1 105 ? -1.284  -4.588  16.286  1.00 26.71 ? 103 VAL A CG1 1 
ATOM   857  C CG2 . VAL A 1 105 ? -3.080  -4.854  14.532  1.00 23.26 ? 103 VAL A CG2 1 
ATOM   858  N N   . SER A 1 106 ? 1.484   -5.456  14.245  1.00 30.75 ? 104 SER A N   1 
ATOM   859  C CA  . SER A 1 106 ? 2.856   -5.411  14.738  1.00 34.02 ? 104 SER A CA  1 
ATOM   860  C C   . SER A 1 106 ? 3.828   -4.552  13.922  1.00 35.72 ? 104 SER A C   1 
ATOM   861  O O   . SER A 1 106 ? 4.803   -4.073  14.463  1.00 38.10 ? 104 SER A O   1 
ATOM   862  C CB  . SER A 1 106 ? 3.414   -6.806  14.976  1.00 34.99 ? 104 SER A CB  1 
ATOM   863  O OG  . SER A 1 106 ? 3.707   -7.429  13.772  1.00 35.86 ? 104 SER A OG  1 
ATOM   864  N N   . MET A 1 107 ? 3.563   -4.335  12.640  1.00 36.71 ? 105 MET A N   1 
ATOM   865  C CA  . MET A 1 107 ? 4.406   -3.475  11.844  1.00 37.33 ? 105 MET A CA  1 
ATOM   866  C C   . MET A 1 107 ? 4.121   -2.005  12.066  1.00 37.41 ? 105 MET A C   1 
ATOM   867  O O   . MET A 1 107 ? 4.976   -1.180  11.850  1.00 35.54 ? 105 MET A O   1 
ATOM   868  C CB  . MET A 1 107 ? 4.227   -3.803  10.369  1.00 38.02 ? 105 MET A CB  1 
ATOM   869  C CG  . MET A 1 107 ? 5.013   -5.046  9.934   1.00 41.40 ? 105 MET A CG  1 
ATOM   870  S SD  . MET A 1 107 ? 5.962   -4.657  8.481   1.00 54.78 ? 105 MET A SD  1 
ATOM   871  C CE  . MET A 1 107 ? 6.660   -3.074  8.929   1.00 36.15 ? 105 MET A CE  1 
ATOM   872  N N   . SER A 1 108 ? 2.916   -1.700  12.539  1.00 38.43 ? 106 SER A N   1 
ATOM   873  C CA  . SER A 1 108 ? 2.413   -0.322  12.593  1.00 39.15 ? 106 SER A CA  1 
ATOM   874  C C   . SER A 1 108 ? 3.165   0.585   13.546  1.00 38.61 ? 106 SER A C   1 
ATOM   875  O O   . SER A 1 108 ? 3.298   1.758   13.254  1.00 38.41 ? 106 SER A O   1 
ATOM   876  C CB  . SER A 1 108 ? 0.891   -0.281  12.884  1.00 39.10 ? 106 SER A CB  1 
ATOM   877  O OG  . SER A 1 108 ? 0.641   -0.654  14.237  1.00 40.94 ? 106 SER A OG  1 
ATOM   878  N N   . GLY A 1 109 ? 3.686   0.052   14.654  1.00 38.65 ? 107 GLY A N   1 
ATOM   879  C CA  . GLY A 1 109 ? 4.509   0.861   15.571  1.00 38.44 ? 107 GLY A CA  1 
ATOM   880  C C   . GLY A 1 109 ? 5.797   1.318   14.906  1.00 38.41 ? 107 GLY A C   1 
ATOM   881  O O   . GLY A 1 109 ? 6.126   2.523   14.892  1.00 38.38 ? 107 GLY A O   1 
ATOM   882  N N   . ASP A 1 110 ? 6.504   0.374   14.288  1.00 39.10 ? 108 ASP A N   1 
ATOM   883  C CA  . ASP A 1 110 ? 7.661   0.737   13.453  1.00 39.60 ? 108 ASP A CA  1 
ATOM   884  C C   . ASP A 1 110 ? 7.295   1.765   12.362  1.00 38.66 ? 108 ASP A C   1 
ATOM   885  O O   . ASP A 1 110 ? 7.978   2.775   12.204  1.00 37.96 ? 108 ASP A O   1 
ATOM   886  C CB  . ASP A 1 110 ? 8.345   -0.519  12.857  1.00 40.81 ? 108 ASP A CB  1 
ATOM   887  C CG  . ASP A 1 110 ? 9.064   -1.370  13.925  1.00 45.59 ? 108 ASP A CG  1 
ATOM   888  O OD1 . ASP A 1 110 ? 9.490   -0.791  14.961  1.00 49.35 ? 108 ASP A OD1 1 
ATOM   889  O OD2 . ASP A 1 110 ? 9.184   -2.619  13.754  1.00 50.30 ? 108 ASP A OD2 1 
ATOM   890  N N   A MET A 1 111 ? 6.213   1.525   11.625  0.50 38.93 ? 109 MET A N   1 
ATOM   891  N N   B MET A 1 111 ? 6.207   1.492   11.632  0.50 38.15 ? 109 MET A N   1 
ATOM   892  C CA  A MET A 1 111 ? 5.869   2.439   10.526  0.50 39.39 ? 109 MET A CA  1 
ATOM   893  C CA  B MET A 1 111 ? 5.735   2.386   10.562  0.50 37.92 ? 109 MET A CA  1 
ATOM   894  C C   A MET A 1 111 ? 5.474   3.852   11.022  0.50 39.08 ? 109 MET A C   1 
ATOM   895  C C   B MET A 1 111 ? 5.563   3.821   11.083  0.50 38.29 ? 109 MET A C   1 
ATOM   896  O O   A MET A 1 111 ? 5.728   4.846   10.333  0.50 38.93 ? 109 MET A O   1 
ATOM   897  O O   B MET A 1 111 ? 6.047   4.781   10.477  0.50 38.12 ? 109 MET A O   1 
ATOM   898  C CB  A MET A 1 111 ? 4.838   1.826   9.542   0.50 39.12 ? 109 MET A CB  1 
ATOM   899  C CB  B MET A 1 111 ? 4.425   1.868   9.903   0.50 37.40 ? 109 MET A CB  1 
ATOM   900  C CG  A MET A 1 111 ? 5.219   0.461   8.888   0.50 40.36 ? 109 MET A CG  1 
ATOM   901  C CG  B MET A 1 111 ? 3.875   2.803   8.786   0.50 37.78 ? 109 MET A CG  1 
ATOM   902  S SD  A MET A 1 111 ? 6.553   0.351   7.640   0.50 39.80 ? 109 MET A SD  1 
ATOM   903  S SD  B MET A 1 111 ? 2.430   2.240   7.796   0.50 35.28 ? 109 MET A SD  1 
ATOM   904  C CE  A MET A 1 111 ? 7.956   0.493   8.683   0.50 34.84 ? 109 MET A CE  1 
ATOM   905  C CE  B MET A 1 111 ? 1.100   2.280   9.007   0.50 35.87 ? 109 MET A CE  1 
ATOM   906  N N   . GLU A 1 112 ? 4.875   3.939   12.211  1.00 39.55 ? 110 GLU A N   1 
ATOM   907  C CA  . GLU A 1 112 ? 4.598   5.240   12.854  1.00 40.23 ? 110 GLU A CA  1 
ATOM   908  C C   . GLU A 1 112 ? 5.913   5.999   13.188  1.00 39.59 ? 110 GLU A C   1 
ATOM   909  O O   . GLU A 1 112 ? 6.045   7.189   12.867  1.00 39.65 ? 110 GLU A O   1 
ATOM   910  C CB  . GLU A 1 112 ? 3.681   5.033   14.069  1.00 40.49 ? 110 GLU A CB  1 
ATOM   911  C CG  . GLU A 1 112 ? 3.394   6.270   14.990  1.00 44.21 ? 110 GLU A CG  1 
ATOM   912  C CD  . GLU A 1 112 ? 2.789   7.472   14.263  1.00 51.68 ? 110 GLU A CD  1 
ATOM   913  O OE1 . GLU A 1 112 ? 1.813   7.259   13.508  1.00 55.20 ? 110 GLU A OE1 1 
ATOM   914  O OE2 . GLU A 1 112 ? 3.298   8.624   14.442  1.00 55.47 ? 110 GLU A OE2 1 
ATOM   915  N N   . LYS A 1 113 ? 6.896   5.297   13.751  1.00 39.23 ? 111 LYS A N   1 
ATOM   916  C CA  . LYS A 1 113 ? 8.211   5.899   14.050  1.00 39.41 ? 111 LYS A CA  1 
ATOM   917  C C   . LYS A 1 113 ? 8.902   6.407   12.791  1.00 38.89 ? 111 LYS A C   1 
ATOM   918  O O   . LYS A 1 113 ? 9.546   7.480   12.804  1.00 38.26 ? 111 LYS A O   1 
ATOM   919  C CB  . LYS A 1 113 ? 9.151   4.896   14.709  1.00 40.64 ? 111 LYS A CB  1 
ATOM   920  C CG  . LYS A 1 113 ? 8.566   4.126   15.864  1.00 43.72 ? 111 LYS A CG  1 
ATOM   921  C CD  . LYS A 1 113 ? 9.216   4.504   17.175  1.00 49.61 ? 111 LYS A CD  1 
ATOM   922  C CE  . LYS A 1 113 ? 8.530   3.778   18.370  1.00 52.98 ? 111 LYS A CE  1 
ATOM   923  N NZ  . LYS A 1 113 ? 8.715   2.292   18.328  1.00 52.23 ? 111 LYS A NZ  1 
ATOM   924  N N   . ASN A 1 114 ? 8.767   5.651   11.692  1.00 37.41 ? 112 ASN A N   1 
ATOM   925  C CA  . ASN A 1 114 ? 9.340   6.110   10.450  1.00 36.73 ? 112 ASN A CA  1 
ATOM   926  C C   . ASN A 1 114 ? 8.654   7.326   9.892   1.00 36.03 ? 112 ASN A C   1 
ATOM   927  O O   . ASN A 1 114 ? 9.309   8.184   9.289   1.00 35.99 ? 112 ASN A O   1 
ATOM   928  C CB  . ASN A 1 114 ? 9.412   4.974   9.446   1.00 37.02 ? 112 ASN A CB  1 
ATOM   929  C CG  . ASN A 1 114 ? 10.323  3.868   9.927   1.00 39.04 ? 112 ASN A CG  1 
ATOM   930  O OD1 . ASN A 1 114 ? 11.417  4.139   10.410  1.00 36.99 ? 112 ASN A OD1 1 
ATOM   931  N ND2 . ASN A 1 114 ? 9.866   2.627   9.831   1.00 38.80 ? 112 ASN A ND2 1 
ATOM   932  N N   . TYR A 1 115 ? 7.343   7.437   10.127  1.00 35.44 ? 113 TYR A N   1 
ATOM   933  C CA  . TYR A 1 115 ? 6.622   8.673   9.780   1.00 34.75 ? 113 TYR A CA  1 
ATOM   934  C C   . TYR A 1 115 ? 6.993   9.860   10.681  1.00 34.98 ? 113 TYR A C   1 
ATOM   935  O O   . TYR A 1 115 ? 7.069   10.977  10.211  1.00 35.01 ? 113 TYR A O   1 
ATOM   936  C CB  . TYR A 1 115 ? 5.079   8.475   9.782   1.00 34.95 ? 113 TYR A CB  1 
ATOM   937  C CG  . TYR A 1 115 ? 4.579   8.019   8.446   1.00 34.10 ? 113 TYR A CG  1 
ATOM   938  C CD1 . TYR A 1 115 ? 4.083   6.733   8.282   1.00 31.57 ? 113 TYR A CD1 1 
ATOM   939  C CD2 . TYR A 1 115 ? 4.687   8.864   7.308   1.00 33.85 ? 113 TYR A CD2 1 
ATOM   940  C CE1 . TYR A 1 115 ? 3.629   6.295   7.019   1.00 33.75 ? 113 TYR A CE1 1 
ATOM   941  C CE2 . TYR A 1 115 ? 4.261   8.431   6.061   1.00 35.28 ? 113 TYR A CE2 1 
ATOM   942  C CZ  . TYR A 1 115 ? 3.728   7.144   5.923   1.00 33.16 ? 113 TYR A CZ  1 
ATOM   943  O OH  . TYR A 1 115 ? 3.324   6.700   4.688   1.00 34.32 ? 113 TYR A OH  1 
ATOM   944  N N   . GLN A 1 116 ? 7.204   9.613   11.965  1.00 36.67 ? 114 GLN A N   1 
ATOM   945  C CA  . GLN A 1 116 ? 7.753   10.640  12.876  1.00 39.96 ? 114 GLN A CA  1 
ATOM   946  C C   . GLN A 1 116 ? 9.120   11.175  12.411  1.00 39.23 ? 114 GLN A C   1 
ATOM   947  O O   . GLN A 1 116 ? 9.351   12.379  12.430  1.00 40.46 ? 114 GLN A O   1 
ATOM   948  C CB  . GLN A 1 116 ? 7.794   10.128  14.328  1.00 39.05 ? 114 GLN A CB  1 
ATOM   949  C CG  . GLN A 1 116 ? 6.373   10.014  14.918  1.00 43.73 ? 114 GLN A CG  1 
ATOM   950  C CD  . GLN A 1 116 ? 6.237   9.094   16.171  1.00 45.11 ? 114 GLN A CD  1 
ATOM   951  O OE1 . GLN A 1 116 ? 7.082   8.202   16.446  1.00 50.76 ? 114 GLN A OE1 1 
ATOM   952  N NE2 . GLN A 1 116 ? 5.141   9.305   16.921  1.00 49.61 ? 114 GLN A NE2 1 
ATOM   953  N N   . ARG A 1 117 ? 9.994   10.289  11.938  1.00 38.70 ? 115 ARG A N   1 
ATOM   954  C CA  . ARG A 1 117 ? 11.279  10.709  11.350  1.00 37.95 ? 115 ARG A CA  1 
ATOM   955  C C   . ARG A 1 117 ? 11.082  11.569  10.115  1.00 37.73 ? 115 ARG A C   1 
ATOM   956  O O   . ARG A 1 117 ? 11.806  12.558  9.918   1.00 37.42 ? 115 ARG A O   1 
ATOM   957  C CB  . ARG A 1 117 ? 12.137  9.496   11.034  1.00 36.71 ? 115 ARG A CB  1 
ATOM   958  C CG  . ARG A 1 117 ? 12.572  8.705   12.265  1.00 39.10 ? 115 ARG A CG  1 
ATOM   959  C CD  . ARG A 1 117 ? 13.512  7.521   11.903  1.00 39.62 ? 115 ARG A CD  1 
ATOM   960  N NE  . ARG A 1 117 ? 14.032  6.893   13.143  1.00 51.89 ? 115 ARG A NE  1 
ATOM   961  C CZ  . ARG A 1 117 ? 13.619  5.738   13.704  1.00 55.43 ? 115 ARG A CZ  1 
ATOM   962  N NH1 . ARG A 1 117 ? 12.646  4.990   13.162  1.00 57.42 ? 115 ARG A NH1 1 
ATOM   963  N NH2 . ARG A 1 117 ? 14.190  5.310   14.833  1.00 57.18 ? 115 ARG A NH2 1 
ATOM   964  N N   . ILE A 1 118 ? 10.091  11.211  9.272   1.00 37.18 ? 116 ILE A N   1 
ATOM   965  C CA  . ILE A 1 118 ? 9.803   11.994  8.062   1.00 36.53 ? 116 ILE A CA  1 
ATOM   966  C C   . ILE A 1 118 ? 9.248   13.373  8.426   1.00 37.67 ? 116 ILE A C   1 
ATOM   967  O O   . ILE A 1 118 ? 9.637   14.402  7.857   1.00 37.45 ? 116 ILE A O   1 
ATOM   968  C CB  . ILE A 1 118 ? 8.843   11.230  7.075   1.00 37.18 ? 116 ILE A CB  1 
ATOM   969  C CG1 . ILE A 1 118 ? 9.589   10.021  6.450   1.00 34.48 ? 116 ILE A CG1 1 
ATOM   970  C CG2 . ILE A 1 118 ? 8.253   12.201  6.028   1.00 34.65 ? 116 ILE A CG2 1 
ATOM   971  C CD1 . ILE A 1 118 ? 8.782   9.115   5.480   1.00 35.76 ? 116 ILE A CD1 1 
ATOM   972  N N   . GLN A 1 119 ? 8.357   13.389  9.407   1.00 39.87 ? 117 GLN A N   1 
ATOM   973  C CA  . GLN A 1 119 ? 7.683   14.616  9.831   1.00 42.11 ? 117 GLN A CA  1 
ATOM   974  C C   . GLN A 1 119 ? 8.724   15.609  10.390  1.00 42.02 ? 117 GLN A C   1 
ATOM   975  O O   . GLN A 1 119 ? 8.740   16.774  9.997   1.00 42.98 ? 117 GLN A O   1 
ATOM   976  C CB  . GLN A 1 119 ? 6.666   14.244  10.888  1.00 42.93 ? 117 GLN A CB  1 
ATOM   977  C CG  . GLN A 1 119 ? 5.439   15.117  10.943  1.00 49.15 ? 117 GLN A CG  1 
ATOM   978  C CD  . GLN A 1 119 ? 4.596   14.732  12.136  1.00 56.07 ? 117 GLN A CD  1 
ATOM   979  O OE1 . GLN A 1 119 ? 4.084   13.592  12.212  1.00 57.88 ? 117 GLN A OE1 1 
ATOM   980  N NE2 . GLN A 1 119 ? 4.499   15.645  13.120  1.00 56.95 ? 117 GLN A NE2 1 
ATOM   981  N N   . GLU A 1 120 ? 9.621   15.124  11.247  1.00 41.95 ? 118 GLU A N   1 
ATOM   982  C CA  . GLU A 1 120 ? 10.707  15.955  11.811  1.00 42.71 ? 118 GLU A CA  1 
ATOM   983  C C   . GLU A 1 120 ? 11.641  16.518  10.751  1.00 41.70 ? 118 GLU A C   1 
ATOM   984  O O   . GLU A 1 120 ? 11.939  17.693  10.748  1.00 41.53 ? 118 GLU A O   1 
ATOM   985  C CB  . GLU A 1 120 ? 11.505  15.152  12.843  1.00 43.05 ? 118 GLU A CB  1 
ATOM   986  C CG  . GLU A 1 120 ? 10.667  14.746  14.033  1.00 47.44 ? 118 GLU A CG  1 
ATOM   987  C CD  . GLU A 1 120 ? 11.307  13.667  14.889  1.00 57.11 ? 118 GLU A CD  1 
ATOM   988  O OE1 . GLU A 1 120 ? 12.450  13.241  14.569  1.00 60.14 ? 118 GLU A OE1 1 
ATOM   989  O OE2 . GLU A 1 120 ? 10.664  13.240  15.897  1.00 61.21 ? 118 GLU A OE2 1 
ATOM   990  N N   . ARG A 1 121 ? 12.058  15.671  9.821   1.00 41.52 ? 119 ARG A N   1 
ATOM   991  C CA  . ARG A 1 121 ? 13.028  16.029  8.825   1.00 40.64 ? 119 ARG A CA  1 
ATOM   992  C C   . ARG A 1 121 ? 12.406  16.791  7.677   1.00 41.60 ? 119 ARG A C   1 
ATOM   993  O O   . ARG A 1 121 ? 13.090  17.572  7.028   1.00 41.37 ? 119 ARG A O   1 
ATOM   994  C CB  . ARG A 1 121 ? 13.699  14.755  8.353   1.00 41.54 ? 119 ARG A CB  1 
ATOM   995  C CG  . ARG A 1 121 ? 14.864  14.891  7.422   1.00 40.75 ? 119 ARG A CG  1 
ATOM   996  C CD  . ARG A 1 121 ? 15.512  13.507  7.295   1.00 39.88 ? 119 ARG A CD  1 
ATOM   997  N NE  . ARG A 1 121 ? 16.483  13.471  6.198   1.00 38.52 ? 119 ARG A NE  1 
ATOM   998  C CZ  . ARG A 1 121 ? 17.745  13.875  6.298   1.00 35.06 ? 119 ARG A CZ  1 
ATOM   999  N NH1 . ARG A 1 121 ? 18.185  14.354  7.448   1.00 31.83 ? 119 ARG A NH1 1 
ATOM   1000 N NH2 . ARG A 1 121 ? 18.542  13.811  5.242   1.00 35.42 ? 119 ARG A NH2 1 
ATOM   1001 N N   . PHE A 1 122 ? 11.113  16.575  7.415   1.00 41.76 ? 120 PHE A N   1 
ATOM   1002 C CA  . PHE A 1 122 ? 10.418  17.284  6.314   1.00 42.01 ? 120 PHE A CA  1 
ATOM   1003 C C   . PHE A 1 122 ? 9.614   18.502  6.806   1.00 42.17 ? 120 PHE A C   1 
ATOM   1004 O O   . PHE A 1 122 ? 9.564   19.536  6.136   1.00 43.05 ? 120 PHE A O   1 
ATOM   1005 C CB  . PHE A 1 122 ? 9.522   16.305  5.516   1.00 41.74 ? 120 PHE A CB  1 
ATOM   1006 C CG  . PHE A 1 122 ? 8.850   16.912  4.288   1.00 40.87 ? 120 PHE A CG  1 
ATOM   1007 C CD1 . PHE A 1 122 ? 9.606   17.443  3.241   1.00 40.90 ? 120 PHE A CD1 1 
ATOM   1008 C CD2 . PHE A 1 122 ? 7.458   16.897  4.163   1.00 39.88 ? 120 PHE A CD2 1 
ATOM   1009 C CE1 . PHE A 1 122 ? 8.987   17.963  2.096   1.00 40.22 ? 120 PHE A CE1 1 
ATOM   1010 C CE2 . PHE A 1 122 ? 6.829   17.414  3.020   1.00 40.17 ? 120 PHE A CE2 1 
ATOM   1011 C CZ  . PHE A 1 122 ? 7.586   17.951  1.990   1.00 39.97 ? 120 PHE A CZ  1 
ATOM   1012 N N   . GLY A 1 123 ? 9.001   18.397  7.975   1.00 43.26 ? 121 GLY A N   1 
ATOM   1013 C CA  . GLY A 1 123 ? 8.129   19.463  8.458   1.00 45.97 ? 121 GLY A CA  1 
ATOM   1014 C C   . GLY A 1 123 ? 6.709   18.940  8.532   1.00 47.97 ? 121 GLY A C   1 
ATOM   1015 O O   . GLY A 1 123 ? 6.185   18.419  7.537   1.00 47.42 ? 121 GLY A O   1 
ATOM   1016 N N   A GLU A 1 124 ? 6.111   19.154  9.708   0.50 48.70 ? 122 GLU A N   1 
ATOM   1017 N N   B GLU A 1 124 ? 6.076   19.035  9.702   0.50 48.90 ? 122 GLU A N   1 
ATOM   1018 C CA  A GLU A 1 124 ? 4.800   18.658  10.137  0.50 49.83 ? 122 GLU A CA  1 
ATOM   1019 C CA  B GLU A 1 124 ? 4.729   18.485  9.881   0.50 50.21 ? 122 GLU A CA  1 
ATOM   1020 C C   A GLU A 1 124 ? 3.597   19.223  9.354   0.50 50.77 ? 122 GLU A C   1 
ATOM   1021 C C   B GLU A 1 124 ? 3.715   19.151  8.953   0.50 50.95 ? 122 GLU A C   1 
ATOM   1022 O O   A GLU A 1 124 ? 2.589   18.539  9.155   0.50 50.97 ? 122 GLU A O   1 
ATOM   1023 O O   B GLU A 1 124 ? 2.944   18.480  8.266   0.50 51.03 ? 122 GLU A O   1 
ATOM   1024 C CB  A GLU A 1 124 ? 4.641   18.929  11.649  0.50 49.71 ? 122 GLU A CB  1 
ATOM   1025 C CB  B GLU A 1 124 ? 4.270   18.602  11.338  0.50 50.30 ? 122 GLU A CB  1 
ATOM   1026 C CG  A GLU A 1 124 ? 5.211   20.307  12.154  0.50 49.50 ? 122 GLU A CG  1 
ATOM   1027 C CG  B GLU A 1 124 ? 2.842   18.121  11.574  0.50 51.08 ? 122 GLU A CG  1 
ATOM   1028 C CD  A GLU A 1 124 ? 6.657   20.255  12.727  0.50 47.48 ? 122 GLU A CD  1 
ATOM   1029 C CD  B GLU A 1 124 ? 2.516   17.937  13.038  0.50 52.39 ? 122 GLU A CD  1 
ATOM   1030 O OE1 A GLU A 1 124 ? 6.945   21.042  13.661  0.50 45.35 ? 122 GLU A OE1 1 
ATOM   1031 O OE1 B GLU A 1 124 ? 2.715   18.893  13.836  0.50 52.44 ? 122 GLU A OE1 1 
ATOM   1032 O OE2 A GLU A 1 124 ? 7.497   19.453  12.251  0.50 45.11 ? 122 GLU A OE2 1 
ATOM   1033 O OE2 B GLU A 1 124 ? 2.055   16.826  13.386  0.50 51.97 ? 122 GLU A OE2 1 
ATOM   1034 N N   . GLU A 1 125 ? 3.739   20.477  8.935   1.00 51.75 ? 123 GLU A N   1 
ATOM   1035 C CA  . GLU A 1 125 ? 2.791   21.240  8.163   1.00 52.94 ? 123 GLU A CA  1 
ATOM   1036 C C   . GLU A 1 125 ? 3.075   21.032  6.662   1.00 53.37 ? 123 GLU A C   1 
ATOM   1037 O O   . GLU A 1 125 ? 2.147   20.858  5.873   1.00 53.54 ? 123 GLU A O   1 
ATOM   1038 C CB  . GLU A 1 125 ? 2.893   22.714  8.610   1.00 53.57 ? 123 GLU A CB  1 
ATOM   1039 C CG  . GLU A 1 125 ? 2.697   23.810  7.556   1.00 56.88 ? 123 GLU A CG  1 
ATOM   1040 C CD  . GLU A 1 125 ? 1.229   24.286  7.396   1.00 61.26 ? 123 GLU A CD  1 
ATOM   1041 O OE1 . GLU A 1 125 ? 0.293   23.439  7.299   1.00 61.80 ? 123 GLU A OE1 1 
ATOM   1042 O OE2 . GLU A 1 125 ? 1.025   25.531  7.338   1.00 63.01 ? 123 GLU A OE2 1 
ATOM   1043 N N   . LYS A 1 126 ? 4.354   21.022  6.279   1.00 53.10 ? 124 LYS A N   1 
ATOM   1044 C CA  . LYS A 1 126 ? 4.742   20.640  4.911   1.00 52.91 ? 124 LYS A CA  1 
ATOM   1045 C C   . LYS A 1 126 ? 4.271   19.226  4.475   1.00 51.51 ? 124 LYS A C   1 
ATOM   1046 O O   . LYS A 1 126 ? 3.912   19.013  3.301   1.00 51.06 ? 124 LYS A O   1 
ATOM   1047 C CB  . LYS A 1 126 ? 6.246   20.811  4.693   1.00 53.14 ? 124 LYS A CB  1 
ATOM   1048 C CG  . LYS A 1 126 ? 6.655   22.245  4.355   1.00 54.19 ? 124 LYS A CG  1 
ATOM   1049 C CD  . LYS A 1 126 ? 8.161   22.383  4.082   1.00 54.44 ? 124 LYS A CD  1 
ATOM   1050 C CE  . LYS A 1 126 ? 8.652   23.790  4.424   1.00 57.68 ? 124 LYS A CE  1 
ATOM   1051 N NZ  . LYS A 1 126 ? 9.993   24.184  3.819   1.00 60.62 ? 124 LYS A NZ  1 
ATOM   1052 N N   . LEU A 1 127 ? 4.274   18.284  5.414   1.00 50.02 ? 125 LEU A N   1 
ATOM   1053 C CA  . LEU A 1 127 ? 3.768   16.949  5.177   1.00 49.72 ? 125 LEU A CA  1 
ATOM   1054 C C   . LEU A 1 127 ? 2.244   16.983  4.907   1.00 49.81 ? 125 LEU A C   1 
ATOM   1055 O O   . LEU A 1 127 ? 1.742   16.295  4.013   1.00 49.65 ? 125 LEU A O   1 
ATOM   1056 C CB  . LEU A 1 127 ? 4.061   16.067  6.379   1.00 49.32 ? 125 LEU A CB  1 
ATOM   1057 C CG  . LEU A 1 127 ? 4.509   14.621  6.196   1.00 49.57 ? 125 LEU A CG  1 
ATOM   1058 C CD1 . LEU A 1 127 ? 4.039   13.789  7.373   1.00 51.09 ? 125 LEU A CD1 1 
ATOM   1059 C CD2 . LEU A 1 127 ? 4.024   14.008  4.907   1.00 48.24 ? 125 LEU A CD2 1 
ATOM   1060 N N   . ALA A 1 128 ? 1.534   17.802  5.691   1.00 49.55 ? 126 ALA A N   1 
ATOM   1061 C CA  . ALA A 1 128 ? 0.092   17.993  5.574   1.00 48.88 ? 126 ALA A CA  1 
ATOM   1062 C C   . ALA A 1 128 ? -0.282  18.722  4.285   1.00 48.19 ? 126 ALA A C   1 
ATOM   1063 O O   . ALA A 1 128 ? -1.219  18.305  3.625   1.00 48.37 ? 126 ALA A O   1 
ATOM   1064 C CB  . ALA A 1 128 ? -0.456  18.725  6.807   1.00 49.51 ? 126 ALA A CB  1 
ATOM   1065 N N   . GLN A 1 129 ? 0.447   19.770  3.897   1.00 46.58 ? 127 GLN A N   1 
ATOM   1066 C CA  . GLN A 1 129 ? 0.206   20.368  2.576   1.00 46.67 ? 127 GLN A CA  1 
ATOM   1067 C C   . GLN A 1 129 ? 0.483   19.441  1.410   1.00 45.25 ? 127 GLN A C   1 
ATOM   1068 O O   . GLN A 1 129 ? -0.199  19.502  0.396   1.00 45.49 ? 127 GLN A O   1 
ATOM   1069 C CB  . GLN A 1 129 ? 0.996   21.649  2.331   1.00 47.09 ? 127 GLN A CB  1 
ATOM   1070 C CG  . GLN A 1 129 ? 0.740   22.765  3.287   1.00 52.94 ? 127 GLN A CG  1 
ATOM   1071 C CD  . GLN A 1 129 ? 1.966   23.643  3.424   1.00 58.80 ? 127 GLN A CD  1 
ATOM   1072 O OE1 . GLN A 1 129 ? 2.647   23.601  4.457   1.00 62.28 ? 127 GLN A OE1 1 
ATOM   1073 N NE2 . GLN A 1 129 ? 2.298   24.393  2.361   1.00 58.64 ? 127 GLN A NE2 1 
ATOM   1074 N N   . LEU A 1 130 ? 1.525   18.623  1.520   1.00 43.46 ? 128 LEU A N   1 
ATOM   1075 C CA  . LEU A 1 130 ? 1.857   17.746  0.436   1.00 41.75 ? 128 LEU A CA  1 
ATOM   1076 C C   . LEU A 1 130 ? 0.710   16.728  0.198   1.00 40.88 ? 128 LEU A C   1 
ATOM   1077 O O   . LEU A 1 130 ? 0.289   16.532  -0.944  1.00 40.05 ? 128 LEU A O   1 
ATOM   1078 C CB  . LEU A 1 130 ? 3.198   17.006  0.696   1.00 41.89 ? 128 LEU A CB  1 
ATOM   1079 C CG  . LEU A 1 130 ? 3.496   15.946  -0.367  1.00 40.52 ? 128 LEU A CG  1 
ATOM   1080 C CD1 . LEU A 1 130 ? 3.599   16.640  -1.754  1.00 34.16 ? 128 LEU A CD1 1 
ATOM   1081 C CD2 . LEU A 1 130 ? 4.742   15.119  -0.024  1.00 40.72 ? 128 LEU A CD2 1 
ATOM   1082 N N   . LEU A 1 131 ? 0.306   16.060  1.273   1.00 40.23 ? 129 LEU A N   1 
ATOM   1083 C CA  . LEU A 1 131 ? -0.773  15.085  1.288   1.00 42.24 ? 129 LEU A CA  1 
ATOM   1084 C C   . LEU A 1 131 ? -2.103  15.663  0.820   1.00 43.00 ? 129 LEU A C   1 
ATOM   1085 O O   . LEU A 1 131 ? -2.814  15.012  0.047   1.00 43.21 ? 129 LEU A O   1 
ATOM   1086 C CB  . LEU A 1 131 ? -0.943  14.469  2.674   1.00 41.44 ? 129 LEU A CB  1 
ATOM   1087 C CG  . LEU A 1 131 ? 0.180   13.527  3.054   1.00 43.28 ? 129 LEU A CG  1 
ATOM   1088 C CD1 . LEU A 1 131 ? 0.239   13.379  4.544   1.00 42.26 ? 129 LEU A CD1 1 
ATOM   1089 C CD2 . LEU A 1 131 ? 0.005   12.154  2.348   1.00 43.79 ? 129 LEU A CD2 1 
ATOM   1090 N N   A GLU A 1 132 ? -2.453  16.848  1.311   0.50 43.35 ? 130 GLU A N   1 
ATOM   1091 N N   B GLU A 1 132 ? -2.424  16.860  1.318   0.50 43.52 ? 130 GLU A N   1 
ATOM   1092 C CA  A GLU A 1 132 ? -3.621  17.566  0.794   0.50 43.80 ? 130 GLU A CA  1 
ATOM   1093 C CA  B GLU A 1 132 ? -3.568  17.673  0.864   0.50 44.28 ? 130 GLU A CA  1 
ATOM   1094 C C   A GLU A 1 132 ? -3.507  17.776  -0.708  0.50 43.77 ? 130 GLU A C   1 
ATOM   1095 C C   B GLU A 1 132 ? -3.529  17.914  -0.650  0.50 43.97 ? 130 GLU A C   1 
ATOM   1096 O O   A GLU A 1 132 ? -4.442  17.456  -1.449  0.50 43.42 ? 130 GLU A O   1 
ATOM   1097 O O   B GLU A 1 132 ? -4.538  17.753  -1.338  0.50 43.75 ? 130 GLU A O   1 
ATOM   1098 C CB  A GLU A 1 132 ? -3.829  18.907  1.506   0.50 43.83 ? 130 GLU A CB  1 
ATOM   1099 C CB  B GLU A 1 132 ? -3.608  19.019  1.619   0.50 44.11 ? 130 GLU A CB  1 
ATOM   1100 C CG  A GLU A 1 132 ? -4.944  18.889  2.571   0.50 45.55 ? 130 GLU A CG  1 
ATOM   1101 C CG  B GLU A 1 132 ? -4.176  18.938  3.064   0.50 45.65 ? 130 GLU A CG  1 
ATOM   1102 C CD  A GLU A 1 132 ? -6.257  18.348  2.032   0.50 45.67 ? 130 GLU A CD  1 
ATOM   1103 C CD  B GLU A 1 132 ? -3.904  20.182  3.945   0.50 45.84 ? 130 GLU A CD  1 
ATOM   1104 O OE1 A GLU A 1 132 ? -6.721  17.305  2.555   0.50 44.04 ? 130 GLU A OE1 1 
ATOM   1105 O OE1 B GLU A 1 132 ? -2.882  20.888  3.732   0.50 46.63 ? 130 GLU A OE1 1 
ATOM   1106 O OE2 A GLU A 1 132 ? -6.787  18.947  1.064   0.50 46.51 ? 130 GLU A OE2 1 
ATOM   1107 O OE2 B GLU A 1 132 ? -4.711  20.430  4.877   0.50 44.55 ? 130 GLU A OE2 1 
ATOM   1108 N N   . LEU A 1 133 ? -2.355  18.275  -1.164  1.00 43.70 ? 131 LEU A N   1 
ATOM   1109 C CA  . LEU A 1 133 ? -2.164  18.507  -2.600  1.00 43.06 ? 131 LEU A CA  1 
ATOM   1110 C C   . LEU A 1 133 ? -2.175  17.215  -3.437  1.00 42.37 ? 131 LEU A C   1 
ATOM   1111 O O   . LEU A 1 133 ? -2.725  17.171  -4.549  1.00 42.85 ? 131 LEU A O   1 
ATOM   1112 C CB  . LEU A 1 133 ? -0.899  19.320  -2.846  1.00 43.78 ? 131 LEU A CB  1 
ATOM   1113 C CG  . LEU A 1 133 ? -0.970  20.845  -2.673  1.00 45.10 ? 131 LEU A CG  1 
ATOM   1114 C CD1 . LEU A 1 133 ? 0.446   21.417  -2.572  1.00 46.54 ? 131 LEU A CD1 1 
ATOM   1115 C CD2 . LEU A 1 133 ? -1.683  21.495  -3.853  1.00 44.33 ? 131 LEU A CD2 1 
ATOM   1116 N N   . LEU A 1 134 ? -1.586  16.157  -2.906  1.00 40.67 ? 132 LEU A N   1 
ATOM   1117 C CA  . LEU A 1 134 ? -1.576  14.898  -3.614  1.00 40.11 ? 132 LEU A CA  1 
ATOM   1118 C C   . LEU A 1 134 ? -2.996  14.301  -3.676  1.00 40.64 ? 132 LEU A C   1 
ATOM   1119 O O   . LEU A 1 134 ? -3.376  13.710  -4.660  1.00 38.47 ? 132 LEU A O   1 
ATOM   1120 C CB  . LEU A 1 134 ? -0.640  13.908  -2.923  1.00 39.95 ? 132 LEU A CB  1 
ATOM   1121 C CG  . LEU A 1 134 ? 0.891   14.106  -3.013  1.00 37.57 ? 132 LEU A CG  1 
ATOM   1122 C CD1 . LEU A 1 134 ? 1.518   13.178  -2.028  1.00 32.09 ? 132 LEU A CD1 1 
ATOM   1123 C CD2 . LEU A 1 134 ? 1.389   13.858  -4.435  1.00 32.48 ? 132 LEU A CD2 1 
ATOM   1124 N N   . ASN A 1 135 ? -3.742  14.439  -2.592  1.00 42.04 ? 133 ASN A N   1 
ATOM   1125 C CA  . ASN A 1 135 ? -5.141  14.015  -2.566  1.00 44.68 ? 133 ASN A CA  1 
ATOM   1126 C C   . ASN A 1 135 ? -5.967  14.753  -3.635  1.00 44.32 ? 133 ASN A C   1 
ATOM   1127 O O   . ASN A 1 135 ? -6.767  14.140  -4.330  1.00 44.53 ? 133 ASN A O   1 
ATOM   1128 C CB  . ASN A 1 135 ? -5.694  14.084  -1.138  1.00 44.94 ? 133 ASN A CB  1 
ATOM   1129 C CG  . ASN A 1 135 ? -5.309  12.840  -0.311  1.00 48.85 ? 133 ASN A CG  1 
ATOM   1130 O OD1 . ASN A 1 135 ? -5.148  11.723  -0.867  1.00 50.86 ? 133 ASN A OD1 1 
ATOM   1131 N ND2 . ASN A 1 135 ? -5.178  13.015  1.025   1.00 52.58 ? 133 ASN A ND2 1 
ATOM   1132 N N   . GLU A 1 136 ? -5.647  16.028  -3.839  1.00 44.53 ? 134 GLU A N   1 
ATOM   1133 C CA  . GLU A 1 136 ? -6.242  16.861  -4.886  1.00 45.00 ? 134 GLU A CA  1 
ATOM   1134 C C   . GLU A 1 136 ? -5.830  16.431  -6.290  1.00 44.26 ? 134 GLU A C   1 
ATOM   1135 O O   . GLU A 1 136 ? -6.672  16.422  -7.217  1.00 43.88 ? 134 GLU A O   1 
ATOM   1136 C CB  . GLU A 1 136 ? -5.820  18.316  -4.674  1.00 46.01 ? 134 GLU A CB  1 
ATOM   1137 C CG  . GLU A 1 136 ? -6.930  19.329  -4.568  1.00 51.77 ? 134 GLU A CG  1 
ATOM   1138 C CD  . GLU A 1 136 ? -6.663  20.332  -3.439  1.00 59.22 ? 134 GLU A CD  1 
ATOM   1139 O OE1 . GLU A 1 136 ? -5.772  21.211  -3.596  1.00 61.69 ? 134 GLU A OE1 1 
ATOM   1140 O OE2 . GLU A 1 136 ? -7.350  20.237  -2.390  1.00 61.82 ? 134 GLU A OE2 1 
ATOM   1141 N N   . LEU A 1 137 ? -4.539  16.128  -6.476  1.00 41.42 ? 135 LEU A N   1 
ATOM   1142 C CA  . LEU A 1 137 ? -4.053  15.661  -7.780  1.00 40.17 ? 135 LEU A CA  1 
ATOM   1143 C C   . LEU A 1 137 ? -4.735  14.368  -8.242  1.00 38.78 ? 135 LEU A C   1 
ATOM   1144 O O   . LEU A 1 137 ? -4.915  14.158  -9.423  1.00 38.21 ? 135 LEU A O   1 
ATOM   1145 C CB  . LEU A 1 137 ? -2.512  15.478  -7.802  1.00 39.47 ? 135 LEU A CB  1 
ATOM   1146 C CG  . LEU A 1 137 ? -1.838  15.175  -9.148  1.00 39.97 ? 135 LEU A CG  1 
ATOM   1147 C CD1 . LEU A 1 137 ? -2.130  16.277  -10.184 1.00 40.91 ? 135 LEU A CD1 1 
ATOM   1148 C CD2 . LEU A 1 137 ? -0.336  15.070  -8.951  1.00 38.17 ? 135 LEU A CD2 1 
ATOM   1149 N N   . LYS A 1 138 ? -5.032  13.482  -7.315  1.00 39.13 ? 136 LYS A N   1 
ATOM   1150 C CA  . LYS A 1 138 ? -5.689  12.241  -7.655  1.00 40.93 ? 136 LYS A CA  1 
ATOM   1151 C C   . LYS A 1 138 ? -7.081  12.515  -8.239  1.00 42.09 ? 136 LYS A C   1 
ATOM   1152 O O   . LYS A 1 138 ? -7.549  11.769  -9.078  1.00 42.54 ? 136 LYS A O   1 
ATOM   1153 C CB  . LYS A 1 138 ? -5.814  11.330  -6.443  1.00 41.03 ? 136 LYS A CB  1 
ATOM   1154 C CG  . LYS A 1 138 ? -4.499  11.065  -5.716  1.00 40.26 ? 136 LYS A CG  1 
ATOM   1155 C CD  . LYS A 1 138 ? -4.542  9.802   -4.968  1.00 39.58 ? 136 LYS A CD  1 
ATOM   1156 C CE  . LYS A 1 138 ? -5.941  9.402   -4.528  1.00 38.69 ? 136 LYS A CE  1 
ATOM   1157 N NZ  . LYS A 1 138 ? -5.876  8.500   -3.351  1.00 36.68 ? 136 LYS A NZ  1 
ATOM   1158 N N   . LYS A 1 139 ? -7.689  13.621  -7.826  1.00 43.78 ? 137 LYS A N   1 
ATOM   1159 C CA  . LYS A 1 139 ? -9.048  13.975  -8.233  1.00 45.94 ? 137 LYS A CA  1 
ATOM   1160 C C   . LYS A 1 139 ? -9.099  14.533  -9.659  1.00 47.28 ? 137 LYS A C   1 
ATOM   1161 O O   . LYS A 1 139 ? -10.193 14.720  -10.224 1.00 49.47 ? 137 LYS A O   1 
ATOM   1162 C CB  . LYS A 1 139 ? -9.679  14.917  -7.204  1.00 46.04 ? 137 LYS A CB  1 
ATOM   1163 C CG  . LYS A 1 139 ? -9.683  14.343  -5.796  1.00 47.08 ? 137 LYS A CG  1 
ATOM   1164 C CD  . LYS A 1 139 ? -11.006 14.521  -5.094  1.00 51.39 ? 137 LYS A CD  1 
ATOM   1165 C CE  . LYS A 1 139 ? -10.860 14.858  -3.593  1.00 54.24 ? 137 LYS A CE  1 
ATOM   1166 N NZ  . LYS A 1 139 ? -10.789 16.356  -3.335  1.00 54.60 ? 137 LYS A NZ  1 
ATOM   1167 N N   . ILE A 1 140 ? -7.935  14.761  -10.269 1.00 47.08 ? 138 ILE A N   1 
ATOM   1168 C CA  . ILE A 1 140 ? -7.908  15.194  -11.665 1.00 47.12 ? 138 ILE A CA  1 
ATOM   1169 C C   . ILE A 1 140 ? -8.036  14.047  -12.633 1.00 46.95 ? 138 ILE A C   1 
ATOM   1170 O O   . ILE A 1 140 ? -8.197  14.284  -13.825 1.00 47.06 ? 138 ILE A O   1 
ATOM   1171 C CB  . ILE A 1 140 ? -6.702  16.153  -12.065 1.00 47.02 ? 138 ILE A CB  1 
ATOM   1172 C CG1 . ILE A 1 140 ? -5.391  15.391  -12.291 1.00 47.58 ? 138 ILE A CG1 1 
ATOM   1173 C CG2 . ILE A 1 140 ? -6.573  17.334  -11.084 1.00 46.95 ? 138 ILE A CG2 1 
ATOM   1174 C CD1 . ILE A 1 140 ? -4.349  16.222  -13.082 1.00 47.04 ? 138 ILE A CD1 1 
ATOM   1175 N N   . LYS A 1 141 ? -7.964  12.816  -12.144 1.00 47.55 ? 139 LYS A N   1 
ATOM   1176 C CA  . LYS A 1 141 ? -8.111  11.653  -13.029 1.00 48.44 ? 139 LYS A CA  1 
ATOM   1177 C C   . LYS A 1 141 ? -9.478  11.700  -13.726 1.00 49.17 ? 139 LYS A C   1 
ATOM   1178 O O   . LYS A 1 141 ? -10.524 11.735  -13.041 1.00 47.73 ? 139 LYS A O   1 
ATOM   1179 C CB  . LYS A 1 141 ? -7.972  10.341  -12.279 1.00 48.27 ? 139 LYS A CB  1 
ATOM   1180 C CG  . LYS A 1 141 ? -7.761  9.165   -13.208 1.00 50.41 ? 139 LYS A CG  1 
ATOM   1181 C CD  . LYS A 1 141 ? -7.309  7.926   -12.442 1.00 54.44 ? 139 LYS A CD  1 
ATOM   1182 C CE  . LYS A 1 141 ? -7.112  6.762   -13.400 1.00 57.19 ? 139 LYS A CE  1 
ATOM   1183 N NZ  . LYS A 1 141 ? -6.436  5.592   -12.765 1.00 61.59 ? 139 LYS A NZ  1 
ATOM   1184 N N   . PRO A 1 142 ? -9.452  11.707  -15.082 1.00 49.72 ? 140 PRO A N   1 
ATOM   1185 C CA  . PRO A 1 142 ? -10.600 11.813  -15.999 1.00 50.61 ? 140 PRO A CA  1 
ATOM   1186 C C   . PRO A 1 142 ? -11.659 10.778  -15.622 1.00 51.50 ? 140 PRO A C   1 
ATOM   1187 O O   . PRO A 1 142 ? -12.796 11.121  -15.229 1.00 51.25 ? 140 PRO A O   1 
ATOM   1188 C CB  . PRO A 1 142 ? -9.989  11.473  -17.366 1.00 50.05 ? 140 PRO A CB  1 
ATOM   1189 C CG  . PRO A 1 142 ? -8.533  11.798  -17.242 1.00 50.71 ? 140 PRO A CG  1 
ATOM   1190 C CD  . PRO A 1 142 ? -8.165  11.612  -15.803 1.00 50.02 ? 140 PRO A CD  1 
ATOM   1191 O OXT . PRO A 1 142 ? -11.344 9.564   -15.666 1.00 51.73 ? 140 PRO A OXT 1 
HETATM 1192 O O   . HOH B 2 .   ? -9.654  -4.606  7.450   1.00 24.54 ? 142 HOH A O   1 
HETATM 1193 O O   . HOH B 2 .   ? 11.698  -7.407  2.279   1.00 25.74 ? 143 HOH A O   1 
HETATM 1194 O O   . HOH B 2 .   ? -13.702 -10.170 4.974   1.00 32.63 ? 144 HOH A O   1 
HETATM 1195 O O   . HOH B 2 .   ? -9.258  -7.061  4.640   1.00 25.69 ? 145 HOH A O   1 
HETATM 1196 O O   . HOH B 2 .   ? 12.663  15.377  -15.799 1.00 44.96 ? 146 HOH A O   1 
HETATM 1197 O O   . HOH B 2 .   ? -14.063 -4.166  -4.288  1.00 32.03 ? 147 HOH A O   1 
HETATM 1198 O O   . HOH B 2 .   ? 0.923   -12.456 12.184  1.00 44.00 ? 148 HOH A O   1 
HETATM 1199 O O   . HOH B 2 .   ? 6.375   -8.550  -3.953  1.00 36.00 ? 149 HOH A O   1 
HETATM 1200 O O   . HOH B 2 .   ? -11.698 -15.367 10.888  1.00 37.93 ? 150 HOH A O   1 
HETATM 1201 O O   . HOH B 2 .   ? -14.624 -3.696  2.037   1.00 28.81 ? 151 HOH A O   1 
HETATM 1202 O O   . HOH B 2 .   ? 16.041  8.451   13.201  1.00 53.84 ? 152 HOH A O   1 
HETATM 1203 O O   . HOH B 2 .   ? 9.361   5.264   -6.373  1.00 41.82 ? 153 HOH A O   1 
HETATM 1204 O O   . HOH B 2 .   ? -13.606 13.595  -14.385 1.00 38.43 ? 154 HOH A O   1 
HETATM 1205 O O   . HOH B 2 .   ? 3.120   -18.990 -3.705  1.00 54.95 ? 155 HOH A O   1 
HETATM 1206 O O   . HOH B 2 .   ? -3.692  0.731   6.196   1.00 27.17 ? 156 HOH A O   1 
HETATM 1207 O O   . HOH B 2 .   ? -9.796  -9.475  8.063   1.00 28.82 ? 157 HOH A O   1 
HETATM 1208 O O   . HOH B 2 .   ? -3.296  -2.391  -12.037 1.00 44.22 ? 158 HOH A O   1 
HETATM 1209 O O   . HOH B 2 .   ? -5.286  1.668   8.111   1.00 24.18 ? 159 HOH A O   1 
HETATM 1210 O O   . HOH B 2 .   ? -5.208  -16.363 10.187  1.00 33.65 ? 160 HOH A O   1 
HETATM 1211 O O   . HOH B 2 .   ? -6.667  -3.862  -12.373 1.00 35.86 ? 161 HOH A O   1 
HETATM 1212 O O   . HOH B 2 .   ? -3.368  21.866  0.438   1.00 63.10 ? 162 HOH A O   1 
HETATM 1213 O O   . HOH B 2 .   ? -10.872 1.201   -7.002  1.00 54.25 ? 163 HOH A O   1 
HETATM 1214 O O   . HOH B 2 .   ? -9.329  -12.304 -15.188 1.00 35.27 ? 164 HOH A O   1 
HETATM 1215 O O   . HOH B 2 .   ? -19.080 -14.066 -14.827 1.00 48.10 ? 165 HOH A O   1 
HETATM 1216 O O   . HOH B 2 .   ? 14.978  -8.024  11.342  1.00 38.55 ? 166 HOH A O   1 
HETATM 1217 O O   . HOH B 2 .   ? -1.186  -19.571 -2.784  1.00 48.21 ? 167 HOH A O   1 
HETATM 1218 O O   . HOH B 2 .   ? -4.295  6.254   -15.050 1.00 55.70 ? 168 HOH A O   1 
HETATM 1219 O O   . HOH B 2 .   ? -4.718  -17.623 3.212   1.00 35.48 ? 169 HOH A O   1 
HETATM 1220 O O   . HOH B 2 .   ? -11.753 -18.832 0.841   1.00 48.65 ? 170 HOH A O   1 
HETATM 1221 O O   . HOH B 2 .   ? -11.325 1.404   7.852   1.00 35.28 ? 171 HOH A O   1 
HETATM 1222 O O   . HOH B 2 .   ? -3.357  16.634  5.217   1.00 48.99 ? 172 HOH A O   1 
HETATM 1223 O O   . HOH B 2 .   ? 3.005   11.883  10.957  0.50 37.92 ? 173 HOH A O   1 
HETATM 1224 O O   . HOH B 2 .   ? -3.581  -17.730 8.197   1.00 39.52 ? 174 HOH A O   1 
HETATM 1225 O O   . HOH B 2 .   ? -5.282  -8.294  15.011  1.00 25.93 ? 175 HOH A O   1 
HETATM 1226 O O   . HOH B 2 .   ? -5.597  -11.073 14.303  1.00 30.03 ? 176 HOH A O   1 
HETATM 1227 O O   . HOH B 2 .   ? -11.873 -10.443 -9.577  1.00 26.61 ? 177 HOH A O   1 
HETATM 1228 O O   . HOH B 2 .   ? -7.515  -18.390 -0.110  1.00 42.01 ? 178 HOH A O   1 
HETATM 1229 O O   . HOH B 2 .   ? -4.808  -7.657  -18.631 1.00 45.45 ? 179 HOH A O   1 
HETATM 1230 O O   . HOH B 2 .   ? -5.770  0.860   10.636  1.00 23.83 ? 180 HOH A O   1 
HETATM 1231 O O   . HOH B 2 .   ? 13.327  19.226  -16.641 1.00 40.09 ? 181 HOH A O   1 
HETATM 1232 O O   . HOH B 2 .   ? -9.160  1.820   9.226   1.00 35.58 ? 182 HOH A O   1 
HETATM 1233 O O   . HOH B 2 .   ? -20.199 -13.110 0.483   1.00 51.85 ? 183 HOH A O   1 
HETATM 1234 O O   . HOH B 2 .   ? -23.820 -9.134  -2.172  1.00 57.70 ? 184 HOH A O   1 
HETATM 1235 O O   . HOH B 2 .   ? -21.934 -12.288 -3.834  1.00 60.41 ? 185 HOH A O   1 
HETATM 1236 O O   . HOH B 2 .   ? -14.697 -19.449 -3.206  1.00 44.66 ? 186 HOH A O   1 
HETATM 1237 O O   . HOH B 2 .   ? 4.655   -12.843 3.239   1.00 42.39 ? 187 HOH A O   1 
HETATM 1238 O O   . HOH B 2 .   ? 1.975   -10.010 17.164  1.00 40.52 ? 188 HOH A O   1 
HETATM 1239 O O   . HOH B 2 .   ? -12.462 -11.315 -12.034 1.00 38.37 ? 189 HOH A O   1 
HETATM 1240 O O   . HOH B 2 .   ? -7.391  7.373   -16.106 1.00 51.80 ? 190 HOH A O   1 
HETATM 1241 O O   . HOH B 2 .   ? 9.901   19.747  11.865  1.00 62.66 ? 191 HOH A O   1 
HETATM 1242 O O   . HOH B 2 .   ? 5.523   4.889   17.785  1.00 70.56 ? 192 HOH A O   1 
HETATM 1243 O O   . HOH B 2 .   ? 11.927  -4.113  1.943   1.00 36.82 ? 193 HOH A O   1 
HETATM 1244 O O   . HOH B 2 .   ? -4.032  10.026  1.857   1.00 53.98 ? 194 HOH A O   1 
HETATM 1245 O O   . HOH B 2 .   ? -19.781 -8.955  -7.204  1.00 61.19 ? 195 HOH A O   1 
HETATM 1246 O O   . HOH B 2 .   ? -6.363  -9.871  -10.161 1.00 48.78 ? 196 HOH A O   1 
HETATM 1247 O O   . HOH B 2 .   ? -7.708  12.207  -1.649  1.00 60.12 ? 197 HOH A O   1 
HETATM 1248 O O   . HOH B 2 .   ? -12.889 2.537   4.148   1.00 41.34 ? 198 HOH A O   1 
HETATM 1249 O O   . HOH B 2 .   ? 5.296   -11.072 -3.850  1.00 43.29 ? 199 HOH A O   1 
HETATM 1250 O O   . HOH B 2 .   ? -3.247  1.622   -10.654 1.00 43.23 ? 200 HOH A O   1 
HETATM 1251 O O   . HOH B 2 .   ? 12.917  14.885  -12.362 1.00 45.18 ? 201 HOH A O   1 
HETATM 1252 O O   . HOH B 2 .   ? 12.401  19.675  -19.181 1.00 51.91 ? 202 HOH A O   1 
HETATM 1253 O O   . HOH B 2 .   ? 6.977   -0.419  17.819  1.00 50.12 ? 203 HOH A O   1 
HETATM 1254 O O   . HOH B 2 .   ? 16.373  -6.304  7.227   1.00 48.16 ? 204 HOH A O   1 
HETATM 1255 O O   . HOH B 2 .   ? 3.565   -2.008  16.440  1.00 42.19 ? 205 HOH A O   1 
HETATM 1256 O O   . HOH B 2 .   ? -2.241  2.829   11.422  1.00 48.79 ? 206 HOH A O   1 
HETATM 1257 O O   . HOH B 2 .   ? 4.960   -3.245  -8.477  1.00 51.82 ? 207 HOH A O   1 
HETATM 1258 O O   . HOH B 2 .   ? -22.334 -17.033 -9.954  1.00 72.08 ? 208 HOH A O   1 
HETATM 1259 O O   . HOH B 2 .   ? -6.276  2.868   1.581   1.00 61.23 ? 209 HOH A O   1 
HETATM 1260 O O   . HOH B 2 .   ? -5.243  4.617   -7.819  1.00 52.60 ? 210 HOH A O   1 
HETATM 1261 O O   . HOH B 2 .   ? -8.446  15.694  -1.327  1.00 57.11 ? 211 HOH A O   1 
HETATM 1262 O O   . HOH B 2 .   ? 11.484  9.795   15.522  1.00 49.01 ? 212 HOH A O   1 
HETATM 1263 O O   . HOH B 2 .   ? -11.324 -18.382 -5.638  1.00 62.57 ? 213 HOH A O   1 
HETATM 1264 O O   . HOH B 2 .   ? 15.235  9.680   -4.434  1.00 57.19 ? 214 HOH A O   1 
HETATM 1265 O O   . HOH B 2 .   ? 10.174  7.527   16.616  1.00 62.87 ? 215 HOH A O   1 
HETATM 1266 O O   . HOH B 2 .   ? 15.863  14.085  -12.327 1.00 46.29 ? 216 HOH A O   1 
HETATM 1267 O O   . HOH B 2 .   ? 12.261  -2.278  12.193  1.00 55.85 ? 217 HOH A O   1 
HETATM 1268 O O   . HOH B 2 .   ? -10.560 -13.563 -12.869 1.00 54.44 ? 218 HOH A O   1 
HETATM 1269 O O   . HOH B 2 .   ? -15.281 -3.830  -9.581  1.00 46.89 ? 219 HOH A O   1 
HETATM 1270 O O   . HOH B 2 .   ? -4.765  -16.956 12.788  1.00 44.85 ? 220 HOH A O   1 
HETATM 1271 O O   . HOH B 2 .   ? -7.385  9.082   -8.775  1.00 58.36 ? 221 HOH A O   1 
HETATM 1272 O O   . HOH B 2 .   ? 12.601  1.437   8.381   1.00 48.35 ? 222 HOH A O   1 
HETATM 1273 O O   . HOH B 2 .   ? 15.131  2.267   9.396   1.00 55.47 ? 223 HOH A O   1 
HETATM 1274 O O   . HOH B 2 .   ? 11.941  2.083   12.965  1.00 64.74 ? 224 HOH A O   1 
HETATM 1275 O O   . HOH B 2 .   ? -18.711 -9.513  3.851   1.00 52.73 ? 225 HOH A O   1 
HETATM 1276 O O   . HOH B 2 .   ? 16.438  0.309   10.744  1.00 50.01 ? 226 HOH A O   1 
HETATM 1277 O O   . HOH B 2 .   ? 6.186   22.532  8.994   1.00 60.91 ? 227 HOH A O   1 
HETATM 1278 O O   . HOH B 2 .   ? 12.807  23.816  -20.098 0.50 54.51 ? 228 HOH A O   1 
HETATM 1279 O O   . HOH B 2 .   ? -12.549 -15.347 -11.872 1.00 66.05 ? 229 HOH A O   1 
HETATM 1280 O O   . HOH B 2 .   ? 18.081  -2.645  4.835   1.00 51.38 ? 230 HOH A O   1 
HETATM 1281 O O   . HOH B 2 .   ? -4.640  -8.743  -10.934 1.00 55.46 ? 231 HOH A O   1 
HETATM 1282 O O   . HOH B 2 .   ? -19.330 -9.629  -2.546  1.00 41.58 ? 232 HOH A O   1 
HETATM 1283 O O   . HOH B 2 .   ? -13.615 10.114  -13.415 1.00 52.47 ? 233 HOH A O   1 
HETATM 1284 O O   . HOH B 2 .   ? -4.905  -5.727  -12.620 1.00 73.72 ? 234 HOH A O   1 
HETATM 1285 O O   . HOH B 2 .   ? -7.021  -13.782 -7.637  1.00 60.39 ? 235 HOH A O   1 
# 
